data_4WO2
# 
_entry.id   4WO2 
# 
_audit_conform.dict_name       mmcif_pdbx.dic 
_audit_conform.dict_version    5.408 
_audit_conform.dict_location   http://mmcif.pdb.org/dictionaries/ascii/mmcif_pdbx.dic 
# 
loop_
_database_2.database_id 
_database_2.database_code 
_database_2.pdbx_database_accession 
_database_2.pdbx_DOI 
PDB   4WO2         pdb_00004wo2 10.2210/pdb4wo2/pdb 
WWPDB D_1000204180 ?            ?                   
# 
loop_
_pdbx_audit_revision_history.ordinal 
_pdbx_audit_revision_history.data_content_type 
_pdbx_audit_revision_history.major_revision 
_pdbx_audit_revision_history.minor_revision 
_pdbx_audit_revision_history.revision_date 
_pdbx_audit_revision_history.part_number 
1 'Structure model' 1 0 2014-10-22 ? 
2 'Structure model' 1 1 2019-06-12 ? 
3 'Structure model' 1 2 2024-01-10 ? 
4 'Structure model' 2 0 2025-12-10 ? 
# 
_pdbx_audit_revision_details.ordinal             1 
_pdbx_audit_revision_details.revision_ordinal    1 
_pdbx_audit_revision_details.data_content_type   'Structure model' 
_pdbx_audit_revision_details.provider            repository 
_pdbx_audit_revision_details.type                'Initial release' 
_pdbx_audit_revision_details.description         ? 
_pdbx_audit_revision_details.details             ? 
# 
loop_
_pdbx_audit_revision_group.ordinal 
_pdbx_audit_revision_group.revision_ordinal 
_pdbx_audit_revision_group.data_content_type 
_pdbx_audit_revision_group.group 
1  2 'Structure model' 'Data collection'        
2  2 'Structure model' 'Database references'    
3  3 'Structure model' 'Data collection'        
4  3 'Structure model' 'Database references'    
5  3 'Structure model' 'Derived calculations'   
6  3 'Structure model' 'Refinement description' 
7  4 'Structure model' 'Atomic model'           
8  4 'Structure model' 'Data collection'        
9  4 'Structure model' 'Derived calculations'   
10 4 'Structure model' 'Structure summary'      
# 
loop_
_pdbx_audit_revision_category.ordinal 
_pdbx_audit_revision_category.revision_ordinal 
_pdbx_audit_revision_category.data_content_type 
_pdbx_audit_revision_category.category 
1  2 'Structure model' citation_author               
2  2 'Structure model' pdbx_seq_map_depositor_info   
3  3 'Structure model' chem_comp_atom                
4  3 'Structure model' chem_comp_bond                
5  3 'Structure model' database_2                    
6  3 'Structure model' pdbx_initial_refinement_model 
7  3 'Structure model' struct_conn                   
8  4 'Structure model' atom_site                     
9  4 'Structure model' ndb_struct_conf_na            
10 4 'Structure model' ndb_struct_na_base_pair       
11 4 'Structure model' ndb_struct_na_base_pair_step  
12 4 'Structure model' pdbx_entry_details            
13 4 'Structure model' pdbx_nonpoly_scheme           
14 4 'Structure model' pdbx_struct_assembly          
15 4 'Structure model' pdbx_struct_assembly_gen      
16 4 'Structure model' pdbx_struct_assembly_prop     
17 4 'Structure model' pdbx_struct_conn_angle        
18 4 'Structure model' pdbx_struct_special_symmetry  
19 4 'Structure model' struct_conn                   
# 
loop_
_pdbx_audit_revision_item.ordinal 
_pdbx_audit_revision_item.revision_ordinal 
_pdbx_audit_revision_item.data_content_type 
_pdbx_audit_revision_item.item 
1  2 'Structure model' '_citation_author.name'                            
2  2 'Structure model' '_pdbx_seq_map_depositor_info.one_letter_code_mod' 
3  3 'Structure model' '_database_2.pdbx_DOI'                             
4  3 'Structure model' '_database_2.pdbx_database_accession'              
5  3 'Structure model' '_struct_conn.pdbx_dist_value'                     
6  3 'Structure model' '_struct_conn.ptnr1_auth_asym_id'                  
7  3 'Structure model' '_struct_conn.ptnr1_auth_comp_id'                  
8  3 'Structure model' '_struct_conn.ptnr1_auth_seq_id'                   
9  3 'Structure model' '_struct_conn.ptnr1_label_asym_id'                 
10 3 'Structure model' '_struct_conn.ptnr1_label_atom_id'                 
11 3 'Structure model' '_struct_conn.ptnr1_label_comp_id'                 
12 3 'Structure model' '_struct_conn.ptnr1_label_seq_id'                  
13 3 'Structure model' '_struct_conn.ptnr2_auth_asym_id'                  
14 3 'Structure model' '_struct_conn.ptnr2_auth_comp_id'                  
15 3 'Structure model' '_struct_conn.ptnr2_auth_seq_id'                   
16 3 'Structure model' '_struct_conn.ptnr2_label_asym_id'                 
17 3 'Structure model' '_struct_conn.ptnr2_label_atom_id'                 
18 3 'Structure model' '_struct_conn.ptnr2_label_comp_id'                 
19 3 'Structure model' '_struct_conn.ptnr2_label_seq_id'                  
20 3 'Structure model' '_struct_conn.ptnr2_symmetry'                      
21 4 'Structure model' '_atom_site.B_iso_or_equiv'                        
22 4 'Structure model' '_atom_site.Cartn_x'                               
23 4 'Structure model' '_atom_site.Cartn_y'                               
24 4 'Structure model' '_atom_site.Cartn_z'                               
25 4 'Structure model' '_atom_site.occupancy'                             
26 4 'Structure model' '_pdbx_nonpoly_scheme.auth_seq_num'                
27 4 'Structure model' '_pdbx_struct_conn_angle.ptnr3_auth_seq_id'        
28 4 'Structure model' '_pdbx_struct_special_symmetry.auth_seq_id'        
# 
_pdbx_database_status.status_code                     REL 
_pdbx_database_status.status_code_sf                  REL 
_pdbx_database_status.status_code_mr                  ? 
_pdbx_database_status.entry_id                        4WO2 
_pdbx_database_status.recvd_initial_deposition_date   2014-10-15 
_pdbx_database_status.SG_entry                        N 
_pdbx_database_status.deposit_site                    RCSB 
_pdbx_database_status.process_site                    PDBE 
_pdbx_database_status.status_code_cs                  ? 
_pdbx_database_status.methods_development_category    ? 
_pdbx_database_status.pdb_format_compatible           Y 
_pdbx_database_status.status_code_nmr_data            ? 
# 
loop_
_audit_author.name 
_audit_author.pdbx_ordinal 
'wei, D.'         1 
'parkinson, g.n.' 2 
'neidle, s.'      3 
# 
_citation.abstract                  ? 
_citation.abstract_id_CAS           ? 
_citation.book_id_ISBN              ? 
_citation.book_publisher            ? 
_citation.book_publisher_city       ? 
_citation.book_title                ? 
_citation.coordinate_linkage        ? 
_citation.country                   ? 
_citation.database_id_Medline       ? 
_citation.details                   ? 
_citation.id                        primary 
_citation.journal_abbrev            'TO BE PUBLISHED' 
_citation.journal_id_ASTM           ? 
_citation.journal_id_CSD            0353 
_citation.journal_id_ISSN           ? 
_citation.journal_full              ? 
_citation.journal_issue             ? 
_citation.journal_volume            ? 
_citation.language                  ? 
_citation.page_first                ? 
_citation.page_last                 ? 
_citation.title                     'CRYSTAL STRUCTURE OF HUMAN NATIVE CKIT-1 PROTO-ONCOGENE PROMOTER QUADRUPLEX DNA' 
_citation.year                      ? 
_citation.database_id_CSD           ? 
_citation.pdbx_database_id_DOI      ? 
_citation.pdbx_database_id_PubMed   ? 
_citation.unpublished_flag          ? 
# 
loop_
_citation_author.citation_id 
_citation_author.name 
_citation_author.ordinal 
_citation_author.identifier_ORCID 
primary 'Wei, D.'         1 ? 
primary 'Parkinson, G.N.' 2 ? 
primary 'Neidle, S.'      3 ? 
# 
loop_
_entity.id 
_entity.type 
_entity.src_method 
_entity.pdbx_description 
_entity.formula_weight 
_entity.pdbx_number_of_molecules 
_entity.pdbx_ec 
_entity.pdbx_mutation 
_entity.pdbx_fragment 
_entity.details 
1 polymer     syn 
;DNA (5'-D(*AP*GP*GP*GP*AP*GP*GP*GP*CP*GP*CP*TP*GP*GP*GP*AP*GP*GP*AP*GP*GP*G)-3')
;
7028.515 2   ? ? ? ? 
2 non-polymer syn 'POTASSIUM ION'                                                                    39.098   6   ? ? ? ? 
3 water       nat water                                                                              18.015   164 ? ? ? ? 
# 
_entity_poly.entity_id                      1 
_entity_poly.type                           polydeoxyribonucleotide 
_entity_poly.nstd_linkage                   no 
_entity_poly.nstd_monomer                   no 
_entity_poly.pdbx_seq_one_letter_code       
;(DA)(DG)(DG)(DG)(DA)(DG)(DG)(DG)(DC)(DG)(DC)(DT)(DG)(DG)(DG)(DA)(DG)(DG)(DA)(DG)
(DG)(DG)
;
_entity_poly.pdbx_seq_one_letter_code_can   AGGGAGGGCGCTGGGAGGAGGG 
_entity_poly.pdbx_strand_id                 A,B 
_entity_poly.pdbx_target_identifier         ? 
# 
loop_
_pdbx_entity_nonpoly.entity_id 
_pdbx_entity_nonpoly.name 
_pdbx_entity_nonpoly.comp_id 
2 'POTASSIUM ION' K   
3 water           HOH 
# 
loop_
_entity_poly_seq.entity_id 
_entity_poly_seq.num 
_entity_poly_seq.mon_id 
_entity_poly_seq.hetero 
1 1  DA n 
1 2  DG n 
1 3  DG n 
1 4  DG n 
1 5  DA n 
1 6  DG n 
1 7  DG n 
1 8  DG n 
1 9  DC n 
1 10 DG n 
1 11 DC n 
1 12 DT n 
1 13 DG n 
1 14 DG n 
1 15 DG n 
1 16 DA n 
1 17 DG n 
1 18 DG n 
1 19 DA n 
1 20 DG n 
1 21 DG n 
1 22 DG n 
# 
_pdbx_entity_src_syn.entity_id              1 
_pdbx_entity_src_syn.pdbx_src_id            1 
_pdbx_entity_src_syn.pdbx_alt_source_flag   sample 
_pdbx_entity_src_syn.pdbx_beg_seq_num       1 
_pdbx_entity_src_syn.pdbx_end_seq_num       22 
_pdbx_entity_src_syn.organism_scientific    'Homo sapiens' 
_pdbx_entity_src_syn.organism_common_name   HUMAN 
_pdbx_entity_src_syn.ncbi_taxonomy_id       9606 
_pdbx_entity_src_syn.details                ? 
# 
loop_
_chem_comp.id 
_chem_comp.type 
_chem_comp.mon_nstd_flag 
_chem_comp.name 
_chem_comp.pdbx_synonyms 
_chem_comp.formula 
_chem_comp.formula_weight 
DA  'DNA linking' y "2'-DEOXYADENOSINE-5'-MONOPHOSPHATE" ? 'C10 H14 N5 O6 P' 331.222 
DC  'DNA linking' y "2'-DEOXYCYTIDINE-5'-MONOPHOSPHATE"  ? 'C9 H14 N3 O7 P'  307.197 
DG  'DNA linking' y "2'-DEOXYGUANOSINE-5'-MONOPHOSPHATE" ? 'C10 H14 N5 O7 P' 347.221 
DT  'DNA linking' y "THYMIDINE-5'-MONOPHOSPHATE"         ? 'C10 H15 N2 O8 P' 322.208 
HOH non-polymer   . WATER                                ? 'H2 O'            18.015  
K   non-polymer   . 'POTASSIUM ION'                      ? 'K 1'             39.098  
# 
loop_
_pdbx_poly_seq_scheme.asym_id 
_pdbx_poly_seq_scheme.entity_id 
_pdbx_poly_seq_scheme.seq_id 
_pdbx_poly_seq_scheme.mon_id 
_pdbx_poly_seq_scheme.ndb_seq_num 
_pdbx_poly_seq_scheme.pdb_seq_num 
_pdbx_poly_seq_scheme.auth_seq_num 
_pdbx_poly_seq_scheme.pdb_mon_id 
_pdbx_poly_seq_scheme.auth_mon_id 
_pdbx_poly_seq_scheme.pdb_strand_id 
_pdbx_poly_seq_scheme.pdb_ins_code 
_pdbx_poly_seq_scheme.hetero 
A 1 1  DA 1  1  1  DA DA A . n 
A 1 2  DG 2  2  2  DG DG A . n 
A 1 3  DG 3  3  3  DG DG A . n 
A 1 4  DG 4  4  4  DG DG A . n 
A 1 5  DA 5  5  5  DA DA A . n 
A 1 6  DG 6  6  6  DG DG A . n 
A 1 7  DG 7  7  7  DG DG A . n 
A 1 8  DG 8  8  8  DG DG A . n 
A 1 9  DC 9  9  9  DC DC A . n 
A 1 10 DG 10 10 10 DG DG A . n 
A 1 11 DC 11 11 11 DC DC A . n 
A 1 12 DT 12 12 12 DT DT A . n 
A 1 13 DG 13 13 13 DG DG A . n 
A 1 14 DG 14 14 14 DG DG A . n 
A 1 15 DG 15 15 15 DG DG A . n 
A 1 16 DA 16 16 16 DA DA A . n 
A 1 17 DG 17 17 17 DG DG A . n 
A 1 18 DG 18 18 18 DG DG A . n 
A 1 19 DA 19 19 19 DA DA A . n 
A 1 20 DG 20 20 20 DG DG A . n 
A 1 21 DG 21 21 21 DG DG A . n 
A 1 22 DG 22 22 22 DG DG A . n 
B 1 1  DA 1  1  1  DA DA B . n 
B 1 2  DG 2  2  2  DG DG B . n 
B 1 3  DG 3  3  3  DG DG B . n 
B 1 4  DG 4  4  4  DG DG B . n 
B 1 5  DA 5  5  5  DA DA B . n 
B 1 6  DG 6  6  6  DG DG B . n 
B 1 7  DG 7  7  7  DG DG B . n 
B 1 8  DG 8  8  8  DG DG B . n 
B 1 9  DC 9  9  9  DC DC B . n 
B 1 10 DG 10 10 10 DG DG B . n 
B 1 11 DC 11 11 11 DC DC B . n 
B 1 12 DT 12 12 12 DT DT B . n 
B 1 13 DG 13 13 13 DG DG B . n 
B 1 14 DG 14 14 14 DG DG B . n 
B 1 15 DG 15 15 15 DG DG B . n 
B 1 16 DA 16 16 16 DA DA B . n 
B 1 17 DG 17 17 17 DG DG B . n 
B 1 18 DG 18 18 18 DG DG B . n 
B 1 19 DA 19 19 19 DA DA B . n 
B 1 20 DG 20 20 20 DG DG B . n 
B 1 21 DG 21 21 21 DG DG B . n 
B 1 22 DG 22 22 22 DG DG B . n 
# 
loop_
_pdbx_nonpoly_scheme.asym_id 
_pdbx_nonpoly_scheme.entity_id 
_pdbx_nonpoly_scheme.mon_id 
_pdbx_nonpoly_scheme.ndb_seq_num 
_pdbx_nonpoly_scheme.pdb_seq_num 
_pdbx_nonpoly_scheme.auth_seq_num 
_pdbx_nonpoly_scheme.pdb_mon_id 
_pdbx_nonpoly_scheme.auth_mon_id 
_pdbx_nonpoly_scheme.pdb_strand_id 
_pdbx_nonpoly_scheme.pdb_ins_code 
C 2 K   1  101 24  K   K   A . 
D 2 K   1  102 25  K   K   A . 
E 2 K   1  103 26  K   K   A . 
F 2 K   1  104 23  K   K   A . 
G 2 K   1  101 23  K   K   B . 
H 2 K   1  102 24  K   K   B . 
I 3 HOH 1  201 47  HOH HOH A . 
I 3 HOH 2  202 34  HOH HOH A . 
I 3 HOH 3  203 144 HOH HOH A . 
I 3 HOH 4  204 95  HOH HOH A . 
I 3 HOH 5  205 29  HOH HOH A . 
I 3 HOH 6  206 118 HOH HOH A . 
I 3 HOH 7  207 56  HOH HOH A . 
I 3 HOH 8  208 150 HOH HOH A . 
I 3 HOH 9  209 80  HOH HOH A . 
I 3 HOH 10 210 31  HOH HOH A . 
I 3 HOH 11 211 49  HOH HOH A . 
I 3 HOH 12 212 133 HOH HOH A . 
I 3 HOH 13 213 27  HOH HOH A . 
I 3 HOH 14 214 66  HOH HOH A . 
I 3 HOH 15 215 77  HOH HOH A . 
I 3 HOH 16 216 42  HOH HOH A . 
I 3 HOH 17 217 84  HOH HOH A . 
I 3 HOH 18 218 54  HOH HOH A . 
I 3 HOH 19 219 33  HOH HOH A . 
I 3 HOH 20 220 149 HOH HOH A . 
I 3 HOH 21 221 139 HOH HOH A . 
I 3 HOH 22 222 38  HOH HOH A . 
I 3 HOH 23 223 35  HOH HOH A . 
I 3 HOH 24 224 60  HOH HOH A . 
I 3 HOH 25 225 30  HOH HOH A . 
I 3 HOH 26 226 67  HOH HOH A . 
I 3 HOH 27 227 86  HOH HOH A . 
I 3 HOH 28 228 90  HOH HOH A . 
I 3 HOH 29 229 28  HOH HOH A . 
I 3 HOH 30 230 55  HOH HOH A . 
I 3 HOH 31 231 138 HOH HOH A . 
I 3 HOH 32 232 158 HOH HOH A . 
I 3 HOH 33 233 39  HOH HOH A . 
I 3 HOH 34 234 58  HOH HOH A . 
I 3 HOH 35 235 157 HOH HOH A . 
I 3 HOH 36 236 51  HOH HOH A . 
I 3 HOH 37 237 91  HOH HOH A . 
I 3 HOH 38 238 40  HOH HOH A . 
I 3 HOH 39 239 36  HOH HOH A . 
I 3 HOH 40 240 135 HOH HOH A . 
I 3 HOH 41 241 142 HOH HOH A . 
I 3 HOH 42 242 81  HOH HOH A . 
I 3 HOH 43 243 106 HOH HOH A . 
I 3 HOH 44 244 50  HOH HOH A . 
I 3 HOH 45 245 45  HOH HOH A . 
I 3 HOH 46 246 154 HOH HOH A . 
I 3 HOH 47 247 37  HOH HOH A . 
I 3 HOH 48 248 61  HOH HOH A . 
I 3 HOH 49 249 69  HOH HOH A . 
I 3 HOH 50 250 128 HOH HOH A . 
I 3 HOH 51 251 71  HOH HOH A . 
I 3 HOH 52 252 76  HOH HOH A . 
I 3 HOH 53 253 75  HOH HOH A . 
I 3 HOH 54 254 93  HOH HOH A . 
I 3 HOH 55 255 115 HOH HOH A . 
I 3 HOH 56 256 79  HOH HOH A . 
I 3 HOH 57 257 37  HOH HOH A . 
I 3 HOH 58 258 102 HOH HOH A . 
I 3 HOH 59 259 164 HOH HOH A . 
I 3 HOH 60 260 143 HOH HOH A . 
I 3 HOH 61 261 62  HOH HOH A . 
I 3 HOH 62 262 125 HOH HOH A . 
I 3 HOH 63 263 116 HOH HOH A . 
I 3 HOH 64 264 156 HOH HOH A . 
I 3 HOH 65 265 101 HOH HOH A . 
I 3 HOH 66 266 53  HOH HOH A . 
I 3 HOH 67 267 147 HOH HOH A . 
I 3 HOH 68 268 52  HOH HOH A . 
I 3 HOH 69 269 32  HOH HOH A . 
I 3 HOH 70 270 43  HOH HOH A . 
I 3 HOH 71 271 96  HOH HOH A . 
I 3 HOH 72 272 141 HOH HOH A . 
I 3 HOH 73 273 92  HOH HOH A . 
I 3 HOH 74 274 48  HOH HOH A . 
I 3 HOH 75 275 132 HOH HOH A . 
I 3 HOH 76 276 123 HOH HOH A . 
I 3 HOH 77 277 159 HOH HOH A . 
I 3 HOH 78 278 140 HOH HOH A . 
I 3 HOH 79 279 119 HOH HOH A . 
I 3 HOH 80 280 126 HOH HOH A . 
I 3 HOH 81 281 99  HOH HOH A . 
I 3 HOH 82 282 127 HOH HOH A . 
I 3 HOH 83 283 46  HOH HOH A . 
I 3 HOH 84 284 94  HOH HOH A . 
I 3 HOH 85 285 148 HOH HOH A . 
I 3 HOH 86 286 100 HOH HOH A . 
I 3 HOH 87 287 155 HOH HOH A . 
J 3 HOH 1  201 63  HOH HOH B . 
J 3 HOH 2  202 32  HOH HOH B . 
J 3 HOH 3  203 82  HOH HOH B . 
J 3 HOH 4  204 33  HOH HOH B . 
J 3 HOH 5  205 26  HOH HOH B . 
J 3 HOH 6  206 85  HOH HOH B . 
J 3 HOH 7  207 130 HOH HOH B . 
J 3 HOH 8  208 114 HOH HOH B . 
J 3 HOH 9  209 39  HOH HOH B . 
J 3 HOH 10 210 73  HOH HOH B . 
J 3 HOH 11 211 153 HOH HOH B . 
J 3 HOH 12 212 87  HOH HOH B . 
J 3 HOH 13 213 34  HOH HOH B . 
J 3 HOH 14 214 31  HOH HOH B . 
J 3 HOH 15 215 36  HOH HOH B . 
J 3 HOH 16 216 40  HOH HOH B . 
J 3 HOH 17 217 64  HOH HOH B . 
J 3 HOH 18 218 97  HOH HOH B . 
J 3 HOH 19 219 57  HOH HOH B . 
J 3 HOH 20 220 105 HOH HOH B . 
J 3 HOH 21 221 72  HOH HOH B . 
J 3 HOH 22 222 42  HOH HOH B . 
J 3 HOH 23 223 27  HOH HOH B . 
J 3 HOH 24 224 113 HOH HOH B . 
J 3 HOH 25 225 65  HOH HOH B . 
J 3 HOH 26 226 28  HOH HOH B . 
J 3 HOH 27 227 29  HOH HOH B . 
J 3 HOH 28 228 109 HOH HOH B . 
J 3 HOH 29 229 98  HOH HOH B . 
J 3 HOH 30 230 44  HOH HOH B . 
J 3 HOH 31 231 41  HOH HOH B . 
J 3 HOH 32 232 30  HOH HOH B . 
J 3 HOH 33 233 124 HOH HOH B . 
J 3 HOH 34 234 45  HOH HOH B . 
J 3 HOH 35 235 25  HOH HOH B . 
J 3 HOH 36 236 163 HOH HOH B . 
J 3 HOH 37 237 88  HOH HOH B . 
J 3 HOH 38 238 78  HOH HOH B . 
J 3 HOH 39 239 103 HOH HOH B . 
J 3 HOH 40 240 70  HOH HOH B . 
J 3 HOH 41 241 50  HOH HOH B . 
J 3 HOH 42 242 107 HOH HOH B . 
J 3 HOH 43 243 152 HOH HOH B . 
J 3 HOH 44 244 161 HOH HOH B . 
J 3 HOH 45 245 110 HOH HOH B . 
J 3 HOH 46 246 47  HOH HOH B . 
J 3 HOH 47 247 160 HOH HOH B . 
J 3 HOH 48 248 108 HOH HOH B . 
J 3 HOH 49 249 146 HOH HOH B . 
J 3 HOH 50 250 162 HOH HOH B . 
J 3 HOH 51 251 46  HOH HOH B . 
J 3 HOH 52 252 122 HOH HOH B . 
J 3 HOH 53 253 89  HOH HOH B . 
J 3 HOH 54 254 74  HOH HOH B . 
J 3 HOH 55 255 134 HOH HOH B . 
J 3 HOH 56 256 131 HOH HOH B . 
J 3 HOH 57 257 48  HOH HOH B . 
J 3 HOH 58 258 54  HOH HOH B . 
J 3 HOH 59 259 129 HOH HOH B . 
J 3 HOH 60 260 136 HOH HOH B . 
J 3 HOH 61 261 59  HOH HOH B . 
J 3 HOH 62 262 104 HOH HOH B . 
J 3 HOH 63 263 35  HOH HOH B . 
J 3 HOH 64 264 43  HOH HOH B . 
J 3 HOH 65 265 137 HOH HOH B . 
J 3 HOH 66 266 41  HOH HOH B . 
J 3 HOH 67 267 117 HOH HOH B . 
J 3 HOH 68 268 83  HOH HOH B . 
J 3 HOH 69 269 68  HOH HOH B . 
J 3 HOH 70 270 44  HOH HOH B . 
J 3 HOH 71 271 151 HOH HOH B . 
J 3 HOH 72 272 121 HOH HOH B . 
J 3 HOH 73 273 111 HOH HOH B . 
J 3 HOH 74 274 120 HOH HOH B . 
J 3 HOH 75 275 165 HOH HOH B . 
J 3 HOH 76 276 38  HOH HOH B . 
J 3 HOH 77 277 112 HOH HOH B . 
# 
loop_
_software.citation_id 
_software.classification 
_software.compiler_name 
_software.compiler_version 
_software.contact_author 
_software.contact_author_email 
_software.date 
_software.description 
_software.dependencies 
_software.hardware 
_software.language 
_software.location 
_software.mods 
_software.name 
_software.os 
_software.os_version 
_software.type 
_software.version 
_software.pdbx_ordinal 
? 'data scaling'   ? ? ? ? ? ? ? ? ? ? ? SCALA  ? ? ? .        1 
? phasing          ? ? ? ? ? ? ? ? ? ? ? PHASES ? ? ? .        2 
? refinement       ? ? ? ? ? ? ? ? ? ? ? REFMAC ? ? ? 5.5.0109 3 
? 'data reduction' ? ? ? ? ? ? ? ? ? ? ? xia2   ? ? ? .        4 
# 
_cell.entry_id           4WO2 
_cell.length_a           31.440 
_cell.length_b           31.440 
_cell.length_c           186.810 
_cell.angle_alpha        90.00 
_cell.angle_beta         90.00 
_cell.angle_gamma        120.00 
_cell.Z_PDB              12 
_cell.pdbx_unique_axis   ? 
# 
_symmetry.entry_id                         4WO2 
_symmetry.cell_setting                     ? 
_symmetry.Int_Tables_number                152 
_symmetry.space_group_name_Hall            ? 
_symmetry.space_group_name_H-M             'P 31 2 1' 
_symmetry.pdbx_full_space_group_name_H-M   ? 
# 
_exptl.absorpt_coefficient_mu     ? 
_exptl.absorpt_correction_T_max   ? 
_exptl.absorpt_correction_T_min   ? 
_exptl.absorpt_correction_type    ? 
_exptl.absorpt_process_details    ? 
_exptl.entry_id                   4WO2 
_exptl.crystals_number            1 
_exptl.details                    ? 
_exptl.method                     'X-RAY DIFFRACTION' 
_exptl.method_details             ? 
# 
_exptl_crystal.colour                      ? 
_exptl_crystal.density_diffrn              ? 
_exptl_crystal.density_Matthews            1.90 
_exptl_crystal.density_method              ? 
_exptl_crystal.density_percent_sol         35.13 
_exptl_crystal.description                 ? 
_exptl_crystal.F_000                       ? 
_exptl_crystal.id                          1 
_exptl_crystal.preparation                 ? 
_exptl_crystal.size_max                    ? 
_exptl_crystal.size_mid                    ? 
_exptl_crystal.size_min                    ? 
_exptl_crystal.size_rad                    ? 
_exptl_crystal.colour_lustre               ? 
_exptl_crystal.colour_modifier             ? 
_exptl_crystal.colour_primary              ? 
_exptl_crystal.density_meas                ? 
_exptl_crystal.density_meas_esd            ? 
_exptl_crystal.density_meas_gt             ? 
_exptl_crystal.density_meas_lt             ? 
_exptl_crystal.density_meas_temp           ? 
_exptl_crystal.density_meas_temp_esd       ? 
_exptl_crystal.density_meas_temp_gt        ? 
_exptl_crystal.density_meas_temp_lt        ? 
_exptl_crystal.pdbx_crystal_image_url      ? 
_exptl_crystal.pdbx_crystal_image_format   ? 
_exptl_crystal.pdbx_mosaicity              ? 
_exptl_crystal.pdbx_mosaicity_esd          ? 
# 
_exptl_crystal_grow.apparatus       ? 
_exptl_crystal_grow.atmosphere      ? 
_exptl_crystal_grow.crystal_id      1 
_exptl_crystal_grow.details         ? 
_exptl_crystal_grow.method          'VAPOR DIFFUSION, HANGING DROP' 
_exptl_crystal_grow.method_ref      ? 
_exptl_crystal_grow.pH              6.5 
_exptl_crystal_grow.pressure        ? 
_exptl_crystal_grow.pressure_esd    ? 
_exptl_crystal_grow.seeding         ? 
_exptl_crystal_grow.seeding_ref     ? 
_exptl_crystal_grow.temp            283 
_exptl_crystal_grow.temp_details    ? 
_exptl_crystal_grow.temp_esd        ? 
_exptl_crystal_grow.time            ? 
_exptl_crystal_grow.pdbx_details    
;MPD, POTASSIUM CHLORIDE, MAGNESIUM
 CHLORIDE, POTASSIUM CACODYLATE, PH 6.5, VAPOR DIFFUSION, HANGING
 DROP, TEMPERATURE 283K
;
_exptl_crystal_grow.pdbx_pH_range   6.5 
# 
_diffrn.ambient_environment    ? 
_diffrn.ambient_temp           100 
_diffrn.ambient_temp_details   ? 
_diffrn.ambient_temp_esd       ? 
_diffrn.crystal_id             1 
_diffrn.crystal_support        ? 
_diffrn.crystal_treatment      ? 
_diffrn.details                ? 
_diffrn.id                     1 
_diffrn.ambient_pressure       ? 
_diffrn.ambient_pressure_esd   ? 
_diffrn.ambient_pressure_gt    ? 
_diffrn.ambient_pressure_lt    ? 
_diffrn.ambient_temp_gt        ? 
_diffrn.ambient_temp_lt        ? 
# 
_diffrn_detector.details                      ? 
_diffrn_detector.detector                     CCD 
_diffrn_detector.diffrn_id                    1 
_diffrn_detector.type                         'ADSC QUANTUM 315' 
_diffrn_detector.area_resol_mean              ? 
_diffrn_detector.dtime                        ? 
_diffrn_detector.pdbx_frames_total            ? 
_diffrn_detector.pdbx_collection_time_total   ? 
_diffrn_detector.pdbx_collection_date         2011-04-16 
# 
_diffrn_radiation.collimation                      ? 
_diffrn_radiation.diffrn_id                        1 
_diffrn_radiation.filter_edge                      ? 
_diffrn_radiation.inhomogeneity                    ? 
_diffrn_radiation.monochromator                    'SI 111 CHANNEL' 
_diffrn_radiation.polarisn_norm                    ? 
_diffrn_radiation.polarisn_ratio                   ? 
_diffrn_radiation.probe                            ? 
_diffrn_radiation.type                             ? 
_diffrn_radiation.xray_symbol                      ? 
_diffrn_radiation.wavelength_id                    1 
_diffrn_radiation.pdbx_monochromatic_or_laue_m_l   M 
_diffrn_radiation.pdbx_wavelength_list             ? 
_diffrn_radiation.pdbx_wavelength                  ? 
_diffrn_radiation.pdbx_diffrn_protocol             'SINGLE WAVELENGTH' 
_diffrn_radiation.pdbx_analyzer                    ? 
_diffrn_radiation.pdbx_scattering_type             x-ray 
# 
_diffrn_radiation_wavelength.id           1 
_diffrn_radiation_wavelength.wavelength   0.9173 
_diffrn_radiation_wavelength.wt           1.0 
# 
_diffrn_source.current                     ? 
_diffrn_source.details                     ? 
_diffrn_source.diffrn_id                   1 
_diffrn_source.power                       ? 
_diffrn_source.size                        ? 
_diffrn_source.source                      SYNCHROTRON 
_diffrn_source.target                      ? 
_diffrn_source.type                        'DIAMOND BEAMLINE I04' 
_diffrn_source.voltage                     ? 
_diffrn_source.take-off_angle              ? 
_diffrn_source.pdbx_wavelength_list        0.9173 
_diffrn_source.pdbx_wavelength             ? 
_diffrn_source.pdbx_synchrotron_beamline   I04 
_diffrn_source.pdbx_synchrotron_site       Diamond 
# 
_reflns.B_iso_Wilson_estimate            ? 
_reflns.entry_id                         4WO2 
_reflns.data_reduction_details           ? 
_reflns.data_reduction_method            ? 
_reflns.d_resolution_high                1.820 
_reflns.d_resolution_low                 31.130 
_reflns.details                          ? 
_reflns.limit_h_max                      ? 
_reflns.limit_h_min                      ? 
_reflns.limit_k_max                      ? 
_reflns.limit_k_min                      ? 
_reflns.limit_l_max                      ? 
_reflns.limit_l_min                      ? 
_reflns.number_all                       ? 
_reflns.number_obs                       10436 
_reflns.observed_criterion               ? 
_reflns.observed_criterion_F_max         ? 
_reflns.observed_criterion_F_min         ? 
_reflns.observed_criterion_I_max         ? 
_reflns.observed_criterion_I_min         ? 
_reflns.observed_criterion_sigma_F       ? 
_reflns.observed_criterion_sigma_I       ? 
_reflns.percent_possible_obs             99.1 
_reflns.R_free_details                   ? 
_reflns.Rmerge_F_all                     ? 
_reflns.Rmerge_F_obs                     ? 
_reflns.Friedel_coverage                 ? 
_reflns.number_gt                        ? 
_reflns.threshold_expression             ? 
_reflns.pdbx_redundancy                  6.900 
_reflns.pdbx_Rmerge_I_obs                0.08300 
_reflns.pdbx_Rmerge_I_all                ? 
_reflns.pdbx_Rsym_value                  ? 
_reflns.pdbx_netI_over_av_sigmaI         ? 
_reflns.pdbx_netI_over_sigmaI            14.5 
_reflns.pdbx_res_netI_over_av_sigmaI_2   ? 
_reflns.pdbx_res_netI_over_sigmaI_2      ? 
_reflns.pdbx_chi_squared                 ? 
_reflns.pdbx_scaling_rejects             ? 
_reflns.pdbx_d_res_high_opt              ? 
_reflns.pdbx_d_res_low_opt               ? 
_reflns.pdbx_d_res_opt_method            ? 
_reflns.phase_calculation_details        ? 
_reflns.pdbx_Rrim_I_all                  ? 
_reflns.pdbx_Rpim_I_all                  ? 
_reflns.pdbx_d_opt                       ? 
_reflns.pdbx_number_measured_all         ? 
_reflns.pdbx_diffrn_id                   1 
_reflns.pdbx_ordinal                     1 
_reflns.pdbx_CC_half                     ? 
_reflns.pdbx_R_split                     ? 
# 
_reflns_shell.d_res_high                  1.82 
_reflns_shell.d_res_low                   1.86 
_reflns_shell.meanI_over_sigI_all         ? 
_reflns_shell.meanI_over_sigI_obs         ? 
_reflns_shell.number_measured_all         ? 
_reflns_shell.number_measured_obs         ? 
_reflns_shell.number_possible             ? 
_reflns_shell.number_unique_all           ? 
_reflns_shell.number_unique_obs           ? 
_reflns_shell.percent_possible_all        ? 
_reflns_shell.percent_possible_obs        ? 
_reflns_shell.Rmerge_F_all                ? 
_reflns_shell.Rmerge_F_obs                ? 
_reflns_shell.Rmerge_I_all                ? 
_reflns_shell.Rmerge_I_obs                ? 
_reflns_shell.meanI_over_sigI_gt          ? 
_reflns_shell.meanI_over_uI_all           ? 
_reflns_shell.meanI_over_uI_gt            ? 
_reflns_shell.number_measured_gt          ? 
_reflns_shell.number_unique_gt            ? 
_reflns_shell.percent_possible_gt         ? 
_reflns_shell.Rmerge_F_gt                 ? 
_reflns_shell.Rmerge_I_gt                 ? 
_reflns_shell.pdbx_redundancy             ? 
_reflns_shell.pdbx_Rsym_value             ? 
_reflns_shell.pdbx_chi_squared            ? 
_reflns_shell.pdbx_netI_over_sigmaI_all   ? 
_reflns_shell.pdbx_netI_over_sigmaI_obs   ? 
_reflns_shell.pdbx_Rrim_I_all             ? 
_reflns_shell.pdbx_Rpim_I_all             ? 
_reflns_shell.pdbx_rejects                ? 
_reflns_shell.pdbx_ordinal                1 
_reflns_shell.pdbx_diffrn_id              1 
_reflns_shell.pdbx_CC_half                ? 
_reflns_shell.pdbx_R_split                ? 
# 
_refine.aniso_B[1][1]                            0.00000 
_refine.aniso_B[1][2]                            0.00000 
_refine.aniso_B[1][3]                            0.00000 
_refine.aniso_B[2][2]                            0.00000 
_refine.aniso_B[2][3]                            0.00000 
_refine.aniso_B[3][3]                            0.00000 
_refine.B_iso_max                                ? 
_refine.B_iso_mean                               27.17 
_refine.B_iso_min                                ? 
_refine.correlation_coeff_Fo_to_Fc               0.958 
_refine.correlation_coeff_Fo_to_Fc_free          0.952 
_refine.details                                  
;HYDROGENS HAVE BEEN ADDED IN THE RIDING
 POSITIONS
;
_refine.diff_density_max                         ? 
_refine.diff_density_max_esd                     ? 
_refine.diff_density_min                         ? 
_refine.diff_density_min_esd                     ? 
_refine.diff_density_rms                         ? 
_refine.diff_density_rms_esd                     ? 
_refine.entry_id                                 4WO2 
_refine.pdbx_refine_id                           'X-RAY DIFFRACTION' 
_refine.ls_abs_structure_details                 ? 
_refine.ls_abs_structure_Flack                   ? 
_refine.ls_abs_structure_Flack_esd               ? 
_refine.ls_abs_structure_Rogers                  ? 
_refine.ls_abs_structure_Rogers_esd              ? 
_refine.ls_d_res_high                            1.82 
_refine.ls_d_res_low                             10.29 
_refine.ls_extinction_coef                       ? 
_refine.ls_extinction_coef_esd                   ? 
_refine.ls_extinction_expression                 ? 
_refine.ls_extinction_method                     ? 
_refine.ls_goodness_of_fit_all                   ? 
_refine.ls_goodness_of_fit_all_esd               ? 
_refine.ls_goodness_of_fit_obs                   ? 
_refine.ls_goodness_of_fit_obs_esd               ? 
_refine.ls_hydrogen_treatment                    ? 
_refine.ls_matrix_type                           ? 
_refine.ls_number_constraints                    ? 
_refine.ls_number_parameters                     ? 
_refine.ls_number_reflns_all                     ? 
_refine.ls_number_reflns_obs                     9807 
_refine.ls_number_reflns_R_free                  495 
_refine.ls_number_reflns_R_work                  ? 
_refine.ls_number_restraints                     ? 
_refine.ls_percent_reflns_obs                    98.9 
_refine.ls_percent_reflns_R_free                 4.800 
_refine.ls_R_factor_all                          ? 
_refine.ls_R_factor_obs                          0.211 
_refine.ls_R_factor_R_free                       0.223 
_refine.ls_R_factor_R_free_error                 ? 
_refine.ls_R_factor_R_free_error_details         ? 
_refine.ls_R_factor_R_work                       0.210 
_refine.ls_R_Fsqd_factor_obs                     ? 
_refine.ls_R_I_factor_obs                        ? 
_refine.ls_redundancy_reflns_all                 ? 
_refine.ls_redundancy_reflns_obs                 ? 
_refine.ls_restrained_S_all                      ? 
_refine.ls_restrained_S_obs                      ? 
_refine.ls_shift_over_esd_max                    ? 
_refine.ls_shift_over_esd_mean                   ? 
_refine.ls_structure_factor_coef                 ? 
_refine.ls_weighting_details                     ? 
_refine.ls_weighting_scheme                      ? 
_refine.ls_wR_factor_all                         ? 
_refine.ls_wR_factor_obs                         ? 
_refine.ls_wR_factor_R_free                      ? 
_refine.ls_wR_factor_R_work                      ? 
_refine.occupancy_max                            ? 
_refine.occupancy_min                            ? 
_refine.solvent_model_details                    MASK 
_refine.solvent_model_param_bsol                 ? 
_refine.solvent_model_param_ksol                 ? 
_refine.ls_R_factor_gt                           ? 
_refine.ls_goodness_of_fit_gt                    ? 
_refine.ls_goodness_of_fit_ref                   ? 
_refine.ls_shift_over_su_max                     ? 
_refine.ls_shift_over_su_max_lt                  ? 
_refine.ls_shift_over_su_mean                    ? 
_refine.ls_shift_over_su_mean_lt                 ? 
_refine.pdbx_ls_sigma_I                          ? 
_refine.pdbx_ls_sigma_F                          0.000 
_refine.pdbx_ls_sigma_Fsqd                       ? 
_refine.pdbx_data_cutoff_high_absF               ? 
_refine.pdbx_data_cutoff_high_rms_absF           ? 
_refine.pdbx_data_cutoff_low_absF                ? 
_refine.pdbx_isotropic_thermal_model             ? 
_refine.pdbx_ls_cross_valid_method               THROUGHOUT 
_refine.pdbx_method_to_determine_struct          'MOLECULAR REPLACEMENT' 
_refine.pdbx_starting_model                      3QXR 
_refine.pdbx_stereochemistry_target_values       'MAXIMUM LIKELIHOOD' 
_refine.pdbx_R_Free_selection_details            RANDOM 
_refine.pdbx_stereochem_target_val_spec_case     ? 
_refine.pdbx_overall_ESU_R                       ? 
_refine.pdbx_overall_ESU_R_Free                  0.139 
_refine.pdbx_solvent_vdw_probe_radii             1.40 
_refine.pdbx_solvent_ion_probe_radii             0.80 
_refine.pdbx_solvent_shrinkage_radii             0.80 
_refine.pdbx_real_space_R                        ? 
_refine.pdbx_density_correlation                 ? 
_refine.pdbx_pd_number_of_powder_patterns        ? 
_refine.pdbx_pd_number_of_points                 ? 
_refine.pdbx_pd_meas_number_of_points            ? 
_refine.pdbx_pd_proc_ls_prof_R_factor            ? 
_refine.pdbx_pd_proc_ls_prof_wR_factor           ? 
_refine.pdbx_pd_Marquardt_correlation_coeff      ? 
_refine.pdbx_pd_Fsqrd_R_factor                   ? 
_refine.pdbx_pd_ls_matrix_band_width             ? 
_refine.pdbx_overall_phase_error                 ? 
_refine.pdbx_overall_SU_R_free_Cruickshank_DPI   ? 
_refine.pdbx_overall_SU_R_free_Blow_DPI          ? 
_refine.pdbx_overall_SU_R_Blow_DPI               ? 
_refine.pdbx_TLS_residual_ADP_flag               ? 
_refine.pdbx_diffrn_id                           1 
_refine.overall_SU_B                             4.023 
_refine.overall_SU_ML                            0.117 
_refine.overall_SU_R_Cruickshank_DPI             ? 
_refine.overall_SU_R_free                        ? 
_refine.overall_FOM_free_R_set                   ? 
_refine.overall_FOM_work_R_set                   ? 
# 
_refine_hist.pdbx_refine_id                   'X-RAY DIFFRACTION' 
_refine_hist.cycle_id                         LAST 
_refine_hist.pdbx_number_atoms_protein        0 
_refine_hist.pdbx_number_atoms_nucleic_acid   938 
_refine_hist.pdbx_number_atoms_ligand         6 
_refine_hist.number_atoms_solvent             164 
_refine_hist.number_atoms_total               1108 
_refine_hist.d_res_high                       1.82 
_refine_hist.d_res_low                        10.29 
# 
loop_
_refine_ls_restr.pdbx_refine_id 
_refine_ls_restr.criterion 
_refine_ls_restr.dev_ideal 
_refine_ls_restr.dev_ideal_target 
_refine_ls_restr.number 
_refine_ls_restr.rejects 
_refine_ls_restr.type 
_refine_ls_restr.weight 
_refine_ls_restr.pdbx_restraint_function 
'X-RAY DIFFRACTION' ? 0.006 0.021 1062 ? r_bond_refined_d             ? ? 
'X-RAY DIFFRACTION' ? ?     ?     ?    ? r_bond_other_d               ? ? 
'X-RAY DIFFRACTION' ? 0.694 3.000 1646 ? r_angle_refined_deg          ? ? 
'X-RAY DIFFRACTION' ? ?     ?     ?    ? r_angle_other_deg            ? ? 
'X-RAY DIFFRACTION' ? ?     ?     ?    ? r_dihedral_angle_1_deg       ? ? 
'X-RAY DIFFRACTION' ? ?     ?     ?    ? r_dihedral_angle_2_deg       ? ? 
'X-RAY DIFFRACTION' ? ?     ?     ?    ? r_dihedral_angle_3_deg       ? ? 
'X-RAY DIFFRACTION' ? ?     ?     ?    ? r_dihedral_angle_4_deg       ? ? 
'X-RAY DIFFRACTION' ? 0.045 0.200 174  ? r_chiral_restr               ? ? 
'X-RAY DIFFRACTION' ? 0.006 0.020 504  ? r_gen_planes_refined         ? ? 
'X-RAY DIFFRACTION' ? ?     ?     ?    ? r_gen_planes_other           ? ? 
'X-RAY DIFFRACTION' ? ?     ?     ?    ? r_nbd_refined                ? ? 
'X-RAY DIFFRACTION' ? ?     ?     ?    ? r_nbd_other                  ? ? 
'X-RAY DIFFRACTION' ? ?     ?     ?    ? r_nbtor_refined              ? ? 
'X-RAY DIFFRACTION' ? ?     ?     ?    ? r_nbtor_other                ? ? 
'X-RAY DIFFRACTION' ? ?     ?     ?    ? r_xyhbond_nbd_refined        ? ? 
'X-RAY DIFFRACTION' ? ?     ?     ?    ? r_xyhbond_nbd_other          ? ? 
'X-RAY DIFFRACTION' ? ?     ?     ?    ? r_metal_ion_refined          ? ? 
'X-RAY DIFFRACTION' ? ?     ?     ?    ? r_metal_ion_other            ? ? 
'X-RAY DIFFRACTION' ? ?     ?     ?    ? r_symmetry_vdw_refined       ? ? 
'X-RAY DIFFRACTION' ? ?     ?     ?    ? r_symmetry_vdw_other         ? ? 
'X-RAY DIFFRACTION' ? ?     ?     ?    ? r_symmetry_hbond_refined     ? ? 
'X-RAY DIFFRACTION' ? ?     ?     ?    ? r_symmetry_hbond_other       ? ? 
'X-RAY DIFFRACTION' ? ?     ?     ?    ? r_symmetry_metal_ion_refined ? ? 
'X-RAY DIFFRACTION' ? ?     ?     ?    ? r_symmetry_metal_ion_other   ? ? 
'X-RAY DIFFRACTION' ? ?     ?     ?    ? r_mcbond_it                  ? ? 
'X-RAY DIFFRACTION' ? ?     ?     ?    ? r_mcbond_other               ? ? 
'X-RAY DIFFRACTION' ? ?     ?     ?    ? r_mcangle_it                 ? ? 
'X-RAY DIFFRACTION' ? ?     ?     ?    ? r_mcangle_other              ? ? 
'X-RAY DIFFRACTION' ? 1.210 3.000 1062 ? r_scbond_it                  ? ? 
'X-RAY DIFFRACTION' ? ?     ?     ?    ? r_scbond_other               ? ? 
'X-RAY DIFFRACTION' ? 1.987 4.500 1646 ? r_scangle_it                 ? ? 
'X-RAY DIFFRACTION' ? ?     ?     ?    ? r_scangle_other              ? ? 
'X-RAY DIFFRACTION' ? ?     ?     ?    ? r_long_range_B_refined       ? ? 
'X-RAY DIFFRACTION' ? ?     ?     ?    ? r_long_range_B_other         ? ? 
'X-RAY DIFFRACTION' ? ?     ?     ?    ? r_rigid_bond_restr           ? ? 
'X-RAY DIFFRACTION' ? ?     ?     ?    ? r_sphericity_free            ? ? 
'X-RAY DIFFRACTION' ? ?     ?     ?    ? r_sphericity_bonded          ? ? 
# 
_refine_ls_shell.pdbx_refine_id                   'X-RAY DIFFRACTION' 
_refine_ls_shell.d_res_high                       1.82 
_refine_ls_shell.d_res_low                        1.86 
_refine_ls_shell.number_reflns_all                ? 
_refine_ls_shell.number_reflns_obs                ? 
_refine_ls_shell.number_reflns_R_free             28 
_refine_ls_shell.number_reflns_R_work             674 
_refine_ls_shell.percent_reflns_obs               98.18 
_refine_ls_shell.percent_reflns_R_free            ? 
_refine_ls_shell.R_factor_all                     ? 
_refine_ls_shell.R_factor_obs                     ? 
_refine_ls_shell.R_factor_R_free                  0.3740 
_refine_ls_shell.R_factor_R_free_error            ? 
_refine_ls_shell.R_factor_R_work                  0.2980 
_refine_ls_shell.redundancy_reflns_all            ? 
_refine_ls_shell.redundancy_reflns_obs            ? 
_refine_ls_shell.wR_factor_all                    ? 
_refine_ls_shell.wR_factor_obs                    ? 
_refine_ls_shell.wR_factor_R_free                 ? 
_refine_ls_shell.wR_factor_R_work                 ? 
_refine_ls_shell.pdbx_total_number_of_bins_used   20 
_refine_ls_shell.pdbx_phase_error                 ? 
# 
_struct.entry_id                     4WO2 
_struct.title                        'CRYSTAL STRUCTURE OF HUMAN NATIVE CKIT PROTO-ONCOGENE PROMOTER QUADRUPLEX DNA' 
_struct.pdbx_model_details           ? 
_struct.pdbx_formula_weight          ? 
_struct.pdbx_formula_weight_method   ? 
_struct.pdbx_model_type_details      ? 
_struct.pdbx_CASP_flag               ? 
# 
_struct_keywords.entry_id        4WO2 
_struct_keywords.text            'DNA QUADRUPLEX, REGULATION, DNA' 
_struct_keywords.pdbx_keywords   DNA 
# 
loop_
_struct_asym.id 
_struct_asym.pdbx_blank_PDB_chainid_flag 
_struct_asym.pdbx_modified 
_struct_asym.entity_id 
_struct_asym.details 
A N N 1 ? 
B N N 1 ? 
C N N 2 ? 
D N N 2 ? 
E N N 2 ? 
F N N 2 ? 
G N N 2 ? 
H N N 2 ? 
I N N 3 ? 
J N N 3 ? 
# 
_struct_ref.id                         1 
_struct_ref.db_name                    PDB 
_struct_ref.db_code                    4WO2 
_struct_ref.pdbx_db_accession          4WO2 
_struct_ref.pdbx_db_isoform            ? 
_struct_ref.entity_id                  1 
_struct_ref.pdbx_seq_one_letter_code   ? 
_struct_ref.pdbx_align_begin           1 
# 
loop_
_struct_ref_seq.align_id 
_struct_ref_seq.ref_id 
_struct_ref_seq.pdbx_PDB_id_code 
_struct_ref_seq.pdbx_strand_id 
_struct_ref_seq.seq_align_beg 
_struct_ref_seq.pdbx_seq_align_beg_ins_code 
_struct_ref_seq.seq_align_end 
_struct_ref_seq.pdbx_seq_align_end_ins_code 
_struct_ref_seq.pdbx_db_accession 
_struct_ref_seq.db_align_beg 
_struct_ref_seq.pdbx_db_align_beg_ins_code 
_struct_ref_seq.db_align_end 
_struct_ref_seq.pdbx_db_align_end_ins_code 
_struct_ref_seq.pdbx_auth_seq_align_beg 
_struct_ref_seq.pdbx_auth_seq_align_end 
1 1 4WO2 A 1 ? 22 ? 4WO2 1 ? 22 ? 1 22 
2 1 4WO2 B 1 ? 22 ? 4WO2 1 ? 22 ? 1 22 
# 
_pdbx_struct_assembly.id                   1 
_pdbx_struct_assembly.details              author_and_software_defined_assembly 
_pdbx_struct_assembly.method_details       PISA 
_pdbx_struct_assembly.oligomeric_details   dimeric 
_pdbx_struct_assembly.oligomeric_count     2 
# 
loop_
_pdbx_struct_assembly_prop.biol_id 
_pdbx_struct_assembly_prop.type 
_pdbx_struct_assembly_prop.value 
_pdbx_struct_assembly_prop.details 
1 'ABSA (A^2)' 2440 ? 
1 MORE         16   ? 
1 'SSA (A^2)'  6760 ? 
# 
_pdbx_struct_assembly_gen.assembly_id       1 
_pdbx_struct_assembly_gen.oper_expression   1 
_pdbx_struct_assembly_gen.asym_id_list      A,B,C,D,E,F,G,H,I,J 
# 
_pdbx_struct_oper_list.id                   1 
_pdbx_struct_oper_list.type                 'identity operation' 
_pdbx_struct_oper_list.name                 1_555 
_pdbx_struct_oper_list.symmetry_operation   x,y,z 
_pdbx_struct_oper_list.matrix[1][1]         1.0000000000 
_pdbx_struct_oper_list.matrix[1][2]         0.0000000000 
_pdbx_struct_oper_list.matrix[1][3]         0.0000000000 
_pdbx_struct_oper_list.vector[1]            0.0000000000 
_pdbx_struct_oper_list.matrix[2][1]         0.0000000000 
_pdbx_struct_oper_list.matrix[2][2]         1.0000000000 
_pdbx_struct_oper_list.matrix[2][3]         0.0000000000 
_pdbx_struct_oper_list.vector[2]            0.0000000000 
_pdbx_struct_oper_list.matrix[3][1]         0.0000000000 
_pdbx_struct_oper_list.matrix[3][2]         0.0000000000 
_pdbx_struct_oper_list.matrix[3][3]         1.0000000000 
_pdbx_struct_oper_list.vector[3]            0.0000000000 
# 
loop_
_struct_conn.id 
_struct_conn.conn_type_id 
_struct_conn.pdbx_leaving_atom_flag 
_struct_conn.pdbx_PDB_id 
_struct_conn.ptnr1_label_asym_id 
_struct_conn.ptnr1_label_comp_id 
_struct_conn.ptnr1_label_seq_id 
_struct_conn.ptnr1_label_atom_id 
_struct_conn.pdbx_ptnr1_label_alt_id 
_struct_conn.pdbx_ptnr1_PDB_ins_code 
_struct_conn.pdbx_ptnr1_standard_comp_id 
_struct_conn.ptnr1_symmetry 
_struct_conn.ptnr2_label_asym_id 
_struct_conn.ptnr2_label_comp_id 
_struct_conn.ptnr2_label_seq_id 
_struct_conn.ptnr2_label_atom_id 
_struct_conn.pdbx_ptnr2_label_alt_id 
_struct_conn.pdbx_ptnr2_PDB_ins_code 
_struct_conn.ptnr1_auth_asym_id 
_struct_conn.ptnr1_auth_comp_id 
_struct_conn.ptnr1_auth_seq_id 
_struct_conn.ptnr2_auth_asym_id 
_struct_conn.ptnr2_auth_comp_id 
_struct_conn.ptnr2_auth_seq_id 
_struct_conn.ptnr2_symmetry 
_struct_conn.pdbx_ptnr3_label_atom_id 
_struct_conn.pdbx_ptnr3_label_seq_id 
_struct_conn.pdbx_ptnr3_label_comp_id 
_struct_conn.pdbx_ptnr3_label_asym_id 
_struct_conn.pdbx_ptnr3_label_alt_id 
_struct_conn.pdbx_ptnr3_PDB_ins_code 
_struct_conn.details 
_struct_conn.pdbx_dist_value 
_struct_conn.pdbx_value_order 
_struct_conn.pdbx_role 
metalc1  metalc ? ? A DG 2  O6 ? ? ? 1_555 C K   .  K  ? ? A DG 2   A K   101 1_555 ? ? ? ? ? ? ?               2.910 ? ? 
metalc2  metalc ? ? A DG 2  O6 ? ? ? 1_555 F K   .  K  ? ? A DG 2   A K   104 1_555 ? ? ? ? ? ? ?               2.868 ? ? 
metalc3  metalc ? ? A DG 3  O6 ? ? ? 1_555 C K   .  K  ? ? A DG 3   A K   101 1_555 ? ? ? ? ? ? ?               2.735 ? ? 
metalc4  metalc ? ? A DG 3  O6 ? ? ? 1_555 D K   .  K  ? ? A DG 3   A K   102 1_555 ? ? ? ? ? ? ?               3.041 ? ? 
metalc5  metalc ? ? A DG 4  O6 ? ? ? 1_555 D K   .  K  ? ? A DG 4   A K   102 1_555 ? ? ? ? ? ? ?               2.799 ? ? 
metalc6  metalc ? ? A DG 6  O6 ? ? ? 1_555 C K   .  K  ? ? A DG 6   A K   101 1_555 ? ? ? ? ? ? ?               2.744 ? ? 
metalc7  metalc ? ? A DG 6  O6 ? ? ? 1_555 F K   .  K  ? ? A DG 6   A K   104 1_555 ? ? ? ? ? ? ?               2.797 ? ? 
metalc8  metalc ? ? A DG 7  O6 ? ? ? 1_555 C K   .  K  ? ? A DG 7   A K   101 1_555 ? ? ? ? ? ? ?               2.857 ? ? 
metalc9  metalc ? ? A DG 7  O6 ? ? ? 1_555 D K   .  K  ? ? A DG 7   A K   102 1_555 ? ? ? ? ? ? ?               2.849 ? ? 
metalc10 metalc ? ? A DG 8  O6 ? ? ? 1_555 D K   .  K  ? ? A DG 8   A K   102 1_555 ? ? ? ? ? ? ?               2.796 ? ? 
metalc11 metalc ? ? A DG 10 O6 ? ? ? 1_555 C K   .  K  ? ? A DG 10  A K   101 1_555 ? ? ? ? ? ? ?               2.738 ? ? 
metalc12 metalc ? ? A DG 10 O6 ? ? ? 1_555 F K   .  K  ? ? A DG 10  A K   104 1_555 ? ? ? ? ? ? ?               2.903 ? ? 
metalc13 metalc ? ? A DG 13 O6 ? ? ? 1_555 C K   .  K  ? ? A DG 13  A K   101 1_555 ? ? ? ? ? ? ?               2.765 ? ? 
metalc14 metalc ? ? A DG 13 O6 ? ? ? 1_555 F K   .  K  ? ? A DG 13  A K   104 1_555 ? ? ? ? ? ? ?               2.798 ? ? 
metalc15 metalc ? ? A DG 14 O6 ? ? ? 1_555 C K   .  K  ? ? A DG 14  A K   101 1_555 ? ? ? ? ? ? ?               2.837 ? ? 
metalc16 metalc ? ? A DG 14 O6 ? ? ? 1_555 D K   .  K  ? ? A DG 14  A K   102 1_555 ? ? ? ? ? ? ?               2.799 ? ? 
metalc17 metalc ? ? A DG 15 O6 ? ? ? 1_555 D K   .  K  ? ? A DG 15  A K   102 1_555 ? ? ? ? ? ? ?               2.888 ? ? 
metalc18 metalc ? ? A DG 17 O6 ? ? ? 1_555 E K   .  K  ? ? A DG 17  A K   103 1_555 ? ? ? ? ? ? ?               3.057 ? ? 
metalc19 metalc ? ? A DG 17 O6 ? ? ? 1_555 E K   .  K  ? ? A DG 17  A K   103 5_554 ? ? ? ? ? ? ?               2.514 ? ? 
metalc20 metalc ? ? A DG 21 O6 ? ? ? 1_555 C K   .  K  ? ? A DG 21  A K   101 1_555 ? ? ? ? ? ? ?               2.717 ? ? 
metalc21 metalc ? ? A DG 21 O6 ? ? ? 1_555 D K   .  K  ? ? A DG 21  A K   102 1_555 ? ? ? ? ? ? ?               3.049 ? ? 
metalc22 metalc ? ? A DG 22 O6 ? ? ? 1_555 D K   .  K  ? ? A DG 22  A K   102 1_555 ? ? ? ? ? ? ?               2.665 ? ? 
metalc23 metalc ? ? E K  .  K  ? ? ? 1_555 I HOH .  O  ? ? A K  103 A HOH 237 5_554 ? ? ? ? ? ? ?               3.355 ? ? 
metalc24 metalc ? ? F K  .  K  ? ? ? 1_555 B DG  2  O6 ? ? A K  104 B DG  2   1_555 ? ? ? ? ? ? ?               2.739 ? ? 
metalc25 metalc ? ? F K  .  K  ? ? ? 1_555 B DG  6  O6 ? ? A K  104 B DG  6   1_555 ? ? ? ? ? ? ?               2.807 ? ? 
metalc26 metalc ? ? F K  .  K  ? ? ? 1_555 B DG  10 O6 ? ? A K  104 B DG  10  1_555 ? ? ? ? ? ? ?               2.827 ? ? 
metalc27 metalc ? ? F K  .  K  ? ? ? 1_555 B DG  13 O6 ? ? A K  104 B DG  13  1_555 ? ? ? ? ? ? ?               2.850 ? ? 
metalc28 metalc ? ? B DG 2  O6 ? ? ? 1_555 H K   .  K  ? ? B DG 2   B K   102 1_555 ? ? ? ? ? ? ?               2.886 ? ? 
metalc29 metalc ? ? B DG 3  O6 ? ? ? 1_555 G K   .  K  ? ? B DG 3   B K   101 1_555 ? ? ? ? ? ? ?               2.934 ? ? 
metalc30 metalc ? ? B DG 3  O6 ? ? ? 1_555 H K   .  K  ? ? B DG 3   B K   102 1_555 ? ? ? ? ? ? ?               2.762 ? ? 
metalc31 metalc ? ? B DG 4  O6 ? ? ? 1_555 G K   .  K  ? ? B DG 4   B K   101 1_555 ? ? ? ? ? ? ?               2.816 ? ? 
metalc32 metalc ? ? B DG 6  O6 ? ? ? 1_555 H K   .  K  ? ? B DG 6   B K   102 1_555 ? ? ? ? ? ? ?               2.732 ? ? 
metalc33 metalc ? ? B DG 7  O6 ? ? ? 1_555 G K   .  K  ? ? B DG 7   B K   101 1_555 ? ? ? ? ? ? ?               2.874 ? ? 
metalc34 metalc ? ? B DG 7  O6 ? ? ? 1_555 H K   .  K  ? ? B DG 7   B K   102 1_555 ? ? ? ? ? ? ?               2.818 ? ? 
metalc35 metalc ? ? B DG 8  O6 ? ? ? 1_555 G K   .  K  ? ? B DG 8   B K   101 1_555 ? ? ? ? ? ? ?               2.817 ? ? 
metalc36 metalc ? ? B DG 10 O6 ? ? ? 1_555 H K   .  K  ? ? B DG 10  B K   102 1_555 ? ? ? ? ? ? ?               2.791 ? ? 
metalc37 metalc ? ? B DG 13 O6 ? ? ? 1_555 H K   .  K  ? ? B DG 13  B K   102 1_555 ? ? ? ? ? ? ?               2.832 ? ? 
metalc38 metalc ? ? B DG 14 O6 ? ? ? 1_555 G K   .  K  ? ? B DG 14  B K   101 1_555 ? ? ? ? ? ? ?               2.832 ? ? 
metalc39 metalc ? ? B DG 14 O6 ? ? ? 1_555 H K   .  K  ? ? B DG 14  B K   102 1_555 ? ? ? ? ? ? ?               2.799 ? ? 
metalc40 metalc ? ? B DG 15 O6 ? ? ? 1_555 G K   .  K  ? ? B DG 15  B K   101 1_555 ? ? ? ? ? ? ?               2.829 ? ? 
metalc41 metalc ? ? B DG 21 O6 ? ? ? 1_555 G K   .  K  ? ? B DG 21  B K   101 1_555 ? ? ? ? ? ? ?               3.087 ? ? 
metalc42 metalc ? ? B DG 21 O6 ? ? ? 1_555 H K   .  K  ? ? B DG 21  B K   102 1_555 ? ? ? ? ? ? ?               2.684 ? ? 
metalc43 metalc ? ? B DG 22 O6 ? ? ? 1_555 G K   .  K  ? ? B DG 22  B K   101 1_555 ? ? ? ? ? ? ?               2.718 ? ? 
hydrog1  hydrog ? ? A DG 2  N1 ? ? ? 1_555 A DG  6  O6 ? ? A DG 2   A DG  6   1_555 ? ? ? ? ? ? TYPE_6_PAIR     ?     ? ? 
hydrog2  hydrog ? ? A DG 2  N2 ? ? ? 1_555 A DG  6  N7 ? ? A DG 2   A DG  6   1_555 ? ? ? ? ? ? TYPE_6_PAIR     ?     ? ? 
hydrog3  hydrog ? ? A DG 2  N7 ? ? ? 1_555 A DG  13 N2 ? ? A DG 2   A DG  13  1_555 ? ? ? ? ? ? TYPE_6_PAIR     ?     ? ? 
hydrog4  hydrog ? ? A DG 2  O6 ? ? ? 1_555 A DG  13 N1 ? ? A DG 2   A DG  13  1_555 ? ? ? ? ? ? TYPE_6_PAIR     ?     ? ? 
hydrog5  hydrog ? ? A DG 3  N1 ? ? ? 1_555 A DG  7  O6 ? ? A DG 3   A DG  7   1_555 ? ? ? ? ? ? TYPE_6_PAIR     ?     ? ? 
hydrog6  hydrog ? ? A DG 3  N2 ? ? ? 1_555 A DG  7  N7 ? ? A DG 3   A DG  7   1_555 ? ? ? ? ? ? TYPE_6_PAIR     ?     ? ? 
hydrog7  hydrog ? ? A DG 3  N7 ? ? ? 1_555 A DG  14 N2 ? ? A DG 3   A DG  14  1_555 ? ? ? ? ? ? TYPE_6_PAIR     ?     ? ? 
hydrog8  hydrog ? ? A DG 3  O6 ? ? ? 1_555 A DG  14 N1 ? ? A DG 3   A DG  14  1_555 ? ? ? ? ? ? TYPE_6_PAIR     ?     ? ? 
hydrog9  hydrog ? ? A DG 4  N1 ? ? ? 1_555 A DG  8  O6 ? ? A DG 4   A DG  8   1_555 ? ? ? ? ? ? TYPE_6_PAIR     ?     ? ? 
hydrog10 hydrog ? ? A DG 4  N2 ? ? ? 1_555 A DG  8  N7 ? ? A DG 4   A DG  8   1_555 ? ? ? ? ? ? TYPE_6_PAIR     ?     ? ? 
hydrog11 hydrog ? ? A DG 4  N7 ? ? ? 1_555 A DG  15 N2 ? ? A DG 4   A DG  15  1_555 ? ? ? ? ? ? TYPE_6_PAIR     ?     ? ? 
hydrog12 hydrog ? ? A DG 4  O6 ? ? ? 1_555 A DG  15 N1 ? ? A DG 4   A DG  15  1_555 ? ? ? ? ? ? TYPE_6_PAIR     ?     ? ? 
hydrog13 hydrog ? ? A DG 4  O6 ? ? ? 1_555 A DG  20 N2 ? ? A DG 4   A DG  20  1_555 ? ? ? ? ? ? 'DG-DG MISPAIR' ?     ? ? 
hydrog14 hydrog ? ? A DG 6  N1 ? ? ? 1_555 A DG  10 O6 ? ? A DG 6   A DG  10  1_555 ? ? ? ? ? ? TYPE_6_PAIR     ?     ? ? 
hydrog15 hydrog ? ? A DG 6  N2 ? ? ? 1_555 A DG  10 N7 ? ? A DG 6   A DG  10  1_555 ? ? ? ? ? ? TYPE_6_PAIR     ?     ? ? 
hydrog16 hydrog ? ? A DG 7  N1 ? ? ? 1_555 A DG  21 O6 ? ? A DG 7   A DG  21  1_555 ? ? ? ? ? ? TYPE_6_PAIR     ?     ? ? 
hydrog17 hydrog ? ? A DG 7  N2 ? ? ? 1_555 A DG  21 N7 ? ? A DG 7   A DG  21  1_555 ? ? ? ? ? ? TYPE_6_PAIR     ?     ? ? 
hydrog18 hydrog ? ? A DG 8  N1 ? ? ? 1_555 A DG  22 O6 ? ? A DG 8   A DG  22  1_555 ? ? ? ? ? ? TYPE_6_PAIR     ?     ? ? 
hydrog19 hydrog ? ? A DG 8  N2 ? ? ? 1_555 A DG  22 N7 ? ? A DG 8   A DG  22  1_555 ? ? ? ? ? ? TYPE_6_PAIR     ?     ? ? 
hydrog20 hydrog ? ? A DG 10 N1 ? ? ? 1_555 A DG  13 O6 ? ? A DG 10  A DG  13  1_555 ? ? ? ? ? ? TYPE_6_PAIR     ?     ? ? 
hydrog21 hydrog ? ? A DG 10 N2 ? ? ? 1_555 A DG  13 N7 ? ? A DG 10  A DG  13  1_555 ? ? ? ? ? ? TYPE_6_PAIR     ?     ? ? 
hydrog22 hydrog ? ? A DG 14 N7 ? ? ? 1_555 A DG  21 N2 ? ? A DG 14  A DG  21  1_555 ? ? ? ? ? ? TYPE_6_PAIR     ?     ? ? 
hydrog23 hydrog ? ? A DG 14 O6 ? ? ? 1_555 A DG  21 N1 ? ? A DG 14  A DG  21  1_555 ? ? ? ? ? ? TYPE_6_PAIR     ?     ? ? 
hydrog24 hydrog ? ? A DG 15 N7 ? ? ? 1_555 A DG  22 N2 ? ? A DG 15  A DG  22  1_555 ? ? ? ? ? ? TYPE_6_PAIR     ?     ? ? 
hydrog25 hydrog ? ? A DG 15 O6 ? ? ? 1_555 A DG  22 N1 ? ? A DG 15  A DG  22  1_555 ? ? ? ? ? ? TYPE_6_PAIR     ?     ? ? 
hydrog26 hydrog ? ? A DA 16 N1 ? ? ? 1_555 A DG  20 N1 ? ? A DA 16  A DG  20  1_555 ? ? ? ? ? ? TYPE_8_PAIR     ?     ? ? 
hydrog27 hydrog ? ? A DA 16 N6 ? ? ? 1_555 A DG  20 O6 ? ? A DA 16  A DG  20  1_555 ? ? ? ? ? ? TYPE_8_PAIR     ?     ? ? 
hydrog28 hydrog ? ? A DG 17 N2 ? ? ? 1_555 A DA  19 N1 ? ? A DG 17  A DA  19  1_555 ? ? ? ? ? ? TYPE_10_PAIR    ?     ? ? 
hydrog29 hydrog ? ? A DG 17 N3 ? ? ? 1_555 A DA  19 N6 ? ? A DG 17  A DA  19  1_555 ? ? ? ? ? ? TYPE_10_PAIR    ?     ? ? 
hydrog30 hydrog ? ? B DG 2  N1 ? ? ? 1_555 B DG  6  O6 ? ? B DG 2   B DG  6   1_555 ? ? ? ? ? ? TYPE_6_PAIR     ?     ? ? 
hydrog31 hydrog ? ? B DG 2  N2 ? ? ? 1_555 B DG  6  N7 ? ? B DG 2   B DG  6   1_555 ? ? ? ? ? ? TYPE_6_PAIR     ?     ? ? 
hydrog32 hydrog ? ? B DG 2  N7 ? ? ? 1_555 B DG  13 N2 ? ? B DG 2   B DG  13  1_555 ? ? ? ? ? ? TYPE_6_PAIR     ?     ? ? 
hydrog33 hydrog ? ? B DG 2  O6 ? ? ? 1_555 B DG  13 N1 ? ? B DG 2   B DG  13  1_555 ? ? ? ? ? ? TYPE_6_PAIR     ?     ? ? 
hydrog34 hydrog ? ? B DG 3  N1 ? ? ? 1_555 B DG  7  O6 ? ? B DG 3   B DG  7   1_555 ? ? ? ? ? ? TYPE_6_PAIR     ?     ? ? 
hydrog35 hydrog ? ? B DG 3  N2 ? ? ? 1_555 B DG  7  N7 ? ? B DG 3   B DG  7   1_555 ? ? ? ? ? ? TYPE_6_PAIR     ?     ? ? 
hydrog36 hydrog ? ? B DG 3  N7 ? ? ? 1_555 B DG  14 N2 ? ? B DG 3   B DG  14  1_555 ? ? ? ? ? ? TYPE_6_PAIR     ?     ? ? 
hydrog37 hydrog ? ? B DG 3  O6 ? ? ? 1_555 B DG  14 N1 ? ? B DG 3   B DG  14  1_555 ? ? ? ? ? ? TYPE_6_PAIR     ?     ? ? 
hydrog38 hydrog ? ? B DG 4  N1 ? ? ? 1_555 B DG  8  O6 ? ? B DG 4   B DG  8   1_555 ? ? ? ? ? ? TYPE_6_PAIR     ?     ? ? 
hydrog39 hydrog ? ? B DG 4  N2 ? ? ? 1_555 B DG  8  N7 ? ? B DG 4   B DG  8   1_555 ? ? ? ? ? ? TYPE_6_PAIR     ?     ? ? 
hydrog40 hydrog ? ? B DG 4  N7 ? ? ? 1_555 B DG  15 N2 ? ? B DG 4   B DG  15  1_555 ? ? ? ? ? ? TYPE_6_PAIR     ?     ? ? 
hydrog41 hydrog ? ? B DG 4  O6 ? ? ? 1_555 B DG  15 N1 ? ? B DG 4   B DG  15  1_555 ? ? ? ? ? ? TYPE_6_PAIR     ?     ? ? 
hydrog42 hydrog ? ? B DG 4  O6 ? ? ? 1_555 B DG  20 N2 ? ? B DG 4   B DG  20  1_555 ? ? ? ? ? ? 'DG-DG MISPAIR' ?     ? ? 
hydrog43 hydrog ? ? B DG 6  N1 ? ? ? 1_555 B DG  10 O6 ? ? B DG 6   B DG  10  1_555 ? ? ? ? ? ? TYPE_6_PAIR     ?     ? ? 
hydrog44 hydrog ? ? B DG 6  N2 ? ? ? 1_555 B DG  10 N7 ? ? B DG 6   B DG  10  1_555 ? ? ? ? ? ? TYPE_6_PAIR     ?     ? ? 
hydrog45 hydrog ? ? B DG 7  N1 ? ? ? 1_555 B DG  21 O6 ? ? B DG 7   B DG  21  1_555 ? ? ? ? ? ? TYPE_6_PAIR     ?     ? ? 
hydrog46 hydrog ? ? B DG 7  N2 ? ? ? 1_555 B DG  21 N7 ? ? B DG 7   B DG  21  1_555 ? ? ? ? ? ? TYPE_6_PAIR     ?     ? ? 
hydrog47 hydrog ? ? B DG 8  N1 ? ? ? 1_555 B DG  22 O6 ? ? B DG 8   B DG  22  1_555 ? ? ? ? ? ? TYPE_6_PAIR     ?     ? ? 
hydrog48 hydrog ? ? B DG 8  N2 ? ? ? 1_555 B DG  22 N7 ? ? B DG 8   B DG  22  1_555 ? ? ? ? ? ? TYPE_6_PAIR     ?     ? ? 
hydrog49 hydrog ? ? B DG 10 N1 ? ? ? 1_555 B DG  13 O6 ? ? B DG 10  B DG  13  1_555 ? ? ? ? ? ? TYPE_6_PAIR     ?     ? ? 
hydrog50 hydrog ? ? B DG 10 N2 ? ? ? 1_555 B DG  13 N7 ? ? B DG 10  B DG  13  1_555 ? ? ? ? ? ? TYPE_6_PAIR     ?     ? ? 
hydrog51 hydrog ? ? B DG 14 N7 ? ? ? 1_555 B DG  21 N2 ? ? B DG 14  B DG  21  1_555 ? ? ? ? ? ? TYPE_6_PAIR     ?     ? ? 
hydrog52 hydrog ? ? B DG 14 O6 ? ? ? 1_555 B DG  21 N1 ? ? B DG 14  B DG  21  1_555 ? ? ? ? ? ? TYPE_6_PAIR     ?     ? ? 
hydrog53 hydrog ? ? B DG 15 N7 ? ? ? 1_555 B DG  22 N2 ? ? B DG 15  B DG  22  1_555 ? ? ? ? ? ? TYPE_6_PAIR     ?     ? ? 
hydrog54 hydrog ? ? B DG 15 O6 ? ? ? 1_555 B DG  22 N1 ? ? B DG 15  B DG  22  1_555 ? ? ? ? ? ? TYPE_6_PAIR     ?     ? ? 
hydrog55 hydrog ? ? B DA 16 N1 ? ? ? 1_555 B DG  20 N1 ? ? B DA 16  B DG  20  1_555 ? ? ? ? ? ? TYPE_8_PAIR     ?     ? ? 
hydrog56 hydrog ? ? B DA 16 N6 ? ? ? 1_555 B DG  20 O6 ? ? B DA 16  B DG  20  1_555 ? ? ? ? ? ? TYPE_8_PAIR     ?     ? ? 
hydrog57 hydrog ? ? B DG 17 N2 ? ? ? 1_555 B DA  19 N1 ? ? B DG 17  B DA  19  1_555 ? ? ? ? ? ? TYPE_10_PAIR    ?     ? ? 
hydrog58 hydrog ? ? B DG 17 N3 ? ? ? 1_555 B DA  19 N6 ? ? B DG 17  B DA  19  1_555 ? ? ? ? ? ? TYPE_10_PAIR    ?     ? ? 
# 
loop_
_struct_conn_type.id 
_struct_conn_type.criteria 
_struct_conn_type.reference 
metalc ? ? 
hydrog ? ? 
# 
loop_
_pdbx_struct_conn_angle.id 
_pdbx_struct_conn_angle.ptnr1_label_atom_id 
_pdbx_struct_conn_angle.ptnr1_label_alt_id 
_pdbx_struct_conn_angle.ptnr1_label_asym_id 
_pdbx_struct_conn_angle.ptnr1_label_comp_id 
_pdbx_struct_conn_angle.ptnr1_label_seq_id 
_pdbx_struct_conn_angle.ptnr1_auth_atom_id 
_pdbx_struct_conn_angle.ptnr1_auth_asym_id 
_pdbx_struct_conn_angle.ptnr1_auth_comp_id 
_pdbx_struct_conn_angle.ptnr1_auth_seq_id 
_pdbx_struct_conn_angle.ptnr1_PDB_ins_code 
_pdbx_struct_conn_angle.ptnr1_symmetry 
_pdbx_struct_conn_angle.ptnr2_label_atom_id 
_pdbx_struct_conn_angle.ptnr2_label_alt_id 
_pdbx_struct_conn_angle.ptnr2_label_asym_id 
_pdbx_struct_conn_angle.ptnr2_label_comp_id 
_pdbx_struct_conn_angle.ptnr2_label_seq_id 
_pdbx_struct_conn_angle.ptnr2_auth_atom_id 
_pdbx_struct_conn_angle.ptnr2_auth_asym_id 
_pdbx_struct_conn_angle.ptnr2_auth_comp_id 
_pdbx_struct_conn_angle.ptnr2_auth_seq_id 
_pdbx_struct_conn_angle.ptnr2_PDB_ins_code 
_pdbx_struct_conn_angle.ptnr2_symmetry 
_pdbx_struct_conn_angle.ptnr3_label_atom_id 
_pdbx_struct_conn_angle.ptnr3_label_alt_id 
_pdbx_struct_conn_angle.ptnr3_label_asym_id 
_pdbx_struct_conn_angle.ptnr3_label_comp_id 
_pdbx_struct_conn_angle.ptnr3_label_seq_id 
_pdbx_struct_conn_angle.ptnr3_auth_atom_id 
_pdbx_struct_conn_angle.ptnr3_auth_asym_id 
_pdbx_struct_conn_angle.ptnr3_auth_comp_id 
_pdbx_struct_conn_angle.ptnr3_auth_seq_id 
_pdbx_struct_conn_angle.ptnr3_PDB_ins_code 
_pdbx_struct_conn_angle.ptnr3_symmetry 
_pdbx_struct_conn_angle.value 
_pdbx_struct_conn_angle.value_esd 
1   O6 ? A DG 2  ? A DG 2  ? 1_555 K ? C K . ? A K 101 ? 1_555 O6 ? A DG  3  ? A DG  3   ? 1_555 71.7  ? 
2   O6 ? A DG 2  ? A DG 2  ? 1_555 K ? C K . ? A K 101 ? 1_555 O6 ? A DG  6  ? A DG  6   ? 1_555 69.3  ? 
3   O6 ? A DG 3  ? A DG 3  ? 1_555 K ? C K . ? A K 101 ? 1_555 O6 ? A DG  6  ? A DG  6   ? 1_555 86.1  ? 
4   O6 ? A DG 2  ? A DG 2  ? 1_555 K ? C K . ? A K 101 ? 1_555 O6 ? A DG  7  ? A DG  7   ? 1_555 132.3 ? 
5   O6 ? A DG 3  ? A DG 3  ? 1_555 K ? C K . ? A K 101 ? 1_555 O6 ? A DG  7  ? A DG  7   ? 1_555 71.4  ? 
6   O6 ? A DG 6  ? A DG 6  ? 1_555 K ? C K . ? A K 101 ? 1_555 O6 ? A DG  7  ? A DG  7   ? 1_555 79.1  ? 
7   O6 ? A DG 2  ? A DG 2  ? 1_555 K ? C K . ? A K 101 ? 1_555 O6 ? A DG  10 ? A DG  10  ? 1_555 110.6 ? 
8   O6 ? A DG 3  ? A DG 3  ? 1_555 K ? C K . ? A K 101 ? 1_555 O6 ? A DG  10 ? A DG  10  ? 1_555 154.2 ? 
9   O6 ? A DG 6  ? A DG 6  ? 1_555 K ? C K . ? A K 101 ? 1_555 O6 ? A DG  10 ? A DG  10  ? 1_555 71.6  ? 
10  O6 ? A DG 7  ? A DG 7  ? 1_555 K ? C K . ? A K 101 ? 1_555 O6 ? A DG  10 ? A DG  10  ? 1_555 91.2  ? 
11  O6 ? A DG 2  ? A DG 2  ? 1_555 K ? C K . ? A K 101 ? 1_555 O6 ? A DG  13 ? A DG  13  ? 1_555 69.7  ? 
12  O6 ? A DG 3  ? A DG 3  ? 1_555 K ? C K . ? A K 101 ? 1_555 O6 ? A DG  13 ? A DG  13  ? 1_555 130.3 ? 
13  O6 ? A DG 6  ? A DG 6  ? 1_555 K ? C K . ? A K 101 ? 1_555 O6 ? A DG  13 ? A DG  13  ? 1_555 107.7 ? 
14  O6 ? A DG 7  ? A DG 7  ? 1_555 K ? C K . ? A K 101 ? 1_555 O6 ? A DG  13 ? A DG  13  ? 1_555 156.8 ? 
15  O6 ? A DG 10 ? A DG 10 ? 1_555 K ? C K . ? A K 101 ? 1_555 O6 ? A DG  13 ? A DG  13  ? 1_555 70.9  ? 
16  O6 ? A DG 2  ? A DG 2  ? 1_555 K ? C K . ? A K 101 ? 1_555 O6 ? A DG  14 ? A DG  14  ? 1_555 91.6  ? 
17  O6 ? A DG 3  ? A DG 3  ? 1_555 K ? C K . ? A K 101 ? 1_555 O6 ? A DG  14 ? A DG  14  ? 1_555 74.1  ? 
18  O6 ? A DG 6  ? A DG 6  ? 1_555 K ? C K . ? A K 101 ? 1_555 O6 ? A DG  14 ? A DG  14  ? 1_555 156.2 ? 
19  O6 ? A DG 7  ? A DG 7  ? 1_555 K ? C K . ? A K 101 ? 1_555 O6 ? A DG  14 ? A DG  14  ? 1_555 106.1 ? 
20  O6 ? A DG 10 ? A DG 10 ? 1_555 K ? C K . ? A K 101 ? 1_555 O6 ? A DG  14 ? A DG  14  ? 1_555 130.4 ? 
21  O6 ? A DG 13 ? A DG 13 ? 1_555 K ? C K . ? A K 101 ? 1_555 O6 ? A DG  14 ? A DG  14  ? 1_555 76.9  ? 
22  O6 ? A DG 2  ? A DG 2  ? 1_555 K ? C K . ? A K 101 ? 1_555 O6 ? A DG  21 ? A DG  21  ? 1_555 154.1 ? 
23  O6 ? A DG 3  ? A DG 3  ? 1_555 K ? C K . ? A K 101 ? 1_555 O6 ? A DG  21 ? A DG  21  ? 1_555 117.3 ? 
24  O6 ? A DG 6  ? A DG 6  ? 1_555 K ? C K . ? A K 101 ? 1_555 O6 ? A DG  21 ? A DG  21  ? 1_555 132.7 ? 
25  O6 ? A DG 7  ? A DG 7  ? 1_555 K ? C K . ? A K 101 ? 1_555 O6 ? A DG  21 ? A DG  21  ? 1_555 71.9  ? 
26  O6 ? A DG 10 ? A DG 10 ? 1_555 K ? C K . ? A K 101 ? 1_555 O6 ? A DG  21 ? A DG  21  ? 1_555 72.6  ? 
27  O6 ? A DG 13 ? A DG 13 ? 1_555 K ? C K . ? A K 101 ? 1_555 O6 ? A DG  21 ? A DG  21  ? 1_555 88.3  ? 
28  O6 ? A DG 14 ? A DG 14 ? 1_555 K ? C K . ? A K 101 ? 1_555 O6 ? A DG  21 ? A DG  21  ? 1_555 69.7  ? 
29  O6 ? A DG 2  ? A DG 2  ? 1_555 K ? F K . ? A K 104 ? 1_555 O6 ? A DG  6  ? A DG  6   ? 1_555 69.2  ? 
30  O6 ? A DG 2  ? A DG 2  ? 1_555 K ? F K . ? A K 104 ? 1_555 O6 ? A DG  10 ? A DG  10  ? 1_555 107.2 ? 
31  O6 ? A DG 6  ? A DG 6  ? 1_555 K ? F K . ? A K 104 ? 1_555 O6 ? A DG  10 ? A DG  10  ? 1_555 68.4  ? 
32  O6 ? A DG 2  ? A DG 2  ? 1_555 K ? F K . ? A K 104 ? 1_555 O6 ? A DG  13 ? A DG  13  ? 1_555 69.8  ? 
33  O6 ? A DG 6  ? A DG 6  ? 1_555 K ? F K . ? A K 104 ? 1_555 O6 ? A DG  13 ? A DG  13  ? 1_555 105.3 ? 
34  O6 ? A DG 10 ? A DG 10 ? 1_555 K ? F K . ? A K 104 ? 1_555 O6 ? A DG  13 ? A DG  13  ? 1_555 68.1  ? 
35  O6 ? A DG 2  ? A DG 2  ? 1_555 K ? F K . ? A K 104 ? 1_555 O6 ? B DG  2  ? B DG  2   ? 1_555 86.7  ? 
36  O6 ? A DG 6  ? A DG 6  ? 1_555 K ? F K . ? A K 104 ? 1_555 O6 ? B DG  2  ? B DG  2   ? 1_555 151.3 ? 
37  O6 ? A DG 10 ? A DG 10 ? 1_555 K ? F K . ? A K 104 ? 1_555 O6 ? B DG  2  ? B DG  2   ? 1_555 136.5 ? 
38  O6 ? A DG 13 ? A DG 13 ? 1_555 K ? F K . ? A K 104 ? 1_555 O6 ? B DG  2  ? B DG  2   ? 1_555 79.4  ? 
39  O6 ? A DG 2  ? A DG 2  ? 1_555 K ? F K . ? A K 104 ? 1_555 O6 ? B DG  6  ? B DG  6   ? 1_555 151.4 ? 
40  O6 ? A DG 6  ? A DG 6  ? 1_555 K ? F K . ? A K 104 ? 1_555 O6 ? B DG  6  ? B DG  6   ? 1_555 136.7 ? 
41  O6 ? A DG 10 ? A DG 10 ? 1_555 K ? F K . ? A K 104 ? 1_555 O6 ? B DG  6  ? B DG  6   ? 1_555 79.8  ? 
42  O6 ? A DG 13 ? A DG 13 ? 1_555 K ? F K . ? A K 104 ? 1_555 O6 ? B DG  6  ? B DG  6   ? 1_555 88.3  ? 
43  O6 ? B DG 2  ? B DG 2  ? 1_555 K ? F K . ? A K 104 ? 1_555 O6 ? B DG  6  ? B DG  6   ? 1_555 70.8  ? 
44  O6 ? A DG 2  ? A DG 2  ? 1_555 K ? F K . ? A K 104 ? 1_555 O6 ? B DG  10 ? B DG  10  ? 1_555 135.4 ? 
45  O6 ? A DG 6  ? A DG 6  ? 1_555 K ? F K . ? A K 104 ? 1_555 O6 ? B DG  10 ? B DG  10  ? 1_555 79.5  ? 
46  O6 ? A DG 10 ? A DG 10 ? 1_555 K ? F K . ? A K 104 ? 1_555 O6 ? B DG  10 ? B DG  10  ? 1_555 88.9  ? 
47  O6 ? A DG 13 ? A DG 13 ? 1_555 K ? F K . ? A K 104 ? 1_555 O6 ? B DG  10 ? B DG  10  ? 1_555 151.8 ? 
48  O6 ? B DG 2  ? B DG 2  ? 1_555 K ? F K . ? A K 104 ? 1_555 O6 ? B DG  10 ? B DG  10  ? 1_555 110.0 ? 
49  O6 ? B DG 6  ? B DG 6  ? 1_555 K ? F K . ? A K 104 ? 1_555 O6 ? B DG  10 ? B DG  10  ? 1_555 71.0  ? 
50  O6 ? A DG 2  ? A DG 2  ? 1_555 K ? F K . ? A K 104 ? 1_555 O6 ? B DG  13 ? B DG  13  ? 1_555 79.7  ? 
51  O6 ? A DG 6  ? A DG 6  ? 1_555 K ? F K . ? A K 104 ? 1_555 O6 ? B DG  13 ? B DG  13  ? 1_555 90.8  ? 
52  O6 ? A DG 10 ? A DG 10 ? 1_555 K ? F K . ? A K 104 ? 1_555 O6 ? B DG  13 ? B DG  13  ? 1_555 152.8 ? 
53  O6 ? A DG 13 ? A DG 13 ? 1_555 K ? F K . ? A K 104 ? 1_555 O6 ? B DG  13 ? B DG  13  ? 1_555 137.0 ? 
54  O6 ? B DG 2  ? B DG 2  ? 1_555 K ? F K . ? A K 104 ? 1_555 O6 ? B DG  13 ? B DG  13  ? 1_555 68.9  ? 
55  O6 ? B DG 6  ? B DG 6  ? 1_555 K ? F K . ? A K 104 ? 1_555 O6 ? B DG  13 ? B DG  13  ? 1_555 107.0 ? 
56  O6 ? B DG 10 ? B DG 10 ? 1_555 K ? F K . ? A K 104 ? 1_555 O6 ? B DG  13 ? B DG  13  ? 1_555 69.5  ? 
57  O6 ? A DG 3  ? A DG 3  ? 1_555 K ? D K . ? A K 102 ? 1_555 O6 ? A DG  4  ? A DG  4   ? 1_555 78.5  ? 
58  O6 ? A DG 3  ? A DG 3  ? 1_555 K ? D K . ? A K 102 ? 1_555 O6 ? A DG  7  ? A DG  7   ? 1_555 67.2  ? 
59  O6 ? A DG 4  ? A DG 4  ? 1_555 K ? D K . ? A K 102 ? 1_555 O6 ? A DG  7  ? A DG  7   ? 1_555 91.6  ? 
60  O6 ? A DG 3  ? A DG 3  ? 1_555 K ? D K . ? A K 102 ? 1_555 O6 ? A DG  8  ? A DG  8   ? 1_555 132.3 ? 
61  O6 ? A DG 4  ? A DG 4  ? 1_555 K ? D K . ? A K 102 ? 1_555 O6 ? A DG  8  ? A DG  8   ? 1_555 71.7  ? 
62  O6 ? A DG 7  ? A DG 7  ? 1_555 K ? D K . ? A K 102 ? 1_555 O6 ? A DG  8  ? A DG  8   ? 1_555 77.1  ? 
63  O6 ? A DG 3  ? A DG 3  ? 1_555 K ? D K . ? A K 102 ? 1_555 O6 ? A DG  14 ? A DG  14  ? 1_555 70.1  ? 
64  O6 ? A DG 4  ? A DG 4  ? 1_555 K ? D K . ? A K 102 ? 1_555 O6 ? A DG  14 ? A DG  14  ? 1_555 132.3 ? 
65  O6 ? A DG 7  ? A DG 7  ? 1_555 K ? D K . ? A K 102 ? 1_555 O6 ? A DG  14 ? A DG  14  ? 1_555 107.4 ? 
66  O6 ? A DG 8  ? A DG 8  ? 1_555 K ? D K . ? A K 102 ? 1_555 O6 ? A DG  14 ? A DG  14  ? 1_555 154.1 ? 
67  O6 ? A DG 3  ? A DG 3  ? 1_555 K ? D K . ? A K 102 ? 1_555 O6 ? A DG  15 ? A DG  15  ? 1_555 91.7  ? 
68  O6 ? A DG 4  ? A DG 4  ? 1_555 K ? D K . ? A K 102 ? 1_555 O6 ? A DG  15 ? A DG  15  ? 1_555 69.2  ? 
69  O6 ? A DG 7  ? A DG 7  ? 1_555 K ? D K . ? A K 102 ? 1_555 O6 ? A DG  15 ? A DG  15  ? 1_555 154.4 ? 
70  O6 ? A DG 8  ? A DG 8  ? 1_555 K ? D K . ? A K 102 ? 1_555 O6 ? A DG  15 ? A DG  15  ? 1_555 110.6 ? 
71  O6 ? A DG 14 ? A DG 14 ? 1_555 K ? D K . ? A K 102 ? 1_555 O6 ? A DG  15 ? A DG  15  ? 1_555 76.6  ? 
72  O6 ? A DG 3  ? A DG 3  ? 1_555 K ? D K . ? A K 102 ? 1_555 O6 ? A DG  21 ? A DG  21  ? 1_555 99.7  ? 
73  O6 ? A DG 4  ? A DG 4  ? 1_555 K ? D K . ? A K 102 ? 1_555 O6 ? A DG  21 ? A DG  21  ? 1_555 157.3 ? 
74  O6 ? A DG 7  ? A DG 7  ? 1_555 K ? D K . ? A K 102 ? 1_555 O6 ? A DG  21 ? A DG  21  ? 1_555 67.3  ? 
75  O6 ? A DG 8  ? A DG 8  ? 1_555 K ? D K . ? A K 102 ? 1_555 O6 ? A DG  21 ? A DG  21  ? 1_555 94.4  ? 
76  O6 ? A DG 14 ? A DG 14 ? 1_555 K ? D K . ? A K 102 ? 1_555 O6 ? A DG  21 ? A DG  21  ? 1_555 65.6  ? 
77  O6 ? A DG 15 ? A DG 15 ? 1_555 K ? D K . ? A K 102 ? 1_555 O6 ? A DG  21 ? A DG  21  ? 1_555 133.4 ? 
78  O6 ? A DG 3  ? A DG 3  ? 1_555 K ? D K . ? A K 102 ? 1_555 O6 ? A DG  22 ? A DG  22  ? 1_555 152.5 ? 
79  O6 ? A DG 4  ? A DG 4  ? 1_555 K ? D K . ? A K 102 ? 1_555 O6 ? A DG  22 ? A DG  22  ? 1_555 116.0 ? 
80  O6 ? A DG 7  ? A DG 7  ? 1_555 K ? D K . ? A K 102 ? 1_555 O6 ? A DG  22 ? A DG  22  ? 1_555 131.3 ? 
81  O6 ? A DG 8  ? A DG 8  ? 1_555 K ? D K . ? A K 102 ? 1_555 O6 ? A DG  22 ? A DG  22  ? 1_555 75.2  ? 
82  O6 ? A DG 14 ? A DG 14 ? 1_555 K ? D K . ? A K 102 ? 1_555 O6 ? A DG  22 ? A DG  22  ? 1_555 83.7  ? 
83  O6 ? A DG 15 ? A DG 15 ? 1_555 K ? D K . ? A K 102 ? 1_555 O6 ? A DG  22 ? A DG  22  ? 1_555 73.8  ? 
84  O6 ? A DG 21 ? A DG 21 ? 1_555 K ? D K . ? A K 102 ? 1_555 O6 ? A DG  22 ? A DG  22  ? 1_555 75.8  ? 
85  O6 ? A DG 17 ? A DG 17 ? 1_555 K ? E K . ? A K 103 ? 1_555 O6 ? A DG  17 ? A DG  17  ? 1_555 0.0   ? 
86  O6 ? A DG 17 ? A DG 17 ? 1_555 K ? E K . ? A K 103 ? 1_555 O  ? I HOH .  ? A HOH 237 ? 5_554 140.9 ? 
87  O6 ? A DG 17 ? A DG 17 ? 1_555 K ? E K . ? A K 103 ? 1_555 O  ? I HOH .  ? A HOH 237 ? 5_554 140.9 ? 
88  O6 ? B DG 2  ? B DG 2  ? 1_555 K ? H K . ? B K 102 ? 1_555 O6 ? B DG  3  ? B DG  3   ? 1_555 75.0  ? 
89  O6 ? B DG 2  ? B DG 2  ? 1_555 K ? H K . ? B K 102 ? 1_555 O6 ? B DG  6  ? B DG  6   ? 1_555 69.7  ? 
90  O6 ? B DG 3  ? B DG 3  ? 1_555 K ? H K . ? B K 102 ? 1_555 O6 ? B DG  6  ? B DG  6   ? 1_555 87.0  ? 
91  O6 ? B DG 2  ? B DG 2  ? 1_555 K ? H K . ? B K 102 ? 1_555 O6 ? B DG  7  ? B DG  7   ? 1_555 135.5 ? 
92  O6 ? B DG 3  ? B DG 3  ? 1_555 K ? H K . ? B K 102 ? 1_555 O6 ? B DG  7  ? B DG  7   ? 1_555 72.3  ? 
93  O6 ? B DG 6  ? B DG 6  ? 1_555 K ? H K . ? B K 102 ? 1_555 O6 ? B DG  7  ? B DG  7   ? 1_555 79.3  ? 
94  O6 ? B DG 2  ? B DG 2  ? 1_555 K ? H K . ? B K 102 ? 1_555 O6 ? B DG  10 ? B DG  10  ? 1_555 106.9 ? 
95  O6 ? B DG 3  ? B DG 3  ? 1_555 K ? H K . ? B K 102 ? 1_555 O6 ? B DG  10 ? B DG  10  ? 1_555 156.9 ? 
96  O6 ? B DG 6  ? B DG 6  ? 1_555 K ? H K . ? B K 102 ? 1_555 O6 ? B DG  10 ? B DG  10  ? 1_555 72.7  ? 
97  O6 ? B DG 7  ? B DG 7  ? 1_555 K ? H K . ? B K 102 ? 1_555 O6 ? B DG  10 ? B DG  10  ? 1_555 92.7  ? 
98  O6 ? B DG 2  ? B DG 2  ? 1_555 K ? H K . ? B K 102 ? 1_555 O6 ? B DG  13 ? B DG  13  ? 1_555 67.2  ? 
99  O6 ? B DG 3  ? B DG 3  ? 1_555 K ? H K . ? B K 102 ? 1_555 O6 ? B DG  13 ? B DG  13  ? 1_555 128.7 ? 
100 O6 ? B DG 6  ? B DG 6  ? 1_555 K ? H K . ? B K 102 ? 1_555 O6 ? B DG  13 ? B DG  13  ? 1_555 109.6 ? 
101 O6 ? B DG 7  ? B DG 7  ? 1_555 K ? H K . ? B K 102 ? 1_555 O6 ? B DG  13 ? B DG  13  ? 1_555 156.3 ? 
102 O6 ? B DG 10 ? B DG 10 ? 1_555 K ? H K . ? B K 102 ? 1_555 O6 ? B DG  13 ? B DG  13  ? 1_555 70.3  ? 
103 O6 ? B DG 2  ? B DG 2  ? 1_555 K ? H K . ? B K 102 ? 1_555 O6 ? B DG  14 ? B DG  14  ? 1_555 88.9  ? 
104 O6 ? B DG 3  ? B DG 3  ? 1_555 K ? H K . ? B K 102 ? 1_555 O6 ? B DG  14 ? B DG  14  ? 1_555 71.4  ? 
105 O6 ? B DG 6  ? B DG 6  ? 1_555 K ? H K . ? B K 102 ? 1_555 O6 ? B DG  14 ? B DG  14  ? 1_555 153.2 ? 
106 O6 ? B DG 7  ? B DG 7  ? 1_555 K ? H K . ? B K 102 ? 1_555 O6 ? B DG  14 ? B DG  14  ? 1_555 107.8 ? 
107 O6 ? B DG 10 ? B DG 10 ? 1_555 K ? H K . ? B K 102 ? 1_555 O6 ? B DG  14 ? B DG  14  ? 1_555 131.1 ? 
108 O6 ? B DG 13 ? B DG 13 ? 1_555 K ? H K . ? B K 102 ? 1_555 O6 ? B DG  14 ? B DG  14  ? 1_555 74.6  ? 
109 O6 ? B DG 2  ? B DG 2  ? 1_555 K ? H K . ? B K 102 ? 1_555 O6 ? B DG  21 ? B DG  21  ? 1_555 150.9 ? 
110 O6 ? B DG 3  ? B DG 3  ? 1_555 K ? H K . ? B K 102 ? 1_555 O6 ? B DG  21 ? B DG  21  ? 1_555 115.8 ? 
111 O6 ? B DG 6  ? B DG 6  ? 1_555 K ? H K . ? B K 102 ? 1_555 O6 ? B DG  21 ? B DG  21  ? 1_555 134.7 ? 
112 O6 ? B DG 7  ? B DG 7  ? 1_555 K ? H K . ? B K 102 ? 1_555 O6 ? B DG  21 ? B DG  21  ? 1_555 72.3  ? 
113 O6 ? B DG 10 ? B DG 10 ? 1_555 K ? H K . ? B K 102 ? 1_555 O6 ? B DG  21 ? B DG  21  ? 1_555 74.1  ? 
114 O6 ? B DG 13 ? B DG 13 ? 1_555 K ? H K . ? B K 102 ? 1_555 O6 ? B DG  21 ? B DG  21  ? 1_555 86.8  ? 
115 O6 ? B DG 14 ? B DG 14 ? 1_555 K ? H K . ? B K 102 ? 1_555 O6 ? B DG  21 ? B DG  21  ? 1_555 71.0  ? 
116 O6 ? B DG 3  ? B DG 3  ? 1_555 K ? G K . ? B K 101 ? 1_555 O6 ? B DG  4  ? B DG  4   ? 1_555 80.6  ? 
117 O6 ? B DG 3  ? B DG 3  ? 1_555 K ? G K . ? B K 101 ? 1_555 O6 ? B DG  7  ? B DG  7   ? 1_555 69.0  ? 
118 O6 ? B DG 4  ? B DG 4  ? 1_555 K ? G K . ? B K 101 ? 1_555 O6 ? B DG  7  ? B DG  7   ? 1_555 94.2  ? 
119 O6 ? B DG 3  ? B DG 3  ? 1_555 K ? G K . ? B K 101 ? 1_555 O6 ? B DG  8  ? B DG  8   ? 1_555 134.0 ? 
120 O6 ? B DG 4  ? B DG 4  ? 1_555 K ? G K . ? B K 101 ? 1_555 O6 ? B DG  8  ? B DG  8   ? 1_555 73.7  ? 
121 O6 ? B DG 7  ? B DG 7  ? 1_555 K ? G K . ? B K 101 ? 1_555 O6 ? B DG  8  ? B DG  8   ? 1_555 75.5  ? 
122 O6 ? B DG 3  ? B DG 3  ? 1_555 K ? G K . ? B K 101 ? 1_555 O6 ? B DG  14 ? B DG  14  ? 1_555 68.4  ? 
123 O6 ? B DG 4  ? B DG 4  ? 1_555 K ? G K . ? B K 101 ? 1_555 O6 ? B DG  14 ? B DG  14  ? 1_555 133.5 ? 
124 O6 ? B DG 7  ? B DG 7  ? 1_555 K ? G K . ? B K 101 ? 1_555 O6 ? B DG  14 ? B DG  14  ? 1_555 105.3 ? 
125 O6 ? B DG 8  ? B DG 8  ? 1_555 K ? G K . ? B K 101 ? 1_555 O6 ? B DG  14 ? B DG  14  ? 1_555 151.6 ? 
126 O6 ? B DG 3  ? B DG 3  ? 1_555 K ? G K . ? B K 101 ? 1_555 O6 ? B DG  15 ? B DG  15  ? 1_555 90.4  ? 
127 O6 ? B DG 4  ? B DG 4  ? 1_555 K ? G K . ? B K 101 ? 1_555 O6 ? B DG  15 ? B DG  15  ? 1_555 67.3  ? 
128 O6 ? B DG 7  ? B DG 7  ? 1_555 K ? G K . ? B K 101 ? 1_555 O6 ? B DG  15 ? B DG  15  ? 1_555 154.8 ? 
129 O6 ? B DG 8  ? B DG 8  ? 1_555 K ? G K . ? B K 101 ? 1_555 O6 ? B DG  15 ? B DG  15  ? 1_555 112.9 ? 
130 O6 ? B DG 14 ? B DG 14 ? 1_555 K ? G K . ? B K 101 ? 1_555 O6 ? B DG  15 ? B DG  15  ? 1_555 78.7  ? 
131 O6 ? B DG 3  ? B DG 3  ? 1_555 K ? G K . ? B K 101 ? 1_555 O6 ? B DG  21 ? B DG  21  ? 1_555 100.0 ? 
132 O6 ? B DG 4  ? B DG 4  ? 1_555 K ? G K . ? B K 101 ? 1_555 O6 ? B DG  21 ? B DG  21  ? 1_555 157.9 ? 
133 O6 ? B DG 7  ? B DG 7  ? 1_555 K ? G K . ? B K 101 ? 1_555 O6 ? B DG  21 ? B DG  21  ? 1_555 65.9  ? 
134 O6 ? B DG 8  ? B DG 8  ? 1_555 K ? G K . ? B K 101 ? 1_555 O6 ? B DG  21 ? B DG  21  ? 1_555 91.0  ? 
135 O6 ? B DG 14 ? B DG 14 ? 1_555 K ? G K . ? B K 101 ? 1_555 O6 ? B DG  21 ? B DG  21  ? 1_555 64.9  ? 
136 O6 ? B DG 15 ? B DG 15 ? 1_555 K ? G K . ? B K 101 ? 1_555 O6 ? B DG  21 ? B DG  21  ? 1_555 134.5 ? 
137 O6 ? B DG 3  ? B DG 3  ? 1_555 K ? G K . ? B K 101 ? 1_555 O6 ? B DG  22 ? B DG  22  ? 1_555 154.5 ? 
138 O6 ? B DG 4  ? B DG 4  ? 1_555 K ? G K . ? B K 101 ? 1_555 O6 ? B DG  22 ? B DG  22  ? 1_555 115.1 ? 
139 O6 ? B DG 7  ? B DG 7  ? 1_555 K ? G K . ? B K 101 ? 1_555 O6 ? B DG  22 ? B DG  22  ? 1_555 125.9 ? 
140 O6 ? B DG 8  ? B DG 8  ? 1_555 K ? G K . ? B K 101 ? 1_555 O6 ? B DG  22 ? B DG  22  ? 1_555 71.3  ? 
141 O6 ? B DG 14 ? B DG 14 ? 1_555 K ? G K . ? B K 101 ? 1_555 O6 ? B DG  22 ? B DG  22  ? 1_555 86.7  ? 
142 O6 ? B DG 15 ? B DG 15 ? 1_555 K ? G K . ? B K 101 ? 1_555 O6 ? B DG  22 ? B DG  22  ? 1_555 78.8  ? 
143 O6 ? B DG 21 ? B DG 21 ? 1_555 K ? G K . ? B K 101 ? 1_555 O6 ? B DG  22 ? B DG  22  ? 1_555 73.1  ? 
# 
loop_
_struct_site.id 
_struct_site.pdbx_evidence_code 
_struct_site.pdbx_auth_asym_id 
_struct_site.pdbx_auth_comp_id 
_struct_site.pdbx_auth_seq_id 
_struct_site.pdbx_auth_ins_code 
_struct_site.pdbx_num_residues 
_struct_site.details 
AC1 Software A K 101 ? 10 'binding site for residue K A 101' 
AC2 Software A K 102 ? 10 'binding site for residue K A 102' 
AC3 Software A K 103 ? 4  'binding site for residue K A 103' 
AC4 Software A K 104 ? 10 'binding site for residue K A 104' 
AC5 Software B K 101 ? 10 'binding site for residue K B 101' 
AC6 Software B K 102 ? 10 'binding site for residue K B 102' 
# 
loop_
_struct_site_gen.id 
_struct_site_gen.site_id 
_struct_site_gen.pdbx_num_res 
_struct_site_gen.label_comp_id 
_struct_site_gen.label_asym_id 
_struct_site_gen.label_seq_id 
_struct_site_gen.pdbx_auth_ins_code 
_struct_site_gen.auth_comp_id 
_struct_site_gen.auth_asym_id 
_struct_site_gen.auth_seq_id 
_struct_site_gen.label_atom_id 
_struct_site_gen.label_alt_id 
_struct_site_gen.symmetry 
_struct_site_gen.details 
1  AC1 10 DG A 2  ? DG A 2   . ? 1_555 ? 
2  AC1 10 DG A 3  ? DG A 3   . ? 1_555 ? 
3  AC1 10 DG A 6  ? DG A 6   . ? 1_555 ? 
4  AC1 10 DG A 7  ? DG A 7   . ? 1_555 ? 
5  AC1 10 DG A 10 ? DG A 10  . ? 1_555 ? 
6  AC1 10 DG A 13 ? DG A 13  . ? 1_555 ? 
7  AC1 10 DG A 14 ? DG A 14  . ? 1_555 ? 
8  AC1 10 DG A 21 ? DG A 21  . ? 1_555 ? 
9  AC1 10 K  D .  ? K  A 102 . ? 1_555 ? 
10 AC1 10 K  F .  ? K  A 104 . ? 1_555 ? 
11 AC2 10 DG A 3  ? DG A 3   . ? 1_555 ? 
12 AC2 10 DG A 4  ? DG A 4   . ? 1_555 ? 
13 AC2 10 DG A 7  ? DG A 7   . ? 1_555 ? 
14 AC2 10 DG A 8  ? DG A 8   . ? 1_555 ? 
15 AC2 10 DG A 14 ? DG A 14  . ? 1_555 ? 
16 AC2 10 DG A 15 ? DG A 15  . ? 1_555 ? 
17 AC2 10 DG A 20 ? DG A 20  . ? 1_555 ? 
18 AC2 10 DG A 21 ? DG A 21  . ? 1_555 ? 
19 AC2 10 DG A 22 ? DG A 22  . ? 1_555 ? 
20 AC2 10 K  C .  ? K  A 101 . ? 1_555 ? 
21 AC3 4  DA A 16 ? DA A 16  . ? 5_554 ? 
22 AC3 4  DA A 16 ? DA A 16  . ? 1_555 ? 
23 AC3 4  DG A 17 ? DG A 17  . ? 5_554 ? 
24 AC3 4  DG A 17 ? DG A 17  . ? 1_555 ? 
25 AC4 10 DG A 2  ? DG A 2   . ? 1_555 ? 
26 AC4 10 DG A 6  ? DG A 6   . ? 1_555 ? 
27 AC4 10 DG A 10 ? DG A 10  . ? 1_555 ? 
28 AC4 10 DG A 13 ? DG A 13  . ? 1_555 ? 
29 AC4 10 K  C .  ? K  A 101 . ? 1_555 ? 
30 AC4 10 DG B 2  ? DG B 2   . ? 1_555 ? 
31 AC4 10 DG B 6  ? DG B 6   . ? 1_555 ? 
32 AC4 10 DG B 10 ? DG B 10  . ? 1_555 ? 
33 AC4 10 DG B 13 ? DG B 13  . ? 1_555 ? 
34 AC4 10 K  H .  ? K  B 102 . ? 1_555 ? 
35 AC5 10 DG B 3  ? DG B 3   . ? 1_555 ? 
36 AC5 10 DG B 4  ? DG B 4   . ? 1_555 ? 
37 AC5 10 DG B 7  ? DG B 7   . ? 1_555 ? 
38 AC5 10 DG B 8  ? DG B 8   . ? 1_555 ? 
39 AC5 10 DG B 14 ? DG B 14  . ? 1_555 ? 
40 AC5 10 DG B 15 ? DG B 15  . ? 1_555 ? 
41 AC5 10 DG B 20 ? DG B 20  . ? 1_555 ? 
42 AC5 10 DG B 21 ? DG B 21  . ? 1_555 ? 
43 AC5 10 DG B 22 ? DG B 22  . ? 1_555 ? 
44 AC5 10 K  H .  ? K  B 102 . ? 1_555 ? 
45 AC6 10 K  F .  ? K  A 104 . ? 1_555 ? 
46 AC6 10 DG B 2  ? DG B 2   . ? 1_555 ? 
47 AC6 10 DG B 3  ? DG B 3   . ? 1_555 ? 
48 AC6 10 DG B 6  ? DG B 6   . ? 1_555 ? 
49 AC6 10 DG B 7  ? DG B 7   . ? 1_555 ? 
50 AC6 10 DG B 10 ? DG B 10  . ? 1_555 ? 
51 AC6 10 DG B 13 ? DG B 13  . ? 1_555 ? 
52 AC6 10 DG B 14 ? DG B 14  . ? 1_555 ? 
53 AC6 10 DG B 21 ? DG B 21  . ? 1_555 ? 
54 AC6 10 K  G .  ? K  B 101 . ? 1_555 ? 
# 
_pdbx_entry_details.entry_id                   4WO2 
_pdbx_entry_details.compound_details           ? 
_pdbx_entry_details.source_details             ? 
_pdbx_entry_details.nonpolymer_details         ? 
_pdbx_entry_details.sequence_details           ? 
_pdbx_entry_details.has_ligand_of_interest     ? 
_pdbx_entry_details.has_protein_modification   N 
# 
_pdbx_validate_rmsd_angle.id                         1 
_pdbx_validate_rmsd_angle.PDB_model_num              1 
_pdbx_validate_rmsd_angle.auth_atom_id_1             "O4'" 
_pdbx_validate_rmsd_angle.auth_asym_id_1             A 
_pdbx_validate_rmsd_angle.auth_comp_id_1             DG 
_pdbx_validate_rmsd_angle.auth_seq_id_1              17 
_pdbx_validate_rmsd_angle.PDB_ins_code_1             ? 
_pdbx_validate_rmsd_angle.label_alt_id_1             ? 
_pdbx_validate_rmsd_angle.auth_atom_id_2             "C1'" 
_pdbx_validate_rmsd_angle.auth_asym_id_2             A 
_pdbx_validate_rmsd_angle.auth_comp_id_2             DG 
_pdbx_validate_rmsd_angle.auth_seq_id_2              17 
_pdbx_validate_rmsd_angle.PDB_ins_code_2             ? 
_pdbx_validate_rmsd_angle.label_alt_id_2             ? 
_pdbx_validate_rmsd_angle.auth_atom_id_3             N9 
_pdbx_validate_rmsd_angle.auth_asym_id_3             A 
_pdbx_validate_rmsd_angle.auth_comp_id_3             DG 
_pdbx_validate_rmsd_angle.auth_seq_id_3              17 
_pdbx_validate_rmsd_angle.PDB_ins_code_3             ? 
_pdbx_validate_rmsd_angle.label_alt_id_3             ? 
_pdbx_validate_rmsd_angle.angle_value                110.92 
_pdbx_validate_rmsd_angle.angle_target_value         108.30 
_pdbx_validate_rmsd_angle.angle_deviation            2.62 
_pdbx_validate_rmsd_angle.angle_standard_deviation   0.30 
_pdbx_validate_rmsd_angle.linker_flag                N 
# 
_pdbx_struct_special_symmetry.id              1 
_pdbx_struct_special_symmetry.PDB_model_num   1 
_pdbx_struct_special_symmetry.auth_asym_id    B 
_pdbx_struct_special_symmetry.auth_comp_id    HOH 
_pdbx_struct_special_symmetry.auth_seq_id     236 
_pdbx_struct_special_symmetry.PDB_ins_code    ? 
_pdbx_struct_special_symmetry.label_asym_id   J 
_pdbx_struct_special_symmetry.label_comp_id   HOH 
_pdbx_struct_special_symmetry.label_seq_id    . 
# 
loop_
_chem_comp_atom.comp_id 
_chem_comp_atom.atom_id 
_chem_comp_atom.type_symbol 
_chem_comp_atom.pdbx_aromatic_flag 
_chem_comp_atom.pdbx_stereo_config 
_chem_comp_atom.pdbx_ordinal 
DA  OP3    O N N 1   
DA  P      P N N 2   
DA  OP1    O N N 3   
DA  OP2    O N N 4   
DA  "O5'"  O N N 5   
DA  "C5'"  C N N 6   
DA  "C4'"  C N R 7   
DA  "O4'"  O N N 8   
DA  "C3'"  C N S 9   
DA  "O3'"  O N N 10  
DA  "C2'"  C N N 11  
DA  "C1'"  C N R 12  
DA  N9     N Y N 13  
DA  C8     C Y N 14  
DA  N7     N Y N 15  
DA  C5     C Y N 16  
DA  C6     C Y N 17  
DA  N6     N N N 18  
DA  N1     N Y N 19  
DA  C2     C Y N 20  
DA  N3     N Y N 21  
DA  C4     C Y N 22  
DA  HOP3   H N N 23  
DA  HOP2   H N N 24  
DA  "H5'"  H N N 25  
DA  "H5''" H N N 26  
DA  "H4'"  H N N 27  
DA  "H3'"  H N N 28  
DA  "HO3'" H N N 29  
DA  "H2'"  H N N 30  
DA  "H2''" H N N 31  
DA  "H1'"  H N N 32  
DA  H8     H N N 33  
DA  H61    H N N 34  
DA  H62    H N N 35  
DA  H2     H N N 36  
DC  OP3    O N N 37  
DC  P      P N N 38  
DC  OP1    O N N 39  
DC  OP2    O N N 40  
DC  "O5'"  O N N 41  
DC  "C5'"  C N N 42  
DC  "C4'"  C N R 43  
DC  "O4'"  O N N 44  
DC  "C3'"  C N S 45  
DC  "O3'"  O N N 46  
DC  "C2'"  C N N 47  
DC  "C1'"  C N R 48  
DC  N1     N N N 49  
DC  C2     C N N 50  
DC  O2     O N N 51  
DC  N3     N N N 52  
DC  C4     C N N 53  
DC  N4     N N N 54  
DC  C5     C N N 55  
DC  C6     C N N 56  
DC  HOP3   H N N 57  
DC  HOP2   H N N 58  
DC  "H5'"  H N N 59  
DC  "H5''" H N N 60  
DC  "H4'"  H N N 61  
DC  "H3'"  H N N 62  
DC  "HO3'" H N N 63  
DC  "H2'"  H N N 64  
DC  "H2''" H N N 65  
DC  "H1'"  H N N 66  
DC  H41    H N N 67  
DC  H42    H N N 68  
DC  H5     H N N 69  
DC  H6     H N N 70  
DG  OP3    O N N 71  
DG  P      P N N 72  
DG  OP1    O N N 73  
DG  OP2    O N N 74  
DG  "O5'"  O N N 75  
DG  "C5'"  C N N 76  
DG  "C4'"  C N R 77  
DG  "O4'"  O N N 78  
DG  "C3'"  C N S 79  
DG  "O3'"  O N N 80  
DG  "C2'"  C N N 81  
DG  "C1'"  C N R 82  
DG  N9     N Y N 83  
DG  C8     C Y N 84  
DG  N7     N Y N 85  
DG  C5     C Y N 86  
DG  C6     C N N 87  
DG  O6     O N N 88  
DG  N1     N N N 89  
DG  C2     C N N 90  
DG  N2     N N N 91  
DG  N3     N N N 92  
DG  C4     C Y N 93  
DG  HOP3   H N N 94  
DG  HOP2   H N N 95  
DG  "H5'"  H N N 96  
DG  "H5''" H N N 97  
DG  "H4'"  H N N 98  
DG  "H3'"  H N N 99  
DG  "HO3'" H N N 100 
DG  "H2'"  H N N 101 
DG  "H2''" H N N 102 
DG  "H1'"  H N N 103 
DG  H8     H N N 104 
DG  H1     H N N 105 
DG  H21    H N N 106 
DG  H22    H N N 107 
DT  OP3    O N N 108 
DT  P      P N N 109 
DT  OP1    O N N 110 
DT  OP2    O N N 111 
DT  "O5'"  O N N 112 
DT  "C5'"  C N N 113 
DT  "C4'"  C N R 114 
DT  "O4'"  O N N 115 
DT  "C3'"  C N S 116 
DT  "O3'"  O N N 117 
DT  "C2'"  C N N 118 
DT  "C1'"  C N R 119 
DT  N1     N N N 120 
DT  C2     C N N 121 
DT  O2     O N N 122 
DT  N3     N N N 123 
DT  C4     C N N 124 
DT  O4     O N N 125 
DT  C5     C N N 126 
DT  C7     C N N 127 
DT  C6     C N N 128 
DT  HOP3   H N N 129 
DT  HOP2   H N N 130 
DT  "H5'"  H N N 131 
DT  "H5''" H N N 132 
DT  "H4'"  H N N 133 
DT  "H3'"  H N N 134 
DT  "HO3'" H N N 135 
DT  "H2'"  H N N 136 
DT  "H2''" H N N 137 
DT  "H1'"  H N N 138 
DT  H3     H N N 139 
DT  H71    H N N 140 
DT  H72    H N N 141 
DT  H73    H N N 142 
DT  H6     H N N 143 
HOH O      O N N 144 
HOH H1     H N N 145 
HOH H2     H N N 146 
K   K      K N N 147 
# 
loop_
_chem_comp_bond.comp_id 
_chem_comp_bond.atom_id_1 
_chem_comp_bond.atom_id_2 
_chem_comp_bond.value_order 
_chem_comp_bond.pdbx_aromatic_flag 
_chem_comp_bond.pdbx_stereo_config 
_chem_comp_bond.pdbx_ordinal 
DA  OP3   P      sing N N 1   
DA  OP3   HOP3   sing N N 2   
DA  P     OP1    doub N N 3   
DA  P     OP2    sing N N 4   
DA  P     "O5'"  sing N N 5   
DA  OP2   HOP2   sing N N 6   
DA  "O5'" "C5'"  sing N N 7   
DA  "C5'" "C4'"  sing N N 8   
DA  "C5'" "H5'"  sing N N 9   
DA  "C5'" "H5''" sing N N 10  
DA  "C4'" "O4'"  sing N N 11  
DA  "C4'" "C3'"  sing N N 12  
DA  "C4'" "H4'"  sing N N 13  
DA  "O4'" "C1'"  sing N N 14  
DA  "C3'" "O3'"  sing N N 15  
DA  "C3'" "C2'"  sing N N 16  
DA  "C3'" "H3'"  sing N N 17  
DA  "O3'" "HO3'" sing N N 18  
DA  "C2'" "C1'"  sing N N 19  
DA  "C2'" "H2'"  sing N N 20  
DA  "C2'" "H2''" sing N N 21  
DA  "C1'" N9     sing N N 22  
DA  "C1'" "H1'"  sing N N 23  
DA  N9    C8     sing Y N 24  
DA  N9    C4     sing Y N 25  
DA  C8    N7     doub Y N 26  
DA  C8    H8     sing N N 27  
DA  N7    C5     sing Y N 28  
DA  C5    C6     sing Y N 29  
DA  C5    C4     doub Y N 30  
DA  C6    N6     sing N N 31  
DA  C6    N1     doub Y N 32  
DA  N6    H61    sing N N 33  
DA  N6    H62    sing N N 34  
DA  N1    C2     sing Y N 35  
DA  C2    N3     doub Y N 36  
DA  C2    H2     sing N N 37  
DA  N3    C4     sing Y N 38  
DC  OP3   P      sing N N 39  
DC  OP3   HOP3   sing N N 40  
DC  P     OP1    doub N N 41  
DC  P     OP2    sing N N 42  
DC  P     "O5'"  sing N N 43  
DC  OP2   HOP2   sing N N 44  
DC  "O5'" "C5'"  sing N N 45  
DC  "C5'" "C4'"  sing N N 46  
DC  "C5'" "H5'"  sing N N 47  
DC  "C5'" "H5''" sing N N 48  
DC  "C4'" "O4'"  sing N N 49  
DC  "C4'" "C3'"  sing N N 50  
DC  "C4'" "H4'"  sing N N 51  
DC  "O4'" "C1'"  sing N N 52  
DC  "C3'" "O3'"  sing N N 53  
DC  "C3'" "C2'"  sing N N 54  
DC  "C3'" "H3'"  sing N N 55  
DC  "O3'" "HO3'" sing N N 56  
DC  "C2'" "C1'"  sing N N 57  
DC  "C2'" "H2'"  sing N N 58  
DC  "C2'" "H2''" sing N N 59  
DC  "C1'" N1     sing N N 60  
DC  "C1'" "H1'"  sing N N 61  
DC  N1    C2     sing N N 62  
DC  N1    C6     sing N N 63  
DC  C2    O2     doub N N 64  
DC  C2    N3     sing N N 65  
DC  N3    C4     doub N N 66  
DC  C4    N4     sing N N 67  
DC  C4    C5     sing N N 68  
DC  N4    H41    sing N N 69  
DC  N4    H42    sing N N 70  
DC  C5    C6     doub N N 71  
DC  C5    H5     sing N N 72  
DC  C6    H6     sing N N 73  
DG  OP3   P      sing N N 74  
DG  OP3   HOP3   sing N N 75  
DG  P     OP1    doub N N 76  
DG  P     OP2    sing N N 77  
DG  P     "O5'"  sing N N 78  
DG  OP2   HOP2   sing N N 79  
DG  "O5'" "C5'"  sing N N 80  
DG  "C5'" "C4'"  sing N N 81  
DG  "C5'" "H5'"  sing N N 82  
DG  "C5'" "H5''" sing N N 83  
DG  "C4'" "O4'"  sing N N 84  
DG  "C4'" "C3'"  sing N N 85  
DG  "C4'" "H4'"  sing N N 86  
DG  "O4'" "C1'"  sing N N 87  
DG  "C3'" "O3'"  sing N N 88  
DG  "C3'" "C2'"  sing N N 89  
DG  "C3'" "H3'"  sing N N 90  
DG  "O3'" "HO3'" sing N N 91  
DG  "C2'" "C1'"  sing N N 92  
DG  "C2'" "H2'"  sing N N 93  
DG  "C2'" "H2''" sing N N 94  
DG  "C1'" N9     sing N N 95  
DG  "C1'" "H1'"  sing N N 96  
DG  N9    C8     sing Y N 97  
DG  N9    C4     sing Y N 98  
DG  C8    N7     doub Y N 99  
DG  C8    H8     sing N N 100 
DG  N7    C5     sing Y N 101 
DG  C5    C6     sing N N 102 
DG  C5    C4     doub Y N 103 
DG  C6    O6     doub N N 104 
DG  C6    N1     sing N N 105 
DG  N1    C2     sing N N 106 
DG  N1    H1     sing N N 107 
DG  C2    N2     sing N N 108 
DG  C2    N3     doub N N 109 
DG  N2    H21    sing N N 110 
DG  N2    H22    sing N N 111 
DG  N3    C4     sing N N 112 
DT  OP3   P      sing N N 113 
DT  OP3   HOP3   sing N N 114 
DT  P     OP1    doub N N 115 
DT  P     OP2    sing N N 116 
DT  P     "O5'"  sing N N 117 
DT  OP2   HOP2   sing N N 118 
DT  "O5'" "C5'"  sing N N 119 
DT  "C5'" "C4'"  sing N N 120 
DT  "C5'" "H5'"  sing N N 121 
DT  "C5'" "H5''" sing N N 122 
DT  "C4'" "O4'"  sing N N 123 
DT  "C4'" "C3'"  sing N N 124 
DT  "C4'" "H4'"  sing N N 125 
DT  "O4'" "C1'"  sing N N 126 
DT  "C3'" "O3'"  sing N N 127 
DT  "C3'" "C2'"  sing N N 128 
DT  "C3'" "H3'"  sing N N 129 
DT  "O3'" "HO3'" sing N N 130 
DT  "C2'" "C1'"  sing N N 131 
DT  "C2'" "H2'"  sing N N 132 
DT  "C2'" "H2''" sing N N 133 
DT  "C1'" N1     sing N N 134 
DT  "C1'" "H1'"  sing N N 135 
DT  N1    C2     sing N N 136 
DT  N1    C6     sing N N 137 
DT  C2    O2     doub N N 138 
DT  C2    N3     sing N N 139 
DT  N3    C4     sing N N 140 
DT  N3    H3     sing N N 141 
DT  C4    O4     doub N N 142 
DT  C4    C5     sing N N 143 
DT  C5    C7     sing N N 144 
DT  C5    C6     doub N N 145 
DT  C7    H71    sing N N 146 
DT  C7    H72    sing N N 147 
DT  C7    H73    sing N N 148 
DT  C6    H6     sing N N 149 
HOH O     H1     sing N N 150 
HOH O     H2     sing N N 151 
# 
loop_
_ndb_struct_conf_na.entry_id 
_ndb_struct_conf_na.feature 
4WO2 'double helix'    
4WO2 'hairpin loop'    
4WO2 'quadruple helix' 
# 
loop_
_ndb_struct_na_base_pair.model_number 
_ndb_struct_na_base_pair.i_label_asym_id 
_ndb_struct_na_base_pair.i_label_comp_id 
_ndb_struct_na_base_pair.i_label_seq_id 
_ndb_struct_na_base_pair.i_symmetry 
_ndb_struct_na_base_pair.j_label_asym_id 
_ndb_struct_na_base_pair.j_label_comp_id 
_ndb_struct_na_base_pair.j_label_seq_id 
_ndb_struct_na_base_pair.j_symmetry 
_ndb_struct_na_base_pair.shear 
_ndb_struct_na_base_pair.stretch 
_ndb_struct_na_base_pair.stagger 
_ndb_struct_na_base_pair.buckle 
_ndb_struct_na_base_pair.propeller 
_ndb_struct_na_base_pair.opening 
_ndb_struct_na_base_pair.pair_number 
_ndb_struct_na_base_pair.pair_name 
_ndb_struct_na_base_pair.i_auth_asym_id 
_ndb_struct_na_base_pair.i_auth_seq_id 
_ndb_struct_na_base_pair.i_PDB_ins_code 
_ndb_struct_na_base_pair.j_auth_asym_id 
_ndb_struct_na_base_pair.j_auth_seq_id 
_ndb_struct_na_base_pair.j_PDB_ins_code 
_ndb_struct_na_base_pair.hbond_type_28 
_ndb_struct_na_base_pair.hbond_type_12 
1 A DG 15 1_555 A DG 22 1_555 -1.692 -3.391 0.716  -14.572 2.363  90.191  1 A_DG15:DG22_A A 15 ? A 22 ? 6  3 
1 A DA 16 1_555 A DG 20 1_555 0.044  1.441  -0.072 16.625  16.818 -18.375 2 A_DA16:DG20_A A 16 ? A 20 ? 8  1 
1 A DG 17 1_555 A DA 19 1_555 2.421  -4.240 -0.613 27.103  -2.627 -78.039 3 A_DG17:DA19_A A 17 ? A 19 ? 10 6 
1 B DG 15 1_555 B DG 22 1_555 -1.919 -3.381 0.641  -13.185 4.113  86.187  4 B_DG15:DG22_B B 15 ? B 22 ? 6  3 
1 B DA 16 1_555 B DG 20 1_555 0.007  1.548  -0.391 18.631  20.674 -22.535 5 B_DA16:DG20_B B 16 ? B 20 ? 8  1 
1 B DG 17 1_555 B DA 19 1_555 3.150  -3.903 -1.067 41.544  -1.757 -67.333 6 B_DG17:DA19_B B 17 ? B 19 ? 10 6 
# 
loop_
_ndb_struct_na_base_pair_step.model_number 
_ndb_struct_na_base_pair_step.i_label_asym_id_1 
_ndb_struct_na_base_pair_step.i_label_comp_id_1 
_ndb_struct_na_base_pair_step.i_label_seq_id_1 
_ndb_struct_na_base_pair_step.i_symmetry_1 
_ndb_struct_na_base_pair_step.j_label_asym_id_1 
_ndb_struct_na_base_pair_step.j_label_comp_id_1 
_ndb_struct_na_base_pair_step.j_label_seq_id_1 
_ndb_struct_na_base_pair_step.j_symmetry_1 
_ndb_struct_na_base_pair_step.i_label_asym_id_2 
_ndb_struct_na_base_pair_step.i_label_comp_id_2 
_ndb_struct_na_base_pair_step.i_label_seq_id_2 
_ndb_struct_na_base_pair_step.i_symmetry_2 
_ndb_struct_na_base_pair_step.j_label_asym_id_2 
_ndb_struct_na_base_pair_step.j_label_comp_id_2 
_ndb_struct_na_base_pair_step.j_label_seq_id_2 
_ndb_struct_na_base_pair_step.j_symmetry_2 
_ndb_struct_na_base_pair_step.shift 
_ndb_struct_na_base_pair_step.slide 
_ndb_struct_na_base_pair_step.rise 
_ndb_struct_na_base_pair_step.tilt 
_ndb_struct_na_base_pair_step.roll 
_ndb_struct_na_base_pair_step.twist 
_ndb_struct_na_base_pair_step.x_displacement 
_ndb_struct_na_base_pair_step.y_displacement 
_ndb_struct_na_base_pair_step.helical_rise 
_ndb_struct_na_base_pair_step.inclination 
_ndb_struct_na_base_pair_step.tip 
_ndb_struct_na_base_pair_step.helical_twist 
_ndb_struct_na_base_pair_step.step_number 
_ndb_struct_na_base_pair_step.step_name 
_ndb_struct_na_base_pair_step.i_auth_asym_id_1 
_ndb_struct_na_base_pair_step.i_auth_seq_id_1 
_ndb_struct_na_base_pair_step.i_PDB_ins_code_1 
_ndb_struct_na_base_pair_step.j_auth_asym_id_1 
_ndb_struct_na_base_pair_step.j_auth_seq_id_1 
_ndb_struct_na_base_pair_step.j_PDB_ins_code_1 
_ndb_struct_na_base_pair_step.i_auth_asym_id_2 
_ndb_struct_na_base_pair_step.i_auth_seq_id_2 
_ndb_struct_na_base_pair_step.i_PDB_ins_code_2 
_ndb_struct_na_base_pair_step.j_auth_asym_id_2 
_ndb_struct_na_base_pair_step.j_auth_seq_id_2 
_ndb_struct_na_base_pair_step.j_PDB_ins_code_2 
1 A DG 15 1_555 A DG 22 1_555 A DA 16 1_555 A DG 20 1_555 1.414 1.682 3.000 10.190 -1.975 110.860 1.041 -0.745 3.061 -1.198 -6.179 
111.184 1 AA_DG15DA16:DG20DG22_AA A 15 ? A 22 ? A 16 ? A 20 ? 
1 A DA 16 1_555 A DG 20 1_555 A DG 17 1_555 A DA 19 1_555 1.103 0.707 3.107 8.274  -2.884 71.263  0.697 -0.673 3.176 -2.466 -7.075 
71.729  2 AA_DA16DG17:DA19DG20_AA A 16 ? A 20 ? A 17 ? A 19 ? 
1 B DG 15 1_555 B DG 22 1_555 B DA 16 1_555 B DG 20 1_555 1.513 1.885 2.944 14.080 -3.265 108.423 1.195 -0.767 3.026 -2.007 -8.655 
109.078 3 BB_DG15DA16:DG20DG22_BB B 15 ? B 22 ? B 16 ? B 20 ? 
1 B DA 16 1_555 B DG 20 1_555 B DG 17 1_555 B DA 19 1_555 2.434 0.432 2.939 9.853  1.993  74.811  0.297 -1.709 3.201 1.633  -8.075 
75.385  4 BB_DA16DG17:DA19DG20_BB B 16 ? B 20 ? B 17 ? B 19 ? 
# 
loop_
_pdbx_audit_support.funding_organization 
_pdbx_audit_support.country 
_pdbx_audit_support.grant_number 
_pdbx_audit_support.ordinal 
'Cancer Research UK' 'United Kingdom' C129/A4489           1 
'Cancer Research UK' 'United Kingdom' 'a China Fellowship' 2 
# 
_pdbx_initial_refinement_model.id               1 
_pdbx_initial_refinement_model.entity_id_list   ? 
_pdbx_initial_refinement_model.type             'experimental model' 
_pdbx_initial_refinement_model.source_name      PDB 
_pdbx_initial_refinement_model.accession_code   3QXR 
_pdbx_initial_refinement_model.details          ? 
# 
_atom_sites.entry_id                    4WO2 
_atom_sites.fract_transf_matrix[1][1]   0.02774144 
_atom_sites.fract_transf_matrix[1][2]   -0.01028368 
_atom_sites.fract_transf_matrix[1][3]   0.02176189 
_atom_sites.fract_transf_matrix[2][1]   0.00376739 
_atom_sites.fract_transf_matrix[2][2]   0.01503642 
_atom_sites.fract_transf_matrix[2][3]   0.03329543 
_atom_sites.fract_transf_matrix[3][1]   -0.00306844 
_atom_sites.fract_transf_matrix[3][2]   -0.00385687 
_atom_sites.fract_transf_matrix[3][3]   0.00208898 
_atom_sites.fract_transf_vector[1]      0.360846 
_atom_sites.fract_transf_vector[2]      0.124023 
_atom_sites.fract_transf_vector[3]      -0.082295 
# 
loop_
_atom_type.symbol 
C 
K 
N 
O 
P 
# 
loop_
_atom_site.group_PDB 
_atom_site.id 
_atom_site.type_symbol 
_atom_site.label_atom_id 
_atom_site.label_alt_id 
_atom_site.label_comp_id 
_atom_site.label_asym_id 
_atom_site.label_entity_id 
_atom_site.label_seq_id 
_atom_site.pdbx_PDB_ins_code 
_atom_site.Cartn_x 
_atom_site.Cartn_y 
_atom_site.Cartn_z 
_atom_site.occupancy 
_atom_site.B_iso_or_equiv 
_atom_site.pdbx_formal_charge 
_atom_site.auth_seq_id 
_atom_site.auth_comp_id 
_atom_site.auth_asym_id 
_atom_site.auth_atom_id 
_atom_site.pdbx_PDB_model_num 
ATOM   1    O "O5'" . DA  A 1 1  ? -2.589  8.526   -4.500  1.00 41.44 ? 1   DA  A "O5'" 1 
ATOM   2    C "C5'" . DA  A 1 1  ? -3.107  7.566   -5.421  1.00 43.28 ? 1   DA  A "C5'" 1 
ATOM   3    C "C4'" . DA  A 1 1  ? -4.354  8.097   -6.106  1.00 43.70 ? 1   DA  A "C4'" 1 
ATOM   4    O "O4'" . DA  A 1 1  ? -4.132  8.210   -7.518  1.00 44.13 ? 1   DA  A "O4'" 1 
ATOM   5    C "C3'" . DA  A 1 1  ? -5.581  7.207   -5.991  1.00 43.90 ? 1   DA  A "C3'" 1 
ATOM   6    O "O3'" . DA  A 1 1  ? -6.344  7.571   -4.838  1.00 43.96 ? 1   DA  A "O3'" 1 
ATOM   7    C "C2'" . DA  A 1 1  ? -6.350  7.436   -7.313  1.00 44.46 ? 1   DA  A "C2'" 1 
ATOM   8    C "C1'" . DA  A 1 1  ? -5.390  8.300   -8.141  1.00 44.52 ? 1   DA  A "C1'" 1 
ATOM   9    N N9    . DA  A 1 1  ? -5.253  7.883   -9.539  1.00 44.64 ? 1   DA  A N9    1 
ATOM   10   C C8    . DA  A 1 1  ? -5.022  6.616   -10.011 1.00 44.45 ? 1   DA  A C8    1 
ATOM   11   N N7    . DA  A 1 1  ? -4.937  6.543   -11.321 1.00 44.68 ? 1   DA  A N7    1 
ATOM   12   C C5    . DA  A 1 1  ? -5.114  7.855   -11.738 1.00 44.70 ? 1   DA  A C5    1 
ATOM   13   C C6    . DA  A 1 1  ? -5.131  8.456   -13.019 1.00 45.10 ? 1   DA  A C6    1 
ATOM   14   N N6    . DA  A 1 1  ? -4.957  7.770   -14.155 1.00 45.47 ? 1   DA  A N6    1 
ATOM   15   N N1    . DA  A 1 1  ? -5.333  9.792   -13.084 1.00 44.85 ? 1   DA  A N1    1 
ATOM   16   C C2    . DA  A 1 1  ? -5.505  10.480  -11.944 1.00 44.77 ? 1   DA  A C2    1 
ATOM   17   N N3    . DA  A 1 1  ? -5.513  10.029  -10.686 1.00 44.30 ? 1   DA  A N3    1 
ATOM   18   C C4    . DA  A 1 1  ? -5.309  8.696   -10.652 1.00 44.63 ? 1   DA  A C4    1 
ATOM   19   P P     . DG  A 1 2  ? -7.239  8.917   -4.777  1.00 43.62 ? 2   DG  A P     1 
ATOM   20   O OP1   . DG  A 1 2  ? -8.615  8.579   -5.233  1.00 42.24 ? 2   DG  A OP1   1 
ATOM   21   O OP2   . DG  A 1 2  ? -6.487  10.025  -5.415  1.00 42.77 ? 2   DG  A OP2   1 
ATOM   22   O "O5'" . DG  A 1 2  ? -7.283  9.198   -3.213  1.00 40.37 ? 2   DG  A "O5'" 1 
ATOM   23   C "C5'" . DG  A 1 2  ? -7.642  8.150   -2.333  1.00 35.30 ? 2   DG  A "C5'" 1 
ATOM   24   C "C4'" . DG  A 1 2  ? -6.718  8.099   -1.137  1.00 31.44 ? 2   DG  A "C4'" 1 
ATOM   25   O "O4'" . DG  A 1 2  ? -5.948  6.885   -1.158  1.00 28.46 ? 2   DG  A "O4'" 1 
ATOM   26   C "C3'" . DG  A 1 2  ? -5.711  9.244   -1.014  1.00 30.39 ? 2   DG  A "C3'" 1 
ATOM   27   O "O3'" . DG  A 1 2  ? -5.937  9.902   0.232   1.00 31.51 ? 2   DG  A "O3'" 1 
ATOM   28   C "C2'" . DG  A 1 2  ? -4.342  8.540   -1.062  1.00 28.02 ? 2   DG  A "C2'" 1 
ATOM   29   C "C1'" . DG  A 1 2  ? -4.702  7.147   -0.582  1.00 25.71 ? 2   DG  A "C1'" 1 
ATOM   30   N N9    . DG  A 1 2  ? -3.787  6.093   -1.008  1.00 22.40 ? 2   DG  A N9    1 
ATOM   31   C C8    . DG  A 1 2  ? -3.681  5.555   -2.271  1.00 21.70 ? 2   DG  A C8    1 
ATOM   32   N N7    . DG  A 1 2  ? -2.798  4.605   -2.355  1.00 19.92 ? 2   DG  A N7    1 
ATOM   33   C C5    . DG  A 1 2  ? -2.294  4.487   -1.068  1.00 19.84 ? 2   DG  A C5    1 
ATOM   34   C C6    . DG  A 1 2  ? -1.306  3.617   -0.553  1.00 18.51 ? 2   DG  A C6    1 
ATOM   35   O O6    . DG  A 1 2  ? -0.665  2.749   -1.156  1.00 17.75 ? 2   DG  A O6    1 
ATOM   36   N N1    . DG  A 1 2  ? -1.089  3.814   0.814   1.00 17.95 ? 2   DG  A N1    1 
ATOM   37   C C2    . DG  A 1 2  ? -1.743  4.755   1.580   1.00 18.40 ? 2   DG  A C2    1 
ATOM   38   N N2    . DG  A 1 2  ? -1.398  4.814   2.875   1.00 18.12 ? 2   DG  A N2    1 
ATOM   39   N N3    . DG  A 1 2  ? -2.674  5.579   1.106   1.00 18.94 ? 2   DG  A N3    1 
ATOM   40   C C4    . DG  A 1 2  ? -2.897  5.391   -0.222  1.00 20.21 ? 2   DG  A C4    1 
ATOM   41   P P     . DG  A 1 3  ? -5.150  11.238  0.619   1.00 31.87 ? 3   DG  A P     1 
ATOM   42   O OP1   . DG  A 1 3  ? -5.974  11.985  1.591   1.00 33.05 ? 3   DG  A OP1   1 
ATOM   43   O OP2   . DG  A 1 3  ? -4.679  11.903  -0.620  1.00 30.74 ? 3   DG  A OP2   1 
ATOM   44   O "O5'" . DG  A 1 3  ? -3.884  10.648  1.377   1.00 30.34 ? 3   DG  A "O5'" 1 
ATOM   45   C "C5'" . DG  A 1 3  ? -2.728  11.390  1.432   1.00 28.54 ? 3   DG  A "C5'" 1 
ATOM   46   C "C4'" . DG  A 1 3  ? -1.909  10.983  2.623   1.00 26.26 ? 3   DG  A "C4'" 1 
ATOM   47   O "O4'" . DG  A 1 3  ? -1.605  9.562   2.537   1.00 25.18 ? 3   DG  A "O4'" 1 
ATOM   48   C "C3'" . DG  A 1 3  ? -0.579  11.698  2.703   1.00 26.36 ? 3   DG  A "C3'" 1 
ATOM   49   O "O3'" . DG  A 1 3  ? -0.232  11.928  4.038   1.00 27.32 ? 3   DG  A "O3'" 1 
ATOM   50   C "C2'" . DG  A 1 3  ? 0.374   10.718  2.038   1.00 24.39 ? 3   DG  A "C2'" 1 
ATOM   51   C "C1'" . DG  A 1 3  ? -0.211  9.379   2.455   1.00 23.21 ? 3   DG  A "C1'" 1 
ATOM   52   N N9    . DG  A 1 3  ? 0.088   8.337   1.486   1.00 20.99 ? 3   DG  A N9    1 
ATOM   53   C C8    . DG  A 1 3  ? -0.424  8.216   0.216   1.00 20.29 ? 3   DG  A C8    1 
ATOM   54   N N7    . DG  A 1 3  ? 0.067   7.207   -0.444  1.00 18.81 ? 3   DG  A N7    1 
ATOM   55   C C5    . DG  A 1 3  ? 0.978   6.636   0.432   1.00 18.62 ? 3   DG  A C5    1 
ATOM   56   C C6    . DG  A 1 3  ? 1.814   5.509   0.265   1.00 17.96 ? 3   DG  A C6    1 
ATOM   57   O O6    . DG  A 1 3  ? 1.916   4.773   -0.736  1.00 17.13 ? 3   DG  A O6    1 
ATOM   58   N N1    . DG  A 1 3  ? 2.589   5.254   1.404   1.00 17.48 ? 3   DG  A N1    1 
ATOM   59   C C2    . DG  A 1 3  ? 2.552   6.006   2.563   1.00 17.82 ? 3   DG  A C2    1 
ATOM   60   N N2    . DG  A 1 3  ? 3.373   5.623   3.555   1.00 16.76 ? 3   DG  A N2    1 
ATOM   61   N N3    . DG  A 1 3  ? 1.770   7.069   2.728   1.00 17.98 ? 3   DG  A N3    1 
ATOM   62   C C4    . DG  A 1 3  ? 1.007   7.320   1.626   1.00 19.35 ? 3   DG  A C4    1 
ATOM   63   P P     . DG  A 1 4  ? 0.978   12.901  4.378   1.00 27.76 ? 4   DG  A P     1 
ATOM   64   O OP1   . DG  A 1 4  ? 0.649   13.587  5.646   1.00 29.20 ? 4   DG  A OP1   1 
ATOM   65   O OP2   . DG  A 1 4  ? 1.291   13.695  3.167   1.00 28.22 ? 4   DG  A OP2   1 
ATOM   66   O "O5'" . DG  A 1 4  ? 2.191   11.883  4.619   1.00 25.73 ? 4   DG  A "O5'" 1 
ATOM   67   C "C5'" . DG  A 1 4  ? 2.216   11.066  5.785   1.00 24.59 ? 4   DG  A "C5'" 1 
ATOM   68   C "C4'" . DG  A 1 4  ? 3.604   10.487  6.024   1.00 23.78 ? 4   DG  A "C4'" 1 
ATOM   69   O "O4'" . DG  A 1 4  ? 3.883   9.443   5.056   1.00 22.70 ? 4   DG  A "O4'" 1 
ATOM   70   C "C3'" . DG  A 1 4  ? 4.772   11.472  5.919   1.00 23.40 ? 4   DG  A "C3'" 1 
ATOM   71   O "O3'" . DG  A 1 4  ? 5.770   11.123  6.875   1.00 24.14 ? 4   DG  A "O3'" 1 
ATOM   72   C "C2'" . DG  A 1 4  ? 5.270   11.247  4.486   1.00 22.78 ? 4   DG  A "C2'" 1 
ATOM   73   C "C1'" . DG  A 1 4  ? 5.075   9.744   4.355   1.00 22.05 ? 4   DG  A "C1'" 1 
ATOM   74   N N9    . DG  A 1 4  ? 4.901   9.249   2.995   1.00 21.91 ? 4   DG  A N9    1 
ATOM   75   C C8    . DG  A 1 4  ? 4.042   9.729   2.033   1.00 21.15 ? 4   DG  A C8    1 
ATOM   76   N N7    . DG  A 1 4  ? 4.064   9.040   0.924   1.00 20.38 ? 4   DG  A N7    1 
ATOM   77   C C5    . DG  A 1 4  ? 4.979   8.023   1.174   1.00 20.72 ? 4   DG  A C5    1 
ATOM   78   C C6    . DG  A 1 4  ? 5.423   6.964   0.343   1.00 20.21 ? 4   DG  A C6    1 
ATOM   79   O O6    . DG  A 1 4  ? 5.072   6.700   -0.821  1.00 20.49 ? 4   DG  A O6    1 
ATOM   80   N N1    . DG  A 1 4  ? 6.360   6.152   0.989   1.00 20.34 ? 4   DG  A N1    1 
ATOM   81   C C2    . DG  A 1 4  ? 6.811   6.346   2.279   1.00 21.00 ? 4   DG  A C2    1 
ATOM   82   N N2    . DG  A 1 4  ? 7.719   5.472   2.733   1.00 20.97 ? 4   DG  A N2    1 
ATOM   83   N N3    . DG  A 1 4  ? 6.403   7.334   3.066   1.00 20.23 ? 4   DG  A N3    1 
ATOM   84   C C4    . DG  A 1 4  ? 5.493   8.132   2.451   1.00 20.99 ? 4   DG  A C4    1 
ATOM   85   P P     . DA  A 1 5  ? 5.604   11.516  8.430   1.00 25.06 ? 5   DA  A P     1 
ATOM   86   O OP1   . DA  A 1 5  ? 4.792   12.757  8.516   1.00 24.34 ? 5   DA  A OP1   1 
ATOM   87   O OP2   . DA  A 1 5  ? 6.948   11.471  9.044   1.00 25.12 ? 5   DA  A OP2   1 
ATOM   88   O "O5'" . DA  A 1 5  ? 4.755   10.297  9.028   1.00 25.07 ? 5   DA  A "O5'" 1 
ATOM   89   C "C5'" . DA  A 1 5  ? 5.355   9.005   9.192   1.00 25.34 ? 5   DA  A "C5'" 1 
ATOM   90   C "C4'" . DA  A 1 5  ? 4.687   8.237   10.323  1.00 25.61 ? 5   DA  A "C4'" 1 
ATOM   91   O "O4'" . DA  A 1 5  ? 5.046   8.840   11.584  1.00 26.93 ? 5   DA  A "O4'" 1 
ATOM   92   C "C3'" . DA  A 1 5  ? 3.165   8.229   10.283  1.00 25.29 ? 5   DA  A "C3'" 1 
ATOM   93   O "O3'" . DA  A 1 5  ? 2.727   7.074   9.579   1.00 24.65 ? 5   DA  A "O3'" 1 
ATOM   94   C "C2'" . DA  A 1 5  ? 2.764   8.159   11.761  1.00 25.98 ? 5   DA  A "C2'" 1 
ATOM   95   C "C1'" . DA  A 1 5  ? 3.958   8.786   12.489  1.00 26.48 ? 5   DA  A "C1'" 1 
ATOM   96   N N9    . DA  A 1 5  ? 3.714   10.139  12.988  1.00 27.37 ? 5   DA  A N9    1 
ATOM   97   C C8    . DA  A 1 5  ? 3.679   11.295  12.256  1.00 27.97 ? 5   DA  A C8    1 
ATOM   98   N N7    . DA  A 1 5  ? 3.459   12.371  12.976  1.00 28.42 ? 5   DA  A N7    1 
ATOM   99   C C5    . DA  A 1 5  ? 3.348   11.890  14.270  1.00 27.80 ? 5   DA  A C5    1 
ATOM   100  C C6    . DA  A 1 5  ? 3.116   12.531  15.509  1.00 28.08 ? 5   DA  A C6    1 
ATOM   101  N N6    . DA  A 1 5  ? 2.942   13.851  15.638  1.00 28.88 ? 5   DA  A N6    1 
ATOM   102  N N1    . DA  A 1 5  ? 3.064   11.756  16.614  1.00 28.19 ? 5   DA  A N1    1 
ATOM   103  C C2    . DA  A 1 5  ? 3.241   10.434  16.485  1.00 27.72 ? 5   DA  A C2    1 
ATOM   104  N N3    . DA  A 1 5  ? 3.466   9.721   15.379  1.00 27.46 ? 5   DA  A N3    1 
ATOM   105  C C4    . DA  A 1 5  ? 3.511   10.516  14.296  1.00 27.45 ? 5   DA  A C4    1 
ATOM   106  P P     . DG  A 1 6  ? 1.356   7.083   8.749   1.00 22.63 ? 6   DG  A P     1 
ATOM   107  O OP1   . DG  A 1 6  ? 1.581   7.839   7.501   1.00 23.39 ? 6   DG  A OP1   1 
ATOM   108  O OP2   . DG  A 1 6  ? 0.257   7.478   9.662   1.00 24.25 ? 6   DG  A OP2   1 
ATOM   109  O "O5'" . DG  A 1 6  ? 1.152   5.541   8.400   1.00 21.89 ? 6   DG  A "O5'" 1 
ATOM   110  C "C5'" . DG  A 1 6  ? 1.050   4.588   9.442   1.00 21.22 ? 6   DG  A "C5'" 1 
ATOM   111  C "C4'" . DG  A 1 6  ? 2.028   3.447   9.226   1.00 20.21 ? 6   DG  A "C4'" 1 
ATOM   112  O "O4'" . DG  A 1 6  ? 1.650   2.692   8.055   1.00 19.70 ? 6   DG  A "O4'" 1 
ATOM   113  C "C3'" . DG  A 1 6  ? 3.480   3.851   9.016   1.00 21.73 ? 6   DG  A "C3'" 1 
ATOM   114  O "O3'" . DG  A 1 6  ? 4.307   2.920   9.684   1.00 23.92 ? 6   DG  A "O3'" 1 
ATOM   115  C "C2'" . DG  A 1 6  ? 3.653   3.779   7.491   1.00 19.27 ? 6   DG  A "C2'" 1 
ATOM   116  C "C1'" . DG  A 1 6  ? 2.730   2.623   7.140   1.00 19.26 ? 6   DG  A "C1'" 1 
ATOM   117  N N9    . DG  A 1 6  ? 2.162   2.681   5.795   1.00 17.32 ? 6   DG  A N9    1 
ATOM   118  C C8    . DG  A 1 6  ? 1.218   3.578   5.338   1.00 17.03 ? 6   DG  A C8    1 
ATOM   119  N N7    . DG  A 1 6  ? 0.870   3.384   4.102   1.00 15.30 ? 6   DG  A N7    1 
ATOM   120  C C5    . DG  A 1 6  ? 1.617   2.279   3.712   1.00 15.96 ? 6   DG  A C5    1 
ATOM   121  C C6    . DG  A 1 6  ? 1.662   1.613   2.469   1.00 15.88 ? 6   DG  A C6    1 
ATOM   122  O O6    . DG  A 1 6  ? 1.016   1.871   1.445   1.00 13.62 ? 6   DG  A O6    1 
ATOM   123  N N1    . DG  A 1 6  ? 2.553   0.536   2.477   1.00 14.49 ? 6   DG  A N1    1 
ATOM   124  C C2    . DG  A 1 6  ? 3.312   0.154   3.561   1.00 16.18 ? 6   DG  A C2    1 
ATOM   125  N N2    . DG  A 1 6  ? 4.117   -0.904  3.383   1.00 15.48 ? 6   DG  A N2    1 
ATOM   126  N N3    . DG  A 1 6  ? 3.284   0.773   4.741   1.00 15.93 ? 6   DG  A N3    1 
ATOM   127  C C4    . DG  A 1 6  ? 2.416   1.829   4.742   1.00 16.73 ? 6   DG  A C4    1 
ATOM   128  P P     . DG  A 1 7  ? 5.834   3.270   9.986   1.00 26.76 ? 7   DG  A P     1 
ATOM   129  O OP1   . DG  A 1 7  ? 6.232   2.505   11.188  1.00 26.80 ? 7   DG  A OP1   1 
ATOM   130  O OP2   . DG  A 1 7  ? 5.994   4.742   9.944   1.00 26.10 ? 7   DG  A OP2   1 
ATOM   131  O "O5'" . DG  A 1 7  ? 6.590   2.664   8.714   1.00 26.51 ? 7   DG  A "O5'" 1 
ATOM   132  C "C5'" . DG  A 1 7  ? 7.099   1.337   8.785   1.00 26.99 ? 7   DG  A "C5'" 1 
ATOM   133  C "C4'" . DG  A 1 7  ? 7.846   0.954   7.524   1.00 26.09 ? 7   DG  A "C4'" 1 
ATOM   134  O "O4'" . DG  A 1 7  ? 6.979   1.068   6.380   1.00 25.75 ? 7   DG  A "O4'" 1 
ATOM   135  C "C3'" . DG  A 1 7  ? 9.100   1.777   7.207   1.00 26.02 ? 7   DG  A "C3'" 1 
ATOM   136  O "O3'" . DG  A 1 7  ? 10.184  0.870   7.063   1.00 26.20 ? 7   DG  A "O3'" 1 
ATOM   137  C "C2'" . DG  A 1 7  ? 8.747   2.486   5.888   1.00 25.06 ? 7   DG  A "C2'" 1 
ATOM   138  C "C1'" . DG  A 1 7  ? 7.737   1.523   5.291   1.00 23.53 ? 7   DG  A "C1'" 1 
ATOM   139  N N9    . DG  A 1 7  ? 6.822   2.121   4.331   1.00 21.49 ? 7   DG  A N9    1 
ATOM   140  C C8    . DG  A 1 7  ? 6.028   3.229   4.511   1.00 20.30 ? 7   DG  A C8    1 
ATOM   141  N N7    . DG  A 1 7  ? 5.294   3.518   3.471   1.00 19.29 ? 7   DG  A N7    1 
ATOM   142  C C5    . DG  A 1 7  ? 5.609   2.525   2.552   1.00 19.03 ? 7   DG  A C5    1 
ATOM   143  C C6    . DG  A 1 7  ? 5.128   2.316   1.241   1.00 17.59 ? 7   DG  A C6    1 
ATOM   144  O O6    . DG  A 1 7  ? 4.296   2.995   0.615   1.00 16.46 ? 7   DG  A O6    1 
ATOM   145  N N1    . DG  A 1 7  ? 5.712   1.200   0.639   1.00 16.36 ? 7   DG  A N1    1 
ATOM   146  C C2    . DG  A 1 7  ? 6.647   0.382   1.238   1.00 17.14 ? 7   DG  A C2    1 
ATOM   147  N N2    . DG  A 1 7  ? 7.093   -0.651  0.513   1.00 17.29 ? 7   DG  A N2    1 
ATOM   148  N N3    . DG  A 1 7  ? 7.110   0.569   2.468   1.00 17.93 ? 7   DG  A N3    1 
ATOM   149  C C4    . DG  A 1 7  ? 6.547   1.659   3.064   1.00 19.62 ? 7   DG  A C4    1 
ATOM   150  P P     . DG  A 1 8  ? 11.620  1.315   6.502   1.00 27.79 ? 8   DG  A P     1 
ATOM   151  O OP1   . DG  A 1 8  ? 12.627  0.489   7.201   1.00 29.46 ? 8   DG  A OP1   1 
ATOM   152  O OP2   . DG  A 1 8  ? 11.726  2.790   6.538   1.00 27.38 ? 8   DG  A OP2   1 
ATOM   153  O "O5'" . DG  A 1 8  ? 11.560  0.850   4.970   1.00 27.28 ? 8   DG  A "O5'" 1 
ATOM   154  C "C5'" . DG  A 1 8  ? 11.211  -0.502  4.655   1.00 25.29 ? 8   DG  A "C5'" 1 
ATOM   155  C "C4'" . DG  A 1 8  ? 11.651  -0.883  3.247   1.00 24.08 ? 8   DG  A "C4'" 1 
ATOM   156  O "O4'" . DG  A 1 8  ? 10.676  -0.426  2.283   1.00 21.93 ? 8   DG  A "O4'" 1 
ATOM   157  C "C3'" . DG  A 1 8  ? 12.995  -0.328  2.787   1.00 24.02 ? 8   DG  A "C3'" 1 
ATOM   158  O "O3'" . DG  A 1 8  ? 13.665  -1.308  2.007   1.00 26.62 ? 8   DG  A "O3'" 1 
ATOM   159  C "C2'" . DG  A 1 8  ? 12.599  0.884   1.944   1.00 22.84 ? 8   DG  A "C2'" 1 
ATOM   160  C "C1'" . DG  A 1 8  ? 11.284  0.417   1.333   1.00 21.24 ? 8   DG  A "C1'" 1 
ATOM   161  N N9    . DG  A 1 8  ? 10.341  1.489   1.054   1.00 20.20 ? 8   DG  A N9    1 
ATOM   162  C C8    . DG  A 1 8  ? 9.940   2.484   1.917   1.00 21.27 ? 8   DG  A C8    1 
ATOM   163  N N7    . DG  A 1 8  ? 9.058   3.292   1.402   1.00 20.01 ? 8   DG  A N7    1 
ATOM   164  C C5    . DG  A 1 8  ? 8.844   2.792   0.121   1.00 19.59 ? 8   DG  A C5    1 
ATOM   165  C C6    . DG  A 1 8  ? 7.991   3.255   -0.911  1.00 19.26 ? 8   DG  A C6    1 
ATOM   166  O O6    . DG  A 1 8  ? 7.224   4.230   -0.892  1.00 17.16 ? 8   DG  A O6    1 
ATOM   167  N N1    . DG  A 1 8  ? 8.079   2.456   -2.062  1.00 18.28 ? 8   DG  A N1    1 
ATOM   168  C C2    . DG  A 1 8  ? 8.895   1.354   -2.192  1.00 19.10 ? 8   DG  A C2    1 
ATOM   169  N N2    . DG  A 1 8  ? 8.857   0.716   -3.375  1.00 18.05 ? 8   DG  A N2    1 
ATOM   170  N N3    . DG  A 1 8  ? 9.696   0.909   -1.231  1.00 18.87 ? 8   DG  A N3    1 
ATOM   171  C C4    . DG  A 1 8  ? 9.626   1.680   -0.107  1.00 20.34 ? 8   DG  A C4    1 
ATOM   172  P P     . DC  A 1 9  ? 14.523  -2.459  2.717   1.00 28.07 ? 9   DC  A P     1 
ATOM   173  O OP1   . DC  A 1 9  ? 15.125  -1.885  3.947   1.00 29.06 ? 9   DC  A OP1   1 
ATOM   174  O OP2   . DC  A 1 9  ? 15.394  -3.068  1.688   1.00 29.24 ? 9   DC  A OP2   1 
ATOM   175  O "O5'" . DC  A 1 9  ? 13.428  -3.535  3.137   1.00 28.69 ? 9   DC  A "O5'" 1 
ATOM   176  C "C5'" . DC  A 1 9  ? 12.780  -4.343  2.153   1.00 29.96 ? 9   DC  A "C5'" 1 
ATOM   177  C "C4'" . DC  A 1 9  ? 11.994  -5.474  2.814   1.00 31.18 ? 9   DC  A "C4'" 1 
ATOM   178  O "O4'" . DC  A 1 9  ? 12.913  -6.434  3.401   1.00 32.57 ? 9   DC  A "O4'" 1 
ATOM   179  C "C3'" . DC  A 1 9  ? 11.051  -5.053  3.943   1.00 31.67 ? 9   DC  A "C3'" 1 
ATOM   180  O "O3'" . DC  A 1 9  ? 9.883   -5.860  3.927   1.00 31.06 ? 9   DC  A "O3'" 1 
ATOM   181  C "C2'" . DC  A 1 9  ? 11.871  -5.308  5.199   1.00 32.05 ? 9   DC  A "C2'" 1 
ATOM   182  C "C1'" . DC  A 1 9  ? 12.682  -6.536  4.800   1.00 33.42 ? 9   DC  A "C1'" 1 
ATOM   183  N N1    . DC  A 1 9  ? 14.002  -6.616  5.502   1.00 34.33 ? 9   DC  A N1    1 
ATOM   184  C C2    . DC  A 1 9  ? 14.079  -7.178  6.793   1.00 34.82 ? 9   DC  A C2    1 
ATOM   185  O O2    . DC  A 1 9  ? 13.049  -7.615  7.337   1.00 34.94 ? 9   DC  A O2    1 
ATOM   186  N N3    . DC  A 1 9  ? 15.288  -7.229  7.411   1.00 35.03 ? 9   DC  A N3    1 
ATOM   187  C C4    . DC  A 1 9  ? 16.377  -6.750  6.799   1.00 35.54 ? 9   DC  A C4    1 
ATOM   188  N N4    . DC  A 1 9  ? 17.538  -6.820  7.452   1.00 36.50 ? 9   DC  A N4    1 
ATOM   189  C C5    . DC  A 1 9  ? 16.322  -6.170  5.492   1.00 35.05 ? 9   DC  A C5    1 
ATOM   190  C C6    . DC  A 1 9  ? 15.127  -6.121  4.888   1.00 34.80 ? 9   DC  A C6    1 
ATOM   191  P P     . DG  A 1 10 ? 8.446   -5.178  3.849   1.00 29.69 ? 10  DG  A P     1 
ATOM   192  O OP1   . DG  A 1 10 ? 8.632   -3.710  3.874   1.00 27.87 ? 10  DG  A OP1   1 
ATOM   193  O OP2   . DG  A 1 10 ? 7.574   -5.838  4.857   1.00 29.90 ? 10  DG  A OP2   1 
ATOM   194  O "O5'" . DG  A 1 10 ? 7.930   -5.599  2.404   1.00 26.39 ? 10  DG  A "O5'" 1 
ATOM   195  C "C5'" . DG  A 1 10 ? 7.639   -6.952  2.098   1.00 24.35 ? 10  DG  A "C5'" 1 
ATOM   196  C "C4'" . DG  A 1 10 ? 7.113   -7.050  0.676   1.00 22.95 ? 10  DG  A "C4'" 1 
ATOM   197  O "O4'" . DG  A 1 10 ? 5.896   -6.260  0.568   1.00 22.05 ? 10  DG  A "O4'" 1 
ATOM   198  C "C3'" . DG  A 1 10 ? 8.057   -6.499  -0.402  1.00 22.24 ? 10  DG  A "C3'" 1 
ATOM   199  O "O3'" . DG  A 1 10 ? 7.933   -7.273  -1.589  1.00 22.62 ? 10  DG  A "O3'" 1 
ATOM   200  C "C2'" . DG  A 1 10 ? 7.534   -5.079  -0.619  1.00 21.08 ? 10  DG  A "C2'" 1 
ATOM   201  C "C1'" . DG  A 1 10 ? 6.039   -5.305  -0.459  1.00 20.22 ? 10  DG  A "C1'" 1 
ATOM   202  N N9    . DG  A 1 10 ? 5.285   -4.119  -0.092  1.00 19.29 ? 10  DG  A N9    1 
ATOM   203  C C8    . DG  A 1 10 ? 5.252   -3.501  1.136   1.00 18.22 ? 10  DG  A C8    1 
ATOM   204  N N7    . DG  A 1 10 ? 4.471   -2.454  1.166   1.00 18.33 ? 10  DG  A N7    1 
ATOM   205  C C5    . DG  A 1 10 ? 3.946   -2.385  -0.115  1.00 18.31 ? 10  DG  A C5    1 
ATOM   206  C C6    . DG  A 1 10 ? 3.038   -1.466  -0.677  1.00 17.41 ? 10  DG  A C6    1 
ATOM   207  O O6    . DG  A 1 10 ? 2.496   -0.496  -0.133  1.00 18.47 ? 10  DG  A O6    1 
ATOM   208  N N1    . DG  A 1 10 ? 2.767   -1.746  -2.016  1.00 17.91 ? 10  DG  A N1    1 
ATOM   209  C C2    . DG  A 1 10 ? 3.309   -2.797  -2.724  1.00 17.75 ? 10  DG  A C2    1 
ATOM   210  N N2    . DG  A 1 10 ? 2.935   -2.912  -4.008  1.00 19.04 ? 10  DG  A N2    1 
ATOM   211  N N3    . DG  A 1 10 ? 4.164   -3.669  -2.207  1.00 19.16 ? 10  DG  A N3    1 
ATOM   212  C C4    . DG  A 1 10 ? 4.438   -3.403  -0.901  1.00 19.18 ? 10  DG  A C4    1 
ATOM   213  P P     . DC  A 1 11 ? 9.104   -8.273  -2.037  1.00 21.14 ? 11  DC  A P     1 
ATOM   214  O OP1   . DC  A 1 11 ? 8.624   -9.657  -1.821  1.00 20.87 ? 11  DC  A OP1   1 
ATOM   215  O OP2   . DC  A 1 11 ? 10.376  -7.824  -1.419  1.00 21.48 ? 11  DC  A OP2   1 
ATOM   216  O "O5'" . DC  A 1 11 ? 9.216   -8.016  -3.602  1.00 21.97 ? 11  DC  A "O5'" 1 
ATOM   217  C "C5'" . DC  A 1 11 ? 9.318   -6.712  -4.116  1.00 22.60 ? 11  DC  A "C5'" 1 
ATOM   218  C "C4'" . DC  A 1 11 ? 8.924   -6.705  -5.584  1.00 23.33 ? 11  DC  A "C4'" 1 
ATOM   219  O "O4'" . DC  A 1 11 ? 9.687   -7.707  -6.308  1.00 23.09 ? 11  DC  A "O4'" 1 
ATOM   220  C "C3'" . DC  A 1 11 ? 7.463   -7.021  -5.877  1.00 23.78 ? 11  DC  A "C3'" 1 
ATOM   221  O "O3'" . DC  A 1 11 ? 7.117   -6.341  -7.031  1.00 27.56 ? 11  DC  A "O3'" 1 
ATOM   222  C "C2'" . DC  A 1 11 ? 7.497   -8.521  -6.133  1.00 23.76 ? 11  DC  A "C2'" 1 
ATOM   223  C "C1'" . DC  A 1 11 ? 8.803   -8.639  -6.903  1.00 23.10 ? 11  DC  A "C1'" 1 
ATOM   224  N N1    . DC  A 1 11 ? 9.415   -9.991  -6.853  1.00 23.32 ? 11  DC  A N1    1 
ATOM   225  C C2    . DC  A 1 11 ? 9.512   -10.746 -8.029  1.00 23.90 ? 11  DC  A C2    1 
ATOM   226  O O2    . DC  A 1 11 ? 9.084   -10.269 -9.089  1.00 25.56 ? 11  DC  A O2    1 
ATOM   227  N N3    . DC  A 1 11 ? 10.073  -11.979 -7.975  1.00 23.74 ? 11  DC  A N3    1 
ATOM   228  C C4    . DC  A 1 11 ? 10.523  -12.459 -6.814  1.00 24.19 ? 11  DC  A C4    1 
ATOM   229  N N4    . DC  A 1 11 ? 11.072  -13.680 -6.815  1.00 24.21 ? 11  DC  A N4    1 
ATOM   230  C C5    . DC  A 1 11 ? 10.441  -11.704 -5.602  1.00 24.11 ? 11  DC  A C5    1 
ATOM   231  C C6    . DC  A 1 11 ? 9.883   -10.490 -5.665  1.00 23.89 ? 11  DC  A C6    1 
ATOM   232  P P     . DT  A 1 12 ? 5.601   -6.099  -7.452  1.00 29.96 ? 12  DT  A P     1 
ATOM   233  O OP1   . DT  A 1 12 ? 4.784   -5.919  -6.232  1.00 31.29 ? 12  DT  A OP1   1 
ATOM   234  O OP2   . DT  A 1 12 ? 5.236   -7.134  -8.439  1.00 30.67 ? 12  DT  A OP2   1 
ATOM   235  O "O5'" . DT  A 1 12 ? 5.749   -4.706  -8.222  1.00 30.28 ? 12  DT  A "O5'" 1 
ATOM   236  C "C5'" . DT  A 1 12 ? 4.816   -3.648  -8.067  1.00 30.36 ? 12  DT  A "C5'" 1 
ATOM   237  C "C4'" . DT  A 1 12 ? 4.683   -2.916  -9.392  1.00 30.10 ? 12  DT  A "C4'" 1 
ATOM   238  O "O4'" . DT  A 1 12 ? 6.012   -2.602  -9.898  1.00 29.51 ? 12  DT  A "O4'" 1 
ATOM   239  C "C3'" . DT  A 1 12 ? 4.009   -3.740  -10.480 1.00 30.92 ? 12  DT  A "C3'" 1 
ATOM   240  O "O3'" . DT  A 1 12 ? 3.145   -2.933  -11.269 1.00 33.27 ? 12  DT  A "O3'" 1 
ATOM   241  C "C2'" . DT  A 1 12 ? 5.177   -4.295  -11.296 1.00 29.81 ? 12  DT  A "C2'" 1 
ATOM   242  C "C1'" . DT  A 1 12 ? 6.192   -3.172  -11.184 1.00 29.22 ? 12  DT  A "C1'" 1 
ATOM   243  N N1    . DT  A 1 12 ? 7.628   -3.638  -11.325 1.00 28.48 ? 12  DT  A N1    1 
ATOM   244  C C2    . DT  A 1 12 ? 8.382   -3.204  -12.407 1.00 28.67 ? 12  DT  A C2    1 
ATOM   245  O O2    . DT  A 1 12 ? 7.953   -2.451  -13.265 1.00 28.78 ? 12  DT  A O2    1 
ATOM   246  N N3    . DT  A 1 12 ? 9.674   -3.686  -12.440 1.00 27.34 ? 12  DT  A N3    1 
ATOM   247  C C4    . DT  A 1 12 ? 10.271  -4.540  -11.523 1.00 27.26 ? 12  DT  A C4    1 
ATOM   248  O O4    . DT  A 1 12 ? 11.439  -4.915  -11.634 1.00 27.16 ? 12  DT  A O4    1 
ATOM   249  C C5    . DT  A 1 12 ? 9.425   -4.956  -10.420 1.00 26.95 ? 12  DT  A C5    1 
ATOM   250  C C7    . DT  A 1 12 ? 9.963   -5.881  -9.369  1.00 27.11 ? 12  DT  A C7    1 
ATOM   251  C C6    . DT  A 1 12 ? 8.165   -4.495  -10.377 1.00 27.23 ? 12  DT  A C6    1 
ATOM   252  P P     . DG  A 1 13 ? 2.047   -3.645  -12.194 1.00 34.72 ? 13  DG  A P     1 
ATOM   253  O OP1   . DG  A 1 13 ? 1.870   -5.038  -11.713 1.00 34.75 ? 13  DG  A OP1   1 
ATOM   254  O OP2   . DG  A 1 13 ? 2.411   -3.388  -13.608 1.00 36.18 ? 13  DG  A OP2   1 
ATOM   255  O "O5'" . DG  A 1 13 ? 0.722   -2.829  -11.881 1.00 34.40 ? 13  DG  A "O5'" 1 
ATOM   256  C "C5'" . DG  A 1 13 ? 0.267   -2.700  -10.559 1.00 31.67 ? 13  DG  A "C5'" 1 
ATOM   257  C "C4'" . DG  A 1 13 ? -0.496  -1.405  -10.404 1.00 30.91 ? 13  DG  A "C4'" 1 
ATOM   258  O "O4'" . DG  A 1 13 ? -0.800  -1.193  -9.008  1.00 28.15 ? 13  DG  A "O4'" 1 
ATOM   259  C "C3'" . DG  A 1 13 ? 0.252   -0.159  -10.868 1.00 30.97 ? 13  DG  A "C3'" 1 
ATOM   260  O "O3'" . DG  A 1 13 ? -0.663  0.747   -11.462 1.00 33.46 ? 13  DG  A "O3'" 1 
ATOM   261  C "C2'" . DG  A 1 13 ? 0.830   0.395   -9.569  1.00 28.93 ? 13  DG  A "C2'" 1 
ATOM   262  C "C1'" . DG  A 1 13 ? -0.286  0.052   -8.589  1.00 26.77 ? 13  DG  A "C1'" 1 
ATOM   263  N N9    . DG  A 1 13 ? 0.167   -0.103  -7.215  1.00 23.62 ? 13  DG  A N9    1 
ATOM   264  C C8    . DG  A 1 13 ? 1.057   -1.040  -6.740  1.00 22.50 ? 13  DG  A C8    1 
ATOM   265  N N7    . DG  A 1 13 ? 1.270   -0.946  -5.456  1.00 21.76 ? 13  DG  A N7    1 
ATOM   266  C C5    . DG  A 1 13 ? 0.471   0.116   -5.060  1.00 20.31 ? 13  DG  A C5    1 
ATOM   267  C C6    . DG  A 1 13 ? 0.295   0.679   -3.786  1.00 18.87 ? 13  DG  A C6    1 
ATOM   268  O O6    . DG  A 1 13 ? 0.820   0.329   -2.723  1.00 16.59 ? 13  DG  A O6    1 
ATOM   269  N N1    . DG  A 1 13 ? -0.610  1.740   -3.796  1.00 17.58 ? 13  DG  A N1    1 
ATOM   270  C C2    . DG  A 1 13 ? -1.259  2.207   -4.915  1.00 18.93 ? 13  DG  A C2    1 
ATOM   271  N N2    . DG  A 1 13 ? -2.087  3.248   -4.731  1.00 17.00 ? 13  DG  A N2    1 
ATOM   272  N N3    . DG  A 1 13 ? -1.099  1.689   -6.133  1.00 18.79 ? 13  DG  A N3    1 
ATOM   273  C C4    . DG  A 1 13 ? -0.221  0.644   -6.126  1.00 21.13 ? 13  DG  A C4    1 
ATOM   274  P P     . DG  A 1 14 ? -0.141  1.931   -12.409 1.00 35.52 ? 14  DG  A P     1 
ATOM   275  O OP1   . DG  A 1 14 ? -1.089  2.036   -13.542 1.00 35.13 ? 14  DG  A OP1   1 
ATOM   276  O OP2   . DG  A 1 14 ? 1.309   1.731   -12.668 1.00 35.85 ? 14  DG  A OP2   1 
ATOM   277  O "O5'" . DG  A 1 14 ? -0.297  3.220   -11.473 1.00 32.76 ? 14  DG  A "O5'" 1 
ATOM   278  C "C5'" . DG  A 1 14 ? -1.585  3.765   -11.239 1.00 29.05 ? 14  DG  A "C5'" 1 
ATOM   279  C "C4'" . DG  A 1 14 ? -1.518  4.940   -10.279 1.00 26.30 ? 14  DG  A "C4'" 1 
ATOM   280  O "O4'" . DG  A 1 14 ? -1.084  4.489   -8.970  1.00 24.42 ? 14  DG  A "O4'" 1 
ATOM   281  C "C3'" . DG  A 1 14 ? -0.568  6.077   -10.669 1.00 25.33 ? 14  DG  A "C3'" 1 
ATOM   282  O "O3'" . DG  A 1 14 ? -1.228  7.295   -10.388 1.00 25.19 ? 14  DG  A "O3'" 1 
ATOM   283  C "C2'" . DG  A 1 14 ? 0.626   5.853   -9.731  1.00 24.28 ? 14  DG  A "C2'" 1 
ATOM   284  C "C1'" . DG  A 1 14 ? -0.102  5.370   -8.491  1.00 22.88 ? 14  DG  A "C1'" 1 
ATOM   285  N N9    . DG  A 1 14 ? 0.718   4.659   -7.516  1.00 20.96 ? 14  DG  A N9    1 
ATOM   286  C C8    . DG  A 1 14 ? 1.597   3.629   -7.746  1.00 19.18 ? 14  DG  A C8    1 
ATOM   287  N N7    . DG  A 1 14 ? 2.166   3.180   -6.662  1.00 18.12 ? 14  DG  A N7    1 
ATOM   288  C C5    . DG  A 1 14 ? 1.622   3.956   -5.648  1.00 18.53 ? 14  DG  A C5    1 
ATOM   289  C C6    . DG  A 1 14 ? 1.853   3.927   -4.251  1.00 17.64 ? 14  DG  A C6    1 
ATOM   290  O O6    . DG  A 1 14 ? 2.615   3.180   -3.610  1.00 14.73 ? 14  DG  A O6    1 
ATOM   291  N N1    . DG  A 1 14 ? 1.095   4.889   -3.578  1.00 17.85 ? 14  DG  A N1    1 
ATOM   292  C C2    . DG  A 1 14 ? 0.212   5.761   -4.180  1.00 18.56 ? 14  DG  A C2    1 
ATOM   293  N N2    . DG  A 1 14 ? -0.433  6.615   -3.368  1.00 18.49 ? 14  DG  A N2    1 
ATOM   294  N N3    . DG  A 1 14 ? -0.016  5.795   -5.487  1.00 18.40 ? 14  DG  A N3    1 
ATOM   295  C C4    . DG  A 1 14 ? 0.720   4.864   -6.155  1.00 19.67 ? 14  DG  A C4    1 
ATOM   296  P P     . DG  A 1 15 ? -0.728  8.694   -10.966 1.00 25.34 ? 15  DG  A P     1 
ATOM   297  O OP1   . DG  A 1 15 ? -1.825  9.250   -11.788 1.00 25.48 ? 15  DG  A OP1   1 
ATOM   298  O OP2   . DG  A 1 15 ? 0.629   8.535   -11.534 1.00 24.79 ? 15  DG  A OP2   1 
ATOM   299  O "O5'" . DG  A 1 15 ? -0.609  9.576   -9.645  1.00 25.57 ? 15  DG  A "O5'" 1 
ATOM   300  C "C5'" . DG  A 1 15 ? -1.782  9.837   -8.874  1.00 25.05 ? 15  DG  A "C5'" 1 
ATOM   301  C "C4'" . DG  A 1 15 ? -1.434  10.501  -7.558  1.00 25.46 ? 15  DG  A "C4'" 1 
ATOM   302  O "O4'" . DG  A 1 15 ? -0.711  9.572   -6.711  1.00 24.43 ? 15  DG  A "O4'" 1 
ATOM   303  C "C3'" . DG  A 1 15 ? -0.560  11.746  -7.670  1.00 25.76 ? 15  DG  A "C3'" 1 
ATOM   304  O "O3'" . DG  A 1 15 ? -1.096  12.746  -6.821  1.00 28.32 ? 15  DG  A "O3'" 1 
ATOM   305  C "C2'" . DG  A 1 15 ? 0.819   11.258  -7.199  1.00 24.68 ? 15  DG  A "C2'" 1 
ATOM   306  C "C1'" . DG  A 1 15 ? 0.423   10.208  -6.179  1.00 23.23 ? 15  DG  A "C1'" 1 
ATOM   307  N N9    . DG  A 1 15 ? 1.418   9.175   -5.932  1.00 22.35 ? 15  DG  A N9    1 
ATOM   308  C C8    . DG  A 1 15 ? 1.946   8.290   -6.845  1.00 20.27 ? 15  DG  A C8    1 
ATOM   309  N N7    . DG  A 1 15 ? 2.783   7.446   -6.322  1.00 20.01 ? 15  DG  A N7    1 
ATOM   310  C C5    . DG  A 1 15 ? 2.792   7.774   -4.968  1.00 19.13 ? 15  DG  A C5    1 
ATOM   311  C C6    . DG  A 1 15 ? 3.514   7.204   -3.897  1.00 17.30 ? 15  DG  A C6    1 
ATOM   312  O O6    . DG  A 1 15 ? 4.305   6.258   -3.929  1.00 15.55 ? 15  DG  A O6    1 
ATOM   313  N N1    . DG  A 1 15 ? 3.237   7.837   -2.676  1.00 17.66 ? 15  DG  A N1    1 
ATOM   314  C C2    . DG  A 1 15 ? 2.375   8.897   -2.525  1.00 18.21 ? 15  DG  A C2    1 
ATOM   315  N N2    . DG  A 1 15 ? 2.239   9.386   -1.277  1.00 18.53 ? 15  DG  A N2    1 
ATOM   316  N N3    . DG  A 1 15 ? 1.694   9.445   -3.527  1.00 19.59 ? 15  DG  A N3    1 
ATOM   317  C C4    . DG  A 1 15 ? 1.950   8.831   -4.715  1.00 20.32 ? 15  DG  A C4    1 
ATOM   318  P P     . DA  A 1 16 ? -0.595  14.259  -6.909  1.00 30.32 ? 16  DA  A P     1 
ATOM   319  O OP1   . DA  A 1 16 ? -1.747  15.116  -6.547  1.00 31.34 ? 16  DA  A OP1   1 
ATOM   320  O OP2   . DA  A 1 16 ? 0.106   14.458  -8.196  1.00 30.64 ? 16  DA  A OP2   1 
ATOM   321  O "O5'" . DA  A 1 16 ? 0.501   14.340  -5.751  1.00 29.15 ? 16  DA  A "O5'" 1 
ATOM   322  C "C5'" . DA  A 1 16 ? 0.137   14.047  -4.414  1.00 26.41 ? 16  DA  A "C5'" 1 
ATOM   323  C "C4'" . DA  A 1 16 ? 1.361   13.974  -3.528  1.00 25.33 ? 16  DA  A "C4'" 1 
ATOM   324  O "O4'" . DA  A 1 16 ? 2.158   12.812  -3.868  1.00 23.71 ? 16  DA  A "O4'" 1 
ATOM   325  C "C3'" . DA  A 1 16 ? 2.299   15.175  -3.598  1.00 25.26 ? 16  DA  A "C3'" 1 
ATOM   326  O "O3'" . DA  A 1 16 ? 2.725   15.486  -2.279  1.00 27.50 ? 16  DA  A "O3'" 1 
ATOM   327  C "C2'" . DA  A 1 16 ? 3.458   14.665  -4.462  1.00 24.11 ? 16  DA  A "C2'" 1 
ATOM   328  C "C1'" . DA  A 1 16 ? 3.501   13.192  -4.076  1.00 23.06 ? 16  DA  A "C1'" 1 
ATOM   329  N N9    . DA  A 1 16 ? 4.028   12.325  -5.116  1.00 21.54 ? 16  DA  A N9    1 
ATOM   330  C C8    . DA  A 1 16 ? 3.858   12.478  -6.455  1.00 22.06 ? 16  DA  A C8    1 
ATOM   331  N N7    . DA  A 1 16 ? 4.413   11.530  -7.174  1.00 20.83 ? 16  DA  A N7    1 
ATOM   332  C C5    . DA  A 1 16 ? 4.970   10.682  -6.232  1.00 20.24 ? 16  DA  A C5    1 
ATOM   333  C C6    . DA  A 1 16 ? 5.699   9.479   -6.352  1.00 19.91 ? 16  DA  A C6    1 
ATOM   334  N N6    . DA  A 1 16 ? 5.992   8.916   -7.529  1.00 19.87 ? 16  DA  A N6    1 
ATOM   335  N N1    . DA  A 1 16 ? 6.110   8.877   -5.213  1.00 18.39 ? 16  DA  A N1    1 
ATOM   336  C C2    . DA  A 1 16 ? 5.816   9.453   -4.037  1.00 18.47 ? 16  DA  A C2    1 
ATOM   337  N N3    . DA  A 1 16 ? 5.134   10.580  -3.802  1.00 18.89 ? 16  DA  A N3    1 
ATOM   338  C C4    . DA  A 1 16 ? 4.735   11.151  -4.955  1.00 20.67 ? 16  DA  A C4    1 
ATOM   339  P P     . DG  A 1 17 ? 3.622   16.774  -1.970  1.00 28.81 ? 17  DG  A P     1 
ATOM   340  O OP1   . DG  A 1 17 ? 3.243   17.253  -0.617  1.00 29.70 ? 17  DG  A OP1   1 
ATOM   341  O OP2   . DG  A 1 17 ? 3.554   17.692  -3.130  1.00 28.58 ? 17  DG  A OP2   1 
ATOM   342  O "O5'" . DG  A 1 17 ? 5.099   16.175  -1.904  1.00 27.68 ? 17  DG  A "O5'" 1 
ATOM   343  C "C5'" . DG  A 1 17 ? 5.436   15.221  -0.914  1.00 27.45 ? 17  DG  A "C5'" 1 
ATOM   344  C "C4'" . DG  A 1 17 ? 6.693   14.463  -1.303  1.00 27.94 ? 17  DG  A "C4'" 1 
ATOM   345  O "O4'" . DG  A 1 17 ? 6.537   13.870  -2.629  1.00 26.89 ? 17  DG  A "O4'" 1 
ATOM   346  C "C3'" . DG  A 1 17 ? 7.978   15.307  -1.385  1.00 28.56 ? 17  DG  A "C3'" 1 
ATOM   347  O "O3'" . DG  A 1 17 ? 9.056   14.532  -0.915  1.00 30.43 ? 17  DG  A "O3'" 1 
ATOM   348  C "C2'" . DG  A 1 17 ? 8.117   15.527  -2.881  1.00 27.75 ? 17  DG  A "C2'" 1 
ATOM   349  C "C1'" . DG  A 1 17 ? 7.713   14.142  -3.341  1.00 27.05 ? 17  DG  A "C1'" 1 
ATOM   350  N N9    . DG  A 1 17 ? 7.495   14.008  -4.771  1.00 26.24 ? 17  DG  A N9    1 
ATOM   351  C C8    . DG  A 1 17 ? 6.916   14.920  -5.620  1.00 26.91 ? 17  DG  A C8    1 
ATOM   352  N N7    . DG  A 1 17 ? 6.886   14.521  -6.860  1.00 26.84 ? 17  DG  A N7    1 
ATOM   353  C C5    . DG  A 1 17 ? 7.502   13.275  -6.828  1.00 26.62 ? 17  DG  A C5    1 
ATOM   354  C C6    . DG  A 1 17 ? 7.766   12.363  -7.875  1.00 25.98 ? 17  DG  A C6    1 
ATOM   355  O O6    . DG  A 1 17 ? 7.491   12.486  -9.072  1.00 29.52 ? 17  DG  A O6    1 
ATOM   356  N N1    . DG  A 1 17 ? 8.395   11.208  -7.425  1.00 25.30 ? 17  DG  A N1    1 
ATOM   357  C C2    . DG  A 1 17 ? 8.743   10.970  -6.126  1.00 24.50 ? 17  DG  A C2    1 
ATOM   358  N N2    . DG  A 1 17 ? 9.356   9.809   -5.886  1.00 23.67 ? 17  DG  A N2    1 
ATOM   359  N N3    . DG  A 1 17 ? 8.507   11.815  -5.130  1.00 25.11 ? 17  DG  A N3    1 
ATOM   360  C C4    . DG  A 1 17 ? 7.882   12.947  -5.556  1.00 25.75 ? 17  DG  A C4    1 
ATOM   361  P P     . DG  A 1 18 ? 10.035  15.092  0.196   1.00 31.18 ? 18  DG  A P     1 
ATOM   362  O OP1   . DG  A 1 18 ? 9.298   15.078  1.482   1.00 32.16 ? 18  DG  A OP1   1 
ATOM   363  O OP2   . DG  A 1 18 ? 10.631  16.351  -0.306  1.00 30.71 ? 18  DG  A OP2   1 
ATOM   364  O "O5'" . DG  A 1 18 ? 11.188  13.986  0.241   1.00 30.34 ? 18  DG  A "O5'" 1 
ATOM   365  C "C5'" . DG  A 1 18 ? 10.877  12.616  0.512   1.00 29.05 ? 18  DG  A "C5'" 1 
ATOM   366  C "C4'" . DG  A 1 18 ? 11.759  11.694  -0.314  1.00 27.68 ? 18  DG  A "C4'" 1 
ATOM   367  O "O4'" . DG  A 1 18 ? 11.300  11.689  -1.691  1.00 27.50 ? 18  DG  A "O4'" 1 
ATOM   368  C "C3'" . DG  A 1 18 ? 13.244  12.086  -0.366  1.00 27.19 ? 18  DG  A "C3'" 1 
ATOM   369  O "O3'" . DG  A 1 18 ? 14.069  10.931  -0.245  1.00 27.74 ? 18  DG  A "O3'" 1 
ATOM   370  C "C2'" . DG  A 1 18 ? 13.389  12.710  -1.756  1.00 26.69 ? 18  DG  A "C2'" 1 
ATOM   371  C "C1'" . DG  A 1 18 ? 12.405  11.875  -2.549  1.00 25.53 ? 18  DG  A "C1'" 1 
ATOM   372  N N9    . DG  A 1 18 ? 11.942  12.512  -3.778  1.00 23.91 ? 18  DG  A N9    1 
ATOM   373  C C8    . DG  A 1 18 ? 11.310  13.730  -3.901  1.00 23.51 ? 18  DG  A C8    1 
ATOM   374  N N7    . DG  A 1 18 ? 11.004  14.035  -5.133  1.00 23.84 ? 18  DG  A N7    1 
ATOM   375  C C5    . DG  A 1 18 ? 11.469  12.953  -5.878  1.00 23.05 ? 18  DG  A C5    1 
ATOM   376  C C6    . DG  A 1 18 ? 11.422  12.713  -7.278  1.00 22.88 ? 18  DG  A C6    1 
ATOM   377  O O6    . DG  A 1 18 ? 10.948  13.436  -8.162  1.00 23.67 ? 18  DG  A O6    1 
ATOM   378  N N1    . DG  A 1 18 ? 11.996  11.487  -7.617  1.00 22.03 ? 18  DG  A N1    1 
ATOM   379  C C2    . DG  A 1 18 ? 12.552  10.605  -6.719  1.00 22.52 ? 18  DG  A C2    1 
ATOM   380  N N2    . DG  A 1 18 ? 13.060  9.471   -7.232  1.00 22.61 ? 18  DG  A N2    1 
ATOM   381  N N3    . DG  A 1 18 ? 12.599  10.815  -5.405  1.00 22.23 ? 18  DG  A N3    1 
ATOM   382  C C4    . DG  A 1 18 ? 12.041  12.005  -5.057  1.00 23.38 ? 18  DG  A C4    1 
ATOM   383  P P     . DA  A 1 19 ? 14.183  10.128  1.129   1.00 28.42 ? 19  DA  A P     1 
ATOM   384  O OP1   . DA  A 1 19 ? 13.724  11.012  2.232   1.00 29.44 ? 19  DA  A OP1   1 
ATOM   385  O OP2   . DA  A 1 19 ? 15.531  9.524   1.185   1.00 28.45 ? 19  DA  A OP2   1 
ATOM   386  O "O5'" . DA  A 1 19 ? 13.124  8.947   0.935   1.00 28.39 ? 19  DA  A "O5'" 1 
ATOM   387  C "C5'" . DA  A 1 19 ? 13.290  8.015   -0.120  1.00 27.49 ? 19  DA  A "C5'" 1 
ATOM   388  C "C4'" . DA  A 1 19 ? 13.043  6.597   0.371   1.00 27.24 ? 19  DA  A "C4'" 1 
ATOM   389  O "O4'" . DA  A 1 19 ? 11.846  6.542   1.168   1.00 26.79 ? 19  DA  A "O4'" 1 
ATOM   390  C "C3'" . DA  A 1 19 ? 12.862  5.555   -0.725  1.00 27.25 ? 19  DA  A "C3'" 1 
ATOM   391  O "O3'" . DA  A 1 19 ? 13.601  4.379   -0.389  1.00 28.25 ? 19  DA  A "O3'" 1 
ATOM   392  C "C2'" . DA  A 1 19 ? 11.345  5.288   -0.781  1.00 26.85 ? 19  DA  A "C2'" 1 
ATOM   393  C "C1'" . DA  A 1 19 ? 10.767  6.116   0.379   1.00 26.65 ? 19  DA  A "C1'" 1 
ATOM   394  N N9    . DA  A 1 19 ? 10.004  7.306   -0.011  1.00 26.38 ? 19  DA  A N9    1 
ATOM   395  C C8    . DA  A 1 19 ? 9.182   8.041   0.803   1.00 26.35 ? 19  DA  A C8    1 
ATOM   396  N N7    . DA  A 1 19 ? 8.635   9.072   0.220   1.00 26.41 ? 19  DA  A N7    1 
ATOM   397  C C5    . DA  A 1 19 ? 9.134   9.024   -1.067  1.00 26.07 ? 19  DA  A C5    1 
ATOM   398  C C6    . DA  A 1 19 ? 8.931   9.848   -2.189  1.00 26.77 ? 19  DA  A C6    1 
ATOM   399  N N6    . DA  A 1 19 ? 8.130   10.926  -2.183  1.00 25.80 ? 19  DA  A N6    1 
ATOM   400  N N1    . DA  A 1 19 ? 9.587   9.524   -3.328  1.00 27.76 ? 19  DA  A N1    1 
ATOM   401  C C2    . DA  A 1 19 ? 10.386  8.451   -3.334  1.00 27.06 ? 19  DA  A C2    1 
ATOM   402  N N3    . DA  A 1 19 ? 10.650  7.602   -2.347  1.00 27.00 ? 19  DA  A N3    1 
ATOM   403  C C4    . DA  A 1 19 ? 9.983   7.942   -1.229  1.00 26.18 ? 19  DA  A C4    1 
ATOM   404  P P     . DG  A 1 20 ? 15.133  4.237   -0.845  1.00 29.44 ? 20  DG  A P     1 
ATOM   405  O OP1   . DG  A 1 20 ? 15.628  2.929   -0.369  1.00 29.43 ? 20  DG  A OP1   1 
ATOM   406  O OP2   . DG  A 1 20 ? 15.840  5.479   -0.458  1.00 30.14 ? 20  DG  A OP2   1 
ATOM   407  O "O5'" . DG  A 1 20 ? 15.028  4.218   -2.450  1.00 27.39 ? 20  DG  A "O5'" 1 
ATOM   408  C "C5'" . DG  A 1 20 ? 14.746  2.992   -3.146  1.00 24.42 ? 20  DG  A "C5'" 1 
ATOM   409  C "C4'" . DG  A 1 20 ? 13.267  2.645   -3.072  1.00 21.88 ? 20  DG  A "C4'" 1 
ATOM   410  O "O4'" . DG  A 1 20 ? 12.484  3.692   -3.694  1.00 20.86 ? 20  DG  A "O4'" 1 
ATOM   411  C "C3'" . DG  A 1 20 ? 12.866  1.339   -3.772  1.00 21.35 ? 20  DG  A "C3'" 1 
ATOM   412  O "O3'" . DG  A 1 20 ? 12.283  0.431   -2.822  1.00 21.25 ? 20  DG  A "O3'" 1 
ATOM   413  C "C2'" . DG  A 1 20 ? 11.845  1.780   -4.829  1.00 20.88 ? 20  DG  A "C2'" 1 
ATOM   414  C "C1'" . DG  A 1 20 ? 11.350  3.099   -4.260  1.00 20.32 ? 20  DG  A "C1'" 1 
ATOM   415  N N9    . DG  A 1 20 ? 10.770  4.001   -5.256  1.00 19.91 ? 20  DG  A N9    1 
ATOM   416  C C8    . DG  A 1 20 ? 11.144  4.139   -6.577  1.00 20.68 ? 20  DG  A C8    1 
ATOM   417  N N7    . DG  A 1 20 ? 10.440  5.022   -7.231  1.00 19.84 ? 20  DG  A N7    1 
ATOM   418  C C5    . DG  A 1 20 ? 9.535   5.504   -6.288  1.00 18.98 ? 20  DG  A C5    1 
ATOM   419  C C6    . DG  A 1 20 ? 8.511   6.478   -6.420  1.00 19.30 ? 20  DG  A C6    1 
ATOM   420  O O6    . DG  A 1 20 ? 8.196   7.127   -7.427  1.00 18.61 ? 20  DG  A O6    1 
ATOM   421  N N1    . DG  A 1 20 ? 7.816   6.670   -5.220  1.00 17.73 ? 20  DG  A N1    1 
ATOM   422  C C2    . DG  A 1 20 ? 8.081   6.005   -4.042  1.00 17.89 ? 20  DG  A C2    1 
ATOM   423  N N2    . DG  A 1 20 ? 7.299   6.319   -2.990  1.00 16.81 ? 20  DG  A N2    1 
ATOM   424  N N3    . DG  A 1 20 ? 9.036   5.091   -3.905  1.00 17.42 ? 20  DG  A N3    1 
ATOM   425  C C4    . DG  A 1 20 ? 9.722   4.888   -5.067  1.00 19.75 ? 20  DG  A C4    1 
ATOM   426  P P     . DG  A 1 21 ? 12.521  -1.146  -2.957  1.00 20.81 ? 21  DG  A P     1 
ATOM   427  O OP1   . DG  A 1 21 ? 12.313  -1.756  -1.622  1.00 20.67 ? 21  DG  A OP1   1 
ATOM   428  O OP2   . DG  A 1 21 ? 13.805  -1.350  -3.669  1.00 20.82 ? 21  DG  A OP2   1 
ATOM   429  O "O5'" . DG  A 1 21 ? 11.336  -1.613  -3.932  1.00 19.90 ? 21  DG  A "O5'" 1 
ATOM   430  C "C5'" . DG  A 1 21 ? 11.294  -2.975  -4.386  1.00 20.50 ? 21  DG  A "C5'" 1 
ATOM   431  C "C4'" . DG  A 1 21 ? 10.115  -3.213  -5.318  1.00 19.70 ? 21  DG  A "C4'" 1 
ATOM   432  O "O4'" . DG  A 1 21 ? 8.914   -3.374  -4.541  1.00 19.64 ? 21  DG  A "O4'" 1 
ATOM   433  C "C3'" . DG  A 1 21 ? 9.842   -2.093  -6.301  1.00 20.65 ? 21  DG  A "C3'" 1 
ATOM   434  O "O3'" . DG  A 1 21 ? 10.494  -2.399  -7.527  1.00 21.81 ? 21  DG  A "O3'" 1 
ATOM   435  C "C2'" . DG  A 1 21 ? 8.317   -2.095  -6.461  1.00 19.55 ? 21  DG  A "C2'" 1 
ATOM   436  C "C1'" . DG  A 1 21 ? 7.805   -2.801  -5.198  1.00 19.36 ? 21  DG  A "C1'" 1 
ATOM   437  N N9    . DG  A 1 21 ? 7.129   -1.930  -4.222  1.00 18.41 ? 21  DG  A N9    1 
ATOM   438  C C8    . DG  A 1 21 ? 7.328   -1.942  -2.854  1.00 17.88 ? 21  DG  A C8    1 
ATOM   439  N N7    . DG  A 1 21 ? 6.598   -1.079  -2.214  1.00 17.66 ? 21  DG  A N7    1 
ATOM   440  C C5    . DG  A 1 21 ? 5.857   -0.458  -3.206  1.00 17.34 ? 21  DG  A C5    1 
ATOM   441  C C6    . DG  A 1 21 ? 4.891   0.564   -3.100  1.00 17.45 ? 21  DG  A C6    1 
ATOM   442  O O6    . DG  A 1 21 ? 4.495   1.135   -2.072  1.00 16.75 ? 21  DG  A O6    1 
ATOM   443  N N1    . DG  A 1 21 ? 4.360   0.919   -4.341  1.00 16.70 ? 21  DG  A N1    1 
ATOM   444  C C2    . DG  A 1 21 ? 4.732   0.354   -5.542  1.00 17.10 ? 21  DG  A C2    1 
ATOM   445  N N2    . DG  A 1 21 ? 4.116   0.831   -6.639  1.00 15.84 ? 21  DG  A N2    1 
ATOM   446  N N3    . DG  A 1 21 ? 5.635   -0.614  -5.658  1.00 17.07 ? 21  DG  A N3    1 
ATOM   447  C C4    . DG  A 1 21 ? 6.161   -0.970  -4.452  1.00 18.03 ? 21  DG  A C4    1 
ATOM   448  P P     . DG  A 1 22 ? 11.247  -1.267  -8.357  1.00 22.17 ? 22  DG  A P     1 
ATOM   449  O OP1   . DG  A 1 22 ? 11.920  -1.932  -9.504  1.00 23.91 ? 22  DG  A OP1   1 
ATOM   450  O OP2   . DG  A 1 22 ? 12.035  -0.427  -7.427  1.00 21.96 ? 22  DG  A OP2   1 
ATOM   451  O "O5'" . DG  A 1 22 ? 10.047  -0.393  -8.904  1.00 22.73 ? 22  DG  A "O5'" 1 
ATOM   452  C "C5'" . DG  A 1 22 ? 9.197   -0.903  -9.916  1.00 22.78 ? 22  DG  A "C5'" 1 
ATOM   453  C "C4'" . DG  A 1 22 ? 8.603   0.237   -10.717 1.00 22.49 ? 22  DG  A "C4'" 1 
ATOM   454  O "O4'" . DG  A 1 22 ? 7.622   0.935   -9.911  1.00 22.84 ? 22  DG  A "O4'" 1 
ATOM   455  C "C3'" . DG  A 1 22 ? 9.597   1.300   -11.157 1.00 23.60 ? 22  DG  A "C3'" 1 
ATOM   456  O "O3'" . DG  A 1 22 ? 9.157   1.884   -12.376 1.00 24.23 ? 22  DG  A "O3'" 1 
ATOM   457  C "C2'" . DG  A 1 22 ? 9.564   2.302   -9.992  1.00 22.52 ? 22  DG  A "C2'" 1 
ATOM   458  C "C1'" . DG  A 1 22 ? 8.105   2.215   -9.542  1.00 21.69 ? 22  DG  A "C1'" 1 
ATOM   459  N N9    . DG  A 1 22 ? 7.888   2.354   -8.106  1.00 20.78 ? 22  DG  A N9    1 
ATOM   460  C C8    . DG  A 1 22 ? 8.519   1.665   -7.094  1.00 20.82 ? 22  DG  A C8    1 
ATOM   461  N N7    . DG  A 1 22 ? 8.079   1.976   -5.904  1.00 19.95 ? 22  DG  A N7    1 
ATOM   462  C C5    . DG  A 1 22 ? 7.083   2.910   -6.144  1.00 18.93 ? 22  DG  A C5    1 
ATOM   463  C C6    . DG  A 1 22 ? 6.250   3.609   -5.238  1.00 18.29 ? 22  DG  A C6    1 
ATOM   464  O O6    . DG  A 1 22 ? 6.225   3.526   -3.993  1.00 15.56 ? 22  DG  A O6    1 
ATOM   465  N N1    . DG  A 1 22 ? 5.374   4.474   -5.898  1.00 17.94 ? 22  DG  A N1    1 
ATOM   466  C C2    . DG  A 1 22 ? 5.316   4.638   -7.268  1.00 18.37 ? 22  DG  A C2    1 
ATOM   467  N N2    . DG  A 1 22 ? 4.409   5.511   -7.732  1.00 17.42 ? 22  DG  A N2    1 
ATOM   468  N N3    . DG  A 1 22 ? 6.093   3.992   -8.120  1.00 18.16 ? 22  DG  A N3    1 
ATOM   469  C C4    . DG  A 1 22 ? 6.947   3.146   -7.494  1.00 19.86 ? 22  DG  A C4    1 
ATOM   470  O "O5'" . DA  B 1 1  ? -10.187 4.035   -6.034  1.00 50.64 ? 1   DA  B "O5'" 1 
ATOM   471  C "C5'" . DA  B 1 1  ? -9.420  4.734   -7.007  1.00 50.41 ? 1   DA  B "C5'" 1 
ATOM   472  C "C4'" . DA  B 1 1  ? -9.430  3.987   -8.337  1.00 50.23 ? 1   DA  B "C4'" 1 
ATOM   473  O "O4'" . DA  B 1 1  ? -9.930  4.852   -9.392  1.00 50.14 ? 1   DA  B "O4'" 1 
ATOM   474  C "C3'" . DA  B 1 1  ? -8.072  3.502   -8.819  1.00 49.70 ? 1   DA  B "C3'" 1 
ATOM   475  O "O3'" . DA  B 1 1  ? -8.230  2.302   -9.577  1.00 48.92 ? 1   DA  B "O3'" 1 
ATOM   476  C "C2'" . DA  B 1 1  ? -7.583  4.663   -9.689  1.00 49.54 ? 1   DA  B "C2'" 1 
ATOM   477  C "C1'" . DA  B 1 1  ? -8.884  5.199   -10.287 1.00 49.22 ? 1   DA  B "C1'" 1 
ATOM   478  N N9    . DA  B 1 1  ? -8.910  6.653   -10.452 1.00 48.60 ? 1   DA  B N9    1 
ATOM   479  C C8    . DA  B 1 1  ? -9.090  7.585   -9.468  1.00 48.64 ? 1   DA  B C8    1 
ATOM   480  N N7    . DA  B 1 1  ? -9.087  8.824   -9.898  1.00 48.03 ? 1   DA  B N7    1 
ATOM   481  C C5    . DA  B 1 1  ? -8.905  8.700   -11.262 1.00 47.70 ? 1   DA  B C5    1 
ATOM   482  C C6    . DA  B 1 1  ? -8.812  9.658   -12.296 1.00 47.65 ? 1   DA  B C6    1 
ATOM   483  N N6    . DA  B 1 1  ? -8.898  10.977  -12.084 1.00 47.82 ? 1   DA  B N6    1 
ATOM   484  N N1    . DA  B 1 1  ? -8.622  9.204   -13.556 1.00 47.16 ? 1   DA  B N1    1 
ATOM   485  C C2    . DA  B 1 1  ? -8.532  7.883   -13.760 1.00 47.20 ? 1   DA  B C2    1 
ATOM   486  N N3    . DA  B 1 1  ? -8.609  6.887   -12.870 1.00 47.65 ? 1   DA  B N3    1 
ATOM   487  C C4    . DA  B 1 1  ? -8.795  7.368   -11.626 1.00 47.93 ? 1   DA  B C4    1 
ATOM   488  P P     . DG  B 1 2  ? -7.928  0.873   -8.911  1.00 48.06 ? 2   DG  B P     1 
ATOM   489  O OP1   . DG  B 1 2  ? -8.171  -0.164  -9.944  1.00 48.71 ? 2   DG  B OP1   1 
ATOM   490  O OP2   . DG  B 1 2  ? -8.646  0.803   -7.615  1.00 48.39 ? 2   DG  B OP2   1 
ATOM   491  O "O5'" . DG  B 1 2  ? -6.355  0.951   -8.602  1.00 44.46 ? 2   DG  B "O5'" 1 
ATOM   492  C "C5'" . DG  B 1 2  ? -5.415  0.996   -9.674  1.00 38.72 ? 2   DG  B "C5'" 1 
ATOM   493  C "C4'" . DG  B 1 2  ? -4.443  -0.171  -9.605  1.00 34.87 ? 2   DG  B "C4'" 1 
ATOM   494  O "O4'" . DG  B 1 2  ? -3.606  -0.058  -8.422  1.00 31.63 ? 2   DG  B "O4'" 1 
ATOM   495  C "C3'" . DG  B 1 2  ? -5.068  -1.563  -9.548  1.00 33.87 ? 2   DG  B "C3'" 1 
ATOM   496  O "O3'" . DG  B 1 2  ? -4.281  -2.438  -10.345 1.00 35.47 ? 2   DG  B "O3'" 1 
ATOM   497  C "C2'" . DG  B 1 2  ? -4.983  -1.913  -8.055  1.00 31.19 ? 2   DG  B "C2'" 1 
ATOM   498  C "C1'" . DG  B 1 2  ? -3.670  -1.249  -7.664  1.00 28.76 ? 2   DG  B "C1'" 1 
ATOM   499  N N9    . DG  B 1 2  ? -3.576  -0.882  -6.247  1.00 24.54 ? 2   DG  B N9    1 
ATOM   500  C C8    . DG  B 1 2  ? -4.244  0.145   -5.620  1.00 23.15 ? 2   DG  B C8    1 
ATOM   501  N N7    . DG  B 1 2  ? -3.961  0.259   -4.357  1.00 21.73 ? 2   DG  B N7    1 
ATOM   502  C C5    . DG  B 1 2  ? -3.037  -0.749  -4.123  1.00 20.17 ? 2   DG  B C5    1 
ATOM   503  C C6    . DG  B 1 2  ? -2.373  -1.115  -2.929  1.00 20.03 ? 2   DG  B C6    1 
ATOM   504  O O6    . DG  B 1 2  ? -2.470  -0.589  -1.805  1.00 18.12 ? 2   DG  B O6    1 
ATOM   505  N N1    . DG  B 1 2  ? -1.506  -2.199  -3.119  1.00 17.82 ? 2   DG  B N1    1 
ATOM   506  C C2    . DG  B 1 2  ? -1.317  -2.850  -4.320  1.00 18.90 ? 2   DG  B C2    1 
ATOM   507  N N2    . DG  B 1 2  ? -0.447  -3.874  -4.315  1.00 17.70 ? 2   DG  B N2    1 
ATOM   508  N N3    . DG  B 1 2  ? -1.936  -2.517  -5.447  1.00 19.63 ? 2   DG  B N3    1 
ATOM   509  C C4    . DG  B 1 2  ? -2.781  -1.462  -5.276  1.00 21.85 ? 2   DG  B C4    1 
ATOM   510  P P     . DG  B 1 3  ? -4.758  -3.932  -10.673 1.00 37.04 ? 3   DG  B P     1 
ATOM   511  O OP1   . DG  B 1 3  ? -3.826  -4.483  -11.681 1.00 37.73 ? 3   DG  B OP1   1 
ATOM   512  O OP2   . DG  B 1 3  ? -6.217  -3.908  -10.941 1.00 36.45 ? 3   DG  B OP2   1 
ATOM   513  O "O5'" . DG  B 1 3  ? -4.513  -4.699  -9.294  1.00 35.52 ? 3   DG  B "O5'" 1 
ATOM   514  C "C5'" . DG  B 1 3  ? -5.029  -6.000  -9.119  1.00 33.78 ? 3   DG  B "C5'" 1 
ATOM   515  C "C4'" . DG  B 1 3  ? -4.000  -6.918  -8.480  1.00 31.93 ? 3   DG  B "C4'" 1 
ATOM   516  O "O4'" . DG  B 1 3  ? -3.320  -6.224  -7.392  1.00 30.45 ? 3   DG  B "O4'" 1 
ATOM   517  C "C3'" . DG  B 1 3  ? -4.588  -8.182  -7.870  1.00 31.84 ? 3   DG  B "C3'" 1 
ATOM   518  O "O3'" . DG  B 1 3  ? -3.714  -9.269  -8.051  1.00 33.32 ? 3   DG  B "O3'" 1 
ATOM   519  C "C2'" . DG  B 1 3  ? -4.730  -7.824  -6.396  1.00 30.25 ? 3   DG  B "C2'" 1 
ATOM   520  C "C1'" . DG  B 1 3  ? -3.541  -6.901  -6.172  1.00 27.81 ? 3   DG  B "C1'" 1 
ATOM   521  N N9    . DG  B 1 3  ? -3.807  -5.915  -5.134  1.00 24.96 ? 3   DG  B N9    1 
ATOM   522  C C8    . DG  B 1 3  ? -4.596  -4.798  -5.248  1.00 23.23 ? 3   DG  B C8    1 
ATOM   523  N N7    . DG  B 1 3  ? -4.676  -4.111  -4.146  1.00 23.33 ? 3   DG  B N7    1 
ATOM   524  C C5    . DG  B 1 3  ? -3.897  -4.823  -3.243  1.00 22.13 ? 3   DG  B C5    1 
ATOM   525  C C6    . DG  B 1 3  ? -3.609  -4.554  -1.890  1.00 21.16 ? 3   DG  B C6    1 
ATOM   526  O O6    . DG  B 1 3  ? -4.008  -3.604  -1.201  1.00 21.30 ? 3   DG  B O6    1 
ATOM   527  N N1    . DG  B 1 3  ? -2.786  -5.525  -1.324  1.00 20.65 ? 3   DG  B N1    1 
ATOM   528  C C2    . DG  B 1 3  ? -2.289  -6.622  -2.001  1.00 20.64 ? 3   DG  B C2    1 
ATOM   529  N N2    . DG  B 1 3  ? -1.502  -7.453  -1.299  1.00 19.94 ? 3   DG  B N2    1 
ATOM   530  N N3    . DG  B 1 3  ? -2.552  -6.883  -3.277  1.00 21.43 ? 3   DG  B N3    1 
ATOM   531  C C4    . DG  B 1 3  ? -3.362  -5.941  -3.832  1.00 22.19 ? 3   DG  B C4    1 
ATOM   532  P P     . DG  B 1 4  ? -4.231  -10.751 -7.751  1.00 35.06 ? 4   DG  B P     1 
ATOM   533  O OP1   . DG  B 1 4  ? -3.465  -11.676 -8.618  1.00 35.78 ? 4   DG  B OP1   1 
ATOM   534  O OP2   . DG  B 1 4  ? -5.716  -10.737 -7.804  1.00 34.25 ? 4   DG  B OP2   1 
ATOM   535  O "O5'" . DG  B 1 4  ? -3.798  -10.989 -6.226  1.00 33.10 ? 4   DG  B "O5'" 1 
ATOM   536  C "C5'" . DG  B 1 4  ? -2.455  -11.286 -5.907  1.00 31.30 ? 4   DG  B "C5'" 1 
ATOM   537  C "C4'" . DG  B 1 4  ? -2.342  -11.910 -4.523  1.00 30.22 ? 4   DG  B "C4'" 1 
ATOM   538  O "O4'" . DG  B 1 4  ? -2.615  -10.918 -3.507  1.00 28.71 ? 4   DG  B "O4'" 1 
ATOM   539  C "C3'" . DG  B 1 4  ? -3.290  -13.068 -4.222  1.00 30.53 ? 4   DG  B "C3'" 1 
ATOM   540  O "O3'" . DG  B 1 4  ? -2.629  -13.997 -3.358  1.00 32.40 ? 4   DG  B "O3'" 1 
ATOM   541  C "C2'" . DG  B 1 4  ? -4.446  -12.367 -3.498  1.00 28.92 ? 4   DG  B "C2'" 1 
ATOM   542  C "C1'" . DG  B 1 4  ? -3.664  -11.365 -2.663  1.00 26.85 ? 4   DG  B "C1'" 1 
ATOM   543  N N9    . DG  B 1 4  ? -4.398  -10.177 -2.250  1.00 24.15 ? 4   DG  B N9    1 
ATOM   544  C C8    . DG  B 1 4  ? -5.221  -9.400  -3.026  1.00 23.35 ? 4   DG  B C8    1 
ATOM   545  N N7    . DG  B 1 4  ? -5.690  -8.357  -2.399  1.00 21.37 ? 4   DG  B N7    1 
ATOM   546  C C5    . DG  B 1 4  ? -5.118  -8.433  -1.141  1.00 21.80 ? 4   DG  B C5    1 
ATOM   547  C C6    . DG  B 1 4  ? -5.254  -7.573  -0.032  1.00 20.96 ? 4   DG  B C6    1 
ATOM   548  O O6    . DG  B 1 4  ? -5.925  -6.539  0.049   1.00 20.74 ? 4   DG  B O6    1 
ATOM   549  N N1    . DG  B 1 4  ? -4.501  -8.003  1.059   1.00 19.98 ? 4   DG  B N1    1 
ATOM   550  C C2    . DG  B 1 4  ? -3.716  -9.135  1.076   1.00 21.37 ? 4   DG  B C2    1 
ATOM   551  N N2    . DG  B 1 4  ? -3.070  -9.398  2.223   1.00 21.64 ? 4   DG  B N2    1 
ATOM   552  N N3    . DG  B 1 4  ? -3.586  -9.957  0.044   1.00 21.69 ? 4   DG  B N3    1 
ATOM   553  C C4    . DG  B 1 4  ? -4.312  -9.541  -1.033  1.00 22.24 ? 4   DG  B C4    1 
ATOM   554  P P     . DA  B 1 5  ? -1.547  -15.030 -3.937  1.00 33.66 ? 5   DA  B P     1 
ATOM   555  O OP1   . DA  B 1 5  ? -1.914  -15.330 -5.343  1.00 34.26 ? 5   DA  B OP1   1 
ATOM   556  O OP2   . DA  B 1 5  ? -1.415  -16.132 -2.960  1.00 33.61 ? 5   DA  B OP2   1 
ATOM   557  O "O5'" . DA  B 1 5  ? -0.183  -14.190 -3.916  1.00 33.49 ? 5   DA  B "O5'" 1 
ATOM   558  C "C5'" . DA  B 1 5  ? 0.561   -14.050 -2.701  1.00 34.35 ? 5   DA  B "C5'" 1 
ATOM   559  C "C4'" . DA  B 1 5  ? 1.946   -13.487 -2.971  1.00 34.63 ? 5   DA  B "C4'" 1 
ATOM   560  O "O4'" . DA  B 1 5  ? 2.893   -14.578 -3.119  1.00 35.68 ? 5   DA  B "O4'" 1 
ATOM   561  C "C3'" . DA  B 1 5  ? 2.058   -12.640 -4.244  1.00 34.52 ? 5   DA  B "C3'" 1 
ATOM   562  O "O3'" . DA  B 1 5  ? 2.648   -11.387 -3.956  1.00 32.40 ? 5   DA  B "O3'" 1 
ATOM   563  C "C2'" . DA  B 1 5  ? 2.934   -13.475 -5.179  1.00 35.32 ? 5   DA  B "C2'" 1 
ATOM   564  C "C1'" . DA  B 1 5  ? 3.747   -14.311 -4.205  1.00 36.26 ? 5   DA  B "C1'" 1 
ATOM   565  N N9    . DA  B 1 5  ? 4.197   -15.582 -4.775  1.00 37.39 ? 5   DA  B N9    1 
ATOM   566  C C8    . DA  B 1 5  ? 3.701   -16.207 -5.891  1.00 37.14 ? 5   DA  B C8    1 
ATOM   567  N N7    . DA  B 1 5  ? 4.303   -17.336 -6.176  1.00 37.61 ? 5   DA  B N7    1 
ATOM   568  C C5    . DA  B 1 5  ? 5.262   -17.462 -5.185  1.00 38.14 ? 5   DA  B C5    1 
ATOM   569  C C6    . DA  B 1 5  ? 6.237   -18.454 -4.924  1.00 38.58 ? 5   DA  B C6    1 
ATOM   570  N N6    . DA  B 1 5  ? 6.396   -19.542 -5.680  1.00 38.53 ? 5   DA  B N6    1 
ATOM   571  N N1    . DA  B 1 5  ? 7.041   -18.278 -3.847  1.00 39.27 ? 5   DA  B N1    1 
ATOM   572  C C2    . DA  B 1 5  ? 6.877   -17.182 -3.088  1.00 39.26 ? 5   DA  B C2    1 
ATOM   573  N N3    . DA  B 1 5  ? 5.997   -16.184 -3.235  1.00 39.24 ? 5   DA  B N3    1 
ATOM   574  C C4    . DA  B 1 5  ? 5.212   -16.387 -4.312  1.00 38.03 ? 5   DA  B C4    1 
ATOM   575  P P     . DG  B 1 6  ? 2.268   -10.123 -4.850  1.00 32.38 ? 6   DG  B P     1 
ATOM   576  O OP1   . DG  B 1 6  ? 0.802   -9.940  -4.785  1.00 32.03 ? 6   DG  B OP1   1 
ATOM   577  O OP2   . DG  B 1 6  ? 2.929   -10.284 -6.171  1.00 32.33 ? 6   DG  B OP2   1 
ATOM   578  O "O5'" . DG  B 1 6  ? 2.979   -8.906  -4.086  1.00 30.04 ? 6   DG  B "O5'" 1 
ATOM   579  C "C5'" . DG  B 1 6  ? 4.368   -8.967  -3.760  1.00 26.46 ? 6   DG  B "C5'" 1 
ATOM   580  C "C4'" . DG  B 1 6  ? 4.590   -8.765  -2.267  1.00 24.75 ? 6   DG  B "C4'" 1 
ATOM   581  O "O4'" . DG  B 1 6  ? 4.177   -7.429  -1.876  1.00 23.96 ? 6   DG  B "O4'" 1 
ATOM   582  C "C3'" . DG  B 1 6  ? 3.824   -9.716  -1.357  1.00 24.17 ? 6   DG  B "C3'" 1 
ATOM   583  O "O3'" . DG  B 1 6  ? 4.638   -10.066 -0.257  1.00 24.75 ? 6   DG  B "O3'" 1 
ATOM   584  C "C2'" . DG  B 1 6  ? 2.611   -8.890  -0.923  1.00 22.88 ? 6   DG  B "C2'" 1 
ATOM   585  C "C1'" . DG  B 1 6  ? 3.216   -7.501  -0.836  1.00 22.33 ? 6   DG  B "C1'" 1 
ATOM   586  N N9    . DG  B 1 6  ? 2.259   -6.419  -1.048  1.00 20.84 ? 6   DG  B N9    1 
ATOM   587  C C8    . DG  B 1 6  ? 1.589   -6.133  -2.210  1.00 19.89 ? 6   DG  B C8    1 
ATOM   588  N N7    . DG  B 1 6  ? 0.819   -5.090  -2.121  1.00 20.13 ? 6   DG  B N7    1 
ATOM   589  C C5    . DG  B 1 6  ? 1.000   -4.643  -0.818  1.00 18.92 ? 6   DG  B C5    1 
ATOM   590  C C6    . DG  B 1 6  ? 0.423   -3.542  -0.148  1.00 17.77 ? 6   DG  B C6    1 
ATOM   591  O O6    . DG  B 1 6  ? -0.383  -2.714  -0.593  1.00 16.28 ? 6   DG  B O6    1 
ATOM   592  N N1    . DG  B 1 6  ? 0.869   -3.433  1.169   1.00 18.31 ? 6   DG  B N1    1 
ATOM   593  C C2    . DG  B 1 6  ? 1.770   -4.285  1.764   1.00 17.87 ? 6   DG  B C2    1 
ATOM   594  N N2    . DG  B 1 6  ? 2.080   -4.023  3.041   1.00 18.34 ? 6   DG  B N2    1 
ATOM   595  N N3    . DG  B 1 6  ? 2.322   -5.327  1.148   1.00 18.67 ? 6   DG  B N3    1 
ATOM   596  C C4    . DG  B 1 6  ? 1.888   -5.444  -0.143  1.00 19.44 ? 6   DG  B C4    1 
ATOM   597  P P     . DG  B 1 7  ? 4.235   -11.298 0.674   1.00 27.69 ? 7   DG  B P     1 
ATOM   598  O OP1   . DG  B 1 7  ? 5.482   -11.925 1.158   1.00 27.18 ? 7   DG  B OP1   1 
ATOM   599  O OP2   . DG  B 1 7  ? 3.219   -12.114 -0.034  1.00 25.98 ? 7   DG  B OP2   1 
ATOM   600  O "O5'" . DG  B 1 7  ? 3.517   -10.570 1.906   1.00 26.15 ? 7   DG  B "O5'" 1 
ATOM   601  C "C5'" . DG  B 1 7  ? 4.304   -10.045 2.946   1.00 25.66 ? 7   DG  B "C5'" 1 
ATOM   602  C "C4'" . DG  B 1 7  ? 3.434   -9.526  4.065   1.00 25.61 ? 7   DG  B "C4'" 1 
ATOM   603  O "O4'" . DG  B 1 7  ? 2.631   -8.428  3.587   1.00 25.11 ? 7   DG  B "O4'" 1 
ATOM   604  C "C3'" . DG  B 1 7  ? 2.462   -10.538 4.680   1.00 26.33 ? 7   DG  B "C3'" 1 
ATOM   605  O "O3'" . DG  B 1 7  ? 2.652   -10.525 6.095   1.00 28.50 ? 7   DG  B "O3'" 1 
ATOM   606  C "C2'" . DG  B 1 7  ? 1.078   -10.010 4.262   1.00 24.99 ? 7   DG  B "C2'" 1 
ATOM   607  C "C1'" . DG  B 1 7  ? 1.349   -8.523  4.148   1.00 23.27 ? 7   DG  B "C1'" 1 
ATOM   608  N N9    . DG  B 1 7  ? 0.442   -7.807  3.271   1.00 20.85 ? 7   DG  B N9    1 
ATOM   609  C C8    . DG  B 1 7  ? 0.128   -8.113  1.972   1.00 20.70 ? 7   DG  B C8    1 
ATOM   610  N N7    . DG  B 1 7  ? -0.694  -7.262  1.421   1.00 18.75 ? 7   DG  B N7    1 
ATOM   611  C C5    . DG  B 1 7  ? -0.933  -6.330  2.419   1.00 18.45 ? 7   DG  B C5    1 
ATOM   612  C C6    . DG  B 1 7  ? -1.744  -5.177  2.404   1.00 18.08 ? 7   DG  B C6    1 
ATOM   613  O O6    . DG  B 1 7  ? -2.438  -4.740  1.459   1.00 16.57 ? 7   DG  B O6    1 
ATOM   614  N N1    . DG  B 1 7  ? -1.709  -4.492  3.631   1.00 15.34 ? 7   DG  B N1    1 
ATOM   615  C C2    . DG  B 1 7  ? -0.977  -4.888  4.729   1.00 16.60 ? 7   DG  B C2    1 
ATOM   616  N N2    . DG  B 1 7  ? -1.061  -4.111  5.824   1.00 14.04 ? 7   DG  B N2    1 
ATOM   617  N N3    . DG  B 1 7  ? -0.207  -5.972  4.750   1.00 18.28 ? 7   DG  B N3    1 
ATOM   618  C C4    . DG  B 1 7  ? -0.235  -6.642  3.561   1.00 19.91 ? 7   DG  B C4    1 
ATOM   619  P P     . DG  B 1 8  ? 1.626   -11.221 7.107   1.00 29.94 ? 8   DG  B P     1 
ATOM   620  O OP1   . DG  B 1 8  ? 2.409   -11.670 8.284   1.00 30.30 ? 8   DG  B OP1   1 
ATOM   621  O OP2   . DG  B 1 8  ? 0.790   -12.188 6.365   1.00 28.91 ? 8   DG  B OP2   1 
ATOM   622  O "O5'" . DG  B 1 8  ? 0.700   -9.996  7.545   1.00 28.40 ? 8   DG  B "O5'" 1 
ATOM   623  C "C5'" . DG  B 1 8  ? 1.239   -8.951  8.341   1.00 26.52 ? 8   DG  B "C5'" 1 
ATOM   624  C "C4'" . DG  B 1 8  ? 0.133   -8.200  9.066   1.00 24.58 ? 8   DG  B "C4'" 1 
ATOM   625  O "O4'" . DG  B 1 8  ? -0.631  -7.417  8.113   1.00 23.38 ? 8   DG  B "O4'" 1 
ATOM   626  C "C3'" . DG  B 1 8  ? -0.881  -9.075  9.807   1.00 24.89 ? 8   DG  B "C3'" 1 
ATOM   627  O "O3'" . DG  B 1 8  ? -1.220  -8.465  11.045  1.00 26.98 ? 8   DG  B "O3'" 1 
ATOM   628  C "C2'" . DG  B 1 8  ? -2.078  -9.101  8.854   1.00 23.36 ? 8   DG  B "C2'" 1 
ATOM   629  C "C1'" . DG  B 1 8  ? -2.001  -7.705  8.246   1.00 21.77 ? 8   DG  B "C1'" 1 
ATOM   630  N N9    . DG  B 1 8  ? -2.602  -7.592  6.927   1.00 20.61 ? 8   DG  B N9    1 
ATOM   631  C C8    . DG  B 1 8  ? -2.373  -8.402  5.841   1.00 19.74 ? 8   DG  B C8    1 
ATOM   632  N N7    . DG  B 1 8  ? -3.043  -8.047  4.782   1.00 18.73 ? 8   DG  B N7    1 
ATOM   633  C C5    . DG  B 1 8  ? -3.749  -6.929  5.187   1.00 18.62 ? 8   DG  B C5    1 
ATOM   634  C C6    . DG  B 1 8  ? -4.652  -6.119  4.466   1.00 17.74 ? 8   DG  B C6    1 
ATOM   635  O O6    . DG  B 1 8  ? -5.000  -6.236  3.284   1.00 16.53 ? 8   DG  B O6    1 
ATOM   636  N N1    . DG  B 1 8  ? -5.167  -5.080  5.247   1.00 18.05 ? 8   DG  B N1    1 
ATOM   637  C C2    . DG  B 1 8  ? -4.841  -4.859  6.564   1.00 18.36 ? 8   DG  B C2    1 
ATOM   638  N N2    . DG  B 1 8  ? -5.434  -3.812  7.159   1.00 17.75 ? 8   DG  B N2    1 
ATOM   639  N N3    . DG  B 1 8  ? -3.993  -5.619  7.254   1.00 19.16 ? 8   DG  B N3    1 
ATOM   640  C C4    . DG  B 1 8  ? -3.488  -6.632  6.503   1.00 18.87 ? 8   DG  B C4    1 
ATOM   641  P P     . DC  B 1 9  ? -0.278  -8.634  12.334  1.00 29.19 ? 9   DC  B P     1 
ATOM   642  O OP1   . DC  B 1 9  ? 0.467   -9.910  12.203  1.00 29.59 ? 9   DC  B OP1   1 
ATOM   643  O OP2   . DC  B 1 9  ? -1.115  -8.385  13.528  1.00 28.94 ? 9   DC  B OP2   1 
ATOM   644  O "O5'" . DC  B 1 9  ? 0.748   -7.427  12.198  1.00 30.11 ? 9   DC  B "O5'" 1 
ATOM   645  C "C5'" . DC  B 1 9  ? 0.306   -6.089  12.378  1.00 32.69 ? 9   DC  B "C5'" 1 
ATOM   646  C "C4'" . DC  B 1 9  ? 1.470   -5.209  12.774  1.00 34.41 ? 9   DC  B "C4'" 1 
ATOM   647  O "O4'" . DC  B 1 9  ? 1.922   -5.598  14.084  1.00 37.47 ? 9   DC  B "O4'" 1 
ATOM   648  C "C3'" . DC  B 1 9  ? 2.672   -5.317  11.853  1.00 34.29 ? 9   DC  B "C3'" 1 
ATOM   649  O "O3'" . DC  B 1 9  ? 2.628   -4.244  10.929  1.00 31.15 ? 9   DC  B "O3'" 1 
ATOM   650  C "C2'" . DC  B 1 9  ? 3.886   -5.202  12.788  1.00 36.64 ? 9   DC  B "C2'" 1 
ATOM   651  C "C1'" . DC  B 1 9  ? 3.324   -5.486  14.182  1.00 39.23 ? 9   DC  B "C1'" 1 
ATOM   652  N N1    . DC  B 1 9  ? 3.847   -6.745  14.818  1.00 42.76 ? 9   DC  B N1    1 
ATOM   653  C C2    . DC  B 1 9  ? 4.420   -6.690  16.104  1.00 44.71 ? 9   DC  B C2    1 
ATOM   654  O O2    . DC  B 1 9  ? 4.506   -5.592  16.685  1.00 45.91 ? 9   DC  B O2    1 
ATOM   655  N N3    . DC  B 1 9  ? 4.875   -7.843  16.670  1.00 45.59 ? 9   DC  B N3    1 
ATOM   656  C C4    . DC  B 1 9  ? 4.768   -9.008  16.009  1.00 46.09 ? 9   DC  B C4    1 
ATOM   657  N N4    . DC  B 1 9  ? 5.230   -10.115 16.609  1.00 46.68 ? 9   DC  B N4    1 
ATOM   658  C C5    . DC  B 1 9  ? 4.182   -9.087  14.705  1.00 45.24 ? 9   DC  B C5    1 
ATOM   659  C C6    . DC  B 1 9  ? 3.735   -7.946  14.156  1.00 43.97 ? 9   DC  B C6    1 
ATOM   660  P P     . DG  B 1 10 ? 3.348   -4.345  9.502   1.00 27.74 ? 10  DG  B P     1 
ATOM   661  O OP1   . DG  B 1 10 ? 2.557   -5.257  8.647   1.00 26.95 ? 10  DG  B OP1   1 
ATOM   662  O OP2   . DG  B 1 10 ? 4.788   -4.599  9.726   1.00 29.30 ? 10  DG  B OP2   1 
ATOM   663  O "O5'" . DG  B 1 10 ? 3.200   -2.857  8.972   1.00 25.49 ? 10  DG  B "O5'" 1 
ATOM   664  C "C5'" . DG  B 1 10 ? 3.587   -1.781  9.808   1.00 21.66 ? 10  DG  B "C5'" 1 
ATOM   665  C "C4'" . DG  B 1 10 ? 2.634   -0.613  9.655   1.00 20.70 ? 10  DG  B "C4'" 1 
ATOM   666  O "O4'" . DG  B 1 10 ? 2.400   -0.358  8.250   1.00 19.09 ? 10  DG  B "O4'" 1 
ATOM   667  C "C3'" . DG  B 1 10 ? 1.245   -0.784  10.272  1.00 19.34 ? 10  DG  B "C3'" 1 
ATOM   668  O "O3'" . DG  B 1 10 ? 0.792   0.498   10.717  1.00 21.16 ? 10  DG  B "O3'" 1 
ATOM   669  C "C2'" . DG  B 1 10 ? 0.420   -1.261  9.074   1.00 18.61 ? 10  DG  B "C2'" 1 
ATOM   670  C "C1'" . DG  B 1 10 ? 1.007   -0.363  8.004   1.00 18.55 ? 10  DG  B "C1'" 1 
ATOM   671  N N9    . DG  B 1 10 ? 0.792   -0.795  6.635   1.00 17.79 ? 10  DG  B N9    1 
ATOM   672  C C8    . DG  B 1 10 ? 1.465   -1.792  5.976   1.00 16.93 ? 10  DG  B C8    1 
ATOM   673  N N7    . DG  B 1 10 ? 1.085   -1.941  4.741   1.00 15.85 ? 10  DG  B N7    1 
ATOM   674  C C5    . DG  B 1 10 ? 0.111   -0.973  4.565   1.00 16.36 ? 10  DG  B C5    1 
ATOM   675  C C6    . DG  B 1 10 ? -0.654  -0.670  3.424   1.00 16.21 ? 10  DG  B C6    1 
ATOM   676  O O6    . DG  B 1 10 ? -0.606  -1.219  2.310   1.00 16.56 ? 10  DG  B O6    1 
ATOM   677  N N1    . DG  B 1 10 ? -1.545  0.389   3.648   1.00 16.14 ? 10  DG  B N1    1 
ATOM   678  C C2    . DG  B 1 10 ? -1.673  1.066   4.847   1.00 16.24 ? 10  DG  B C2    1 
ATOM   679  N N2    . DG  B 1 10 ? -2.589  2.049   4.887   1.00 13.87 ? 10  DG  B N2    1 
ATOM   680  N N3    . DG  B 1 10 ? -0.951  0.784   5.932   1.00 16.13 ? 10  DG  B N3    1 
ATOM   681  C C4    . DG  B 1 10 ? -0.085  -0.252  5.716   1.00 16.88 ? 10  DG  B C4    1 
ATOM   682  P P     . DC  B 1 11 ? 0.555   0.817   12.283  1.00 20.99 ? 11  DC  B P     1 
ATOM   683  O OP1   . DC  B 1 11 ? 1.569   1.810   12.708  1.00 19.73 ? 11  DC  B OP1   1 
ATOM   684  O OP2   . DC  B 1 11 ? 0.412   -0.464  13.012  1.00 22.30 ? 11  DC  B OP2   1 
ATOM   685  O "O5'" . DC  B 1 11 ? -0.863  1.532   12.266  1.00 22.40 ? 11  DC  B "O5'" 1 
ATOM   686  C "C5'" . DC  B 1 11 ? -1.962  0.911   11.641  1.00 24.72 ? 11  DC  B "C5'" 1 
ATOM   687  C "C4'" . DC  B 1 11 ? -3.175  1.823   11.667  1.00 26.46 ? 11  DC  B "C4'" 1 
ATOM   688  O "O4'" . DC  B 1 11 ? -3.400  2.324   13.015  1.00 26.18 ? 11  DC  B "O4'" 1 
ATOM   689  C "C3'" . DC  B 1 11 ? -3.095  3.057   10.760  1.00 27.54 ? 11  DC  B "C3'" 1 
ATOM   690  O "O3'" . DC  B 1 11 ? -4.365  3.283   10.194  1.00 29.48 ? 11  DC  B "O3'" 1 
ATOM   691  C "C2'" . DC  B 1 11 ? -2.722  4.172   11.728  1.00 27.21 ? 11  DC  B "C2'" 1 
ATOM   692  C "C1'" . DC  B 1 11 ? -3.468  3.736   12.987  1.00 26.68 ? 11  DC  B "C1'" 1 
ATOM   693  N N1    . DC  B 1 11 ? -2.879  4.276   14.250  1.00 26.76 ? 11  DC  B N1    1 
ATOM   694  C C2    . DC  B 1 11 ? -3.416  5.447   14.822  1.00 26.90 ? 11  DC  B C2    1 
ATOM   695  O O2    . DC  B 1 11 ? -4.369  6.018   14.268  1.00 26.46 ? 11  DC  B O2    1 
ATOM   696  N N3    . DC  B 1 11 ? -2.871  5.923   15.971  1.00 26.77 ? 11  DC  B N3    1 
ATOM   697  C C4    . DC  B 1 11 ? -1.847  5.282   16.548  1.00 26.77 ? 11  DC  B C4    1 
ATOM   698  N N4    . DC  B 1 11 ? -1.352  5.796   17.678  1.00 26.70 ? 11  DC  B N4    1 
ATOM   699  C C5    . DC  B 1 11 ? -1.285  4.088   15.986  1.00 26.43 ? 11  DC  B C5    1 
ATOM   700  C C6    . DC  B 1 11 ? -1.826  3.626   14.848  1.00 26.92 ? 11  DC  B C6    1 
ATOM   701  P P     . DT  B 1 12 ? -4.528  3.970   8.762   1.00 31.36 ? 12  DT  B P     1 
ATOM   702  O OP1   . DT  B 1 12 ? -3.579  3.340   7.815   1.00 32.03 ? 12  DT  B OP1   1 
ATOM   703  O OP2   . DT  B 1 12 ? -4.512  5.433   8.962   1.00 31.68 ? 12  DT  B OP2   1 
ATOM   704  O "O5'" . DT  B 1 12 ? -6.019  3.525   8.366   1.00 31.31 ? 12  DT  B "O5'" 1 
ATOM   705  C "C5'" . DT  B 1 12 ? -6.489  3.656   7.024   1.00 32.51 ? 12  DT  B "C5'" 1 
ATOM   706  C "C4'" . DT  B 1 12 ? -7.773  4.473   6.987   1.00 33.18 ? 12  DT  B "C4'" 1 
ATOM   707  O "O4'" . DT  B 1 12 ? -8.722  3.936   7.945   1.00 33.51 ? 12  DT  B "O4'" 1 
ATOM   708  C "C3'" . DT  B 1 12 ? -7.611  5.949   7.346   1.00 33.42 ? 12  DT  B "C3'" 1 
ATOM   709  O "O3'" . DT  B 1 12 ? -8.484  6.720   6.571   1.00 32.92 ? 12  DT  B "O3'" 1 
ATOM   710  C "C2'" . DT  B 1 12 ? -8.012  5.997   8.813   1.00 33.85 ? 12  DT  B "C2'" 1 
ATOM   711  C "C1'" . DT  B 1 12 ? -9.118  4.954   8.845   1.00 35.13 ? 12  DT  B "C1'" 1 
ATOM   712  N N1    . DT  B 1 12 ? -9.329  4.346   10.188  1.00 37.10 ? 12  DT  B N1    1 
ATOM   713  C C2    . DT  B 1 12 ? -10.607 4.285   10.706  1.00 38.43 ? 12  DT  B C2    1 
ATOM   714  O O2    . DT  B 1 12 ? -11.593 4.709   10.119  1.00 39.51 ? 12  DT  B O2    1 
ATOM   715  N N3    . DT  B 1 12 ? -10.694 3.702   11.947  1.00 38.98 ? 12  DT  B N3    1 
ATOM   716  C C4    . DT  B 1 12 ? -9.655  3.187   12.707  1.00 38.91 ? 12  DT  B C4    1 
ATOM   717  O O4    . DT  B 1 12 ? -9.840  2.686   13.811  1.00 40.00 ? 12  DT  B O4    1 
ATOM   718  C C5    . DT  B 1 12 ? -8.337  3.282   12.106  1.00 38.12 ? 12  DT  B C5    1 
ATOM   719  C C7    . DT  B 1 12 ? -7.134  2.753   12.831  1.00 37.58 ? 12  DT  B C7    1 
ATOM   720  C C6    . DT  B 1 12 ? -8.239  3.849   10.891  1.00 37.43 ? 12  DT  B C6    1 
ATOM   721  P P     . DG  B 1 13 ? -7.951  8.042   5.869   1.00 33.47 ? 13  DG  B P     1 
ATOM   722  O OP1   . DG  B 1 13 ? -6.914  8.644   6.735   1.00 32.19 ? 13  DG  B OP1   1 
ATOM   723  O OP2   . DG  B 1 13 ? -9.124  8.845   5.459   1.00 34.62 ? 13  DG  B OP2   1 
ATOM   724  O "O5'" . DG  B 1 13 ? -7.250  7.440   4.559   1.00 32.04 ? 13  DG  B "O5'" 1 
ATOM   725  C "C5'" . DG  B 1 13 ? -7.303  8.124   3.352   1.00 30.09 ? 13  DG  B "C5'" 1 
ATOM   726  C "C4'" . DG  B 1 13 ? -7.602  7.180   2.207   1.00 28.41 ? 13  DG  B "C4'" 1 
ATOM   727  O "O4'" . DG  B 1 13 ? -6.485  6.296   1.977   1.00 26.15 ? 13  DG  B "O4'" 1 
ATOM   728  C "C3'" . DG  B 1 13 ? -8.830  6.283   2.370   1.00 28.02 ? 13  DG  B "C3'" 1 
ATOM   729  O "O3'" . DG  B 1 13 ? -9.684  6.518   1.265   1.00 30.54 ? 13  DG  B "O3'" 1 
ATOM   730  C "C2'" . DG  B 1 13 ? -8.248  4.858   2.346   1.00 25.96 ? 13  DG  B "C2'" 1 
ATOM   731  C "C1'" . DG  B 1 13 ? -6.990  5.072   1.523   1.00 23.95 ? 13  DG  B "C1'" 1 
ATOM   732  N N9    . DG  B 1 13 ? -5.955  4.058   1.701   1.00 21.47 ? 13  DG  B N9    1 
ATOM   733  C C8    . DG  B 1 13 ? -5.304  3.736   2.867   1.00 20.07 ? 13  DG  B C8    1 
ATOM   734  N N7    . DG  B 1 13 ? -4.409  2.798   2.722   1.00 18.90 ? 13  DG  B N7    1 
ATOM   735  C C5    . DG  B 1 13 ? -4.460  2.481   1.373   1.00 18.86 ? 13  DG  B C5    1 
ATOM   736  C C6    . DG  B 1 13 ? -3.711  1.532   0.630   1.00 19.05 ? 13  DG  B C6    1 
ATOM   737  O O6    . DG  B 1 13 ? -2.828  0.759   1.035   1.00 18.69 ? 13  DG  B O6    1 
ATOM   738  N N1    . DG  B 1 13 ? -4.072  1.521   -0.721  1.00 18.13 ? 13  DG  B N1    1 
ATOM   739  C C2    . DG  B 1 13 ? -5.031  2.339   -1.280  1.00 18.20 ? 13  DG  B C2    1 
ATOM   740  N N2    . DG  B 1 13 ? -5.241  2.194   -2.595  1.00 17.68 ? 13  DG  B N2    1 
ATOM   741  N N3    . DG  B 1 13 ? -5.739  3.234   -0.591  1.00 18.61 ? 13  DG  B N3    1 
ATOM   742  C C4    . DG  B 1 13 ? -5.401  3.252   0.724   1.00 19.98 ? 13  DG  B C4    1 
ATOM   743  P P     . DG  B 1 14 ? -11.170 5.934   1.208   1.00 33.09 ? 14  DG  B P     1 
ATOM   744  O OP1   . DG  B 1 14 ? -12.035 7.013   0.686   1.00 33.57 ? 14  DG  B OP1   1 
ATOM   745  O OP2   . DG  B 1 14 ? -11.494 5.281   2.496   1.00 31.77 ? 14  DG  B OP2   1 
ATOM   746  O "O5'" . DG  B 1 14 ? -11.044 4.793   0.101   1.00 31.16 ? 14  DG  B "O5'" 1 
ATOM   747  C "C5'" . DG  B 1 14 ? -10.711 5.158   -1.224  1.00 29.69 ? 14  DG  B "C5'" 1 
ATOM   748  C "C4'" . DG  B 1 14 ? -10.662 3.948   -2.132  1.00 27.45 ? 14  DG  B "C4'" 1 
ATOM   749  O "O4'" . DG  B 1 14 ? -9.477  3.173   -1.858  1.00 25.65 ? 14  DG  B "O4'" 1 
ATOM   750  C "C3'" . DG  B 1 14 ? -11.848 2.983   -2.046  1.00 26.77 ? 14  DG  B "C3'" 1 
ATOM   751  O "O3'" . DG  B 1 14 ? -12.251 2.669   -3.382  1.00 28.30 ? 14  DG  B "O3'" 1 
ATOM   752  C "C2'" . DG  B 1 14 ? -11.254 1.767   -1.320  1.00 24.90 ? 14  DG  B "C2'" 1 
ATOM   753  C "C1'" . DG  B 1 14 ? -9.814  1.812   -1.807  1.00 23.33 ? 14  DG  B "C1'" 1 
ATOM   754  N N9    . DG  B 1 14 ? -8.852  1.153   -0.931  1.00 20.38 ? 14  DG  B N9    1 
ATOM   755  C C8    . DG  B 1 14 ? -8.664  1.372   0.415   1.00 20.26 ? 14  DG  B C8    1 
ATOM   756  N N7    . DG  B 1 14 ? -7.707  0.652   0.933   1.00 18.93 ? 14  DG  B N7    1 
ATOM   757  C C5    . DG  B 1 14 ? -7.212  -0.071  -0.145  1.00 19.12 ? 14  DG  B C5    1 
ATOM   758  C C6    . DG  B 1 14 ? -6.163  -1.013  -0.204  1.00 18.28 ? 14  DG  B C6    1 
ATOM   759  O O6    . DG  B 1 14 ? -5.436  -1.416  0.721   1.00 16.90 ? 14  DG  B O6    1 
ATOM   760  N N1    . DG  B 1 14 ? -5.988  -1.518  -1.496  1.00 18.83 ? 14  DG  B N1    1 
ATOM   761  C C2    . DG  B 1 14 ? -6.740  -1.148  -2.597  1.00 19.70 ? 14  DG  B C2    1 
ATOM   762  N N2    . DG  B 1 14 ? -6.429  -1.740  -3.762  1.00 18.93 ? 14  DG  B N2    1 
ATOM   763  N N3    . DG  B 1 14 ? -7.722  -0.262  -2.556  1.00 18.72 ? 14  DG  B N3    1 
ATOM   764  C C4    . DG  B 1 14 ? -7.903  0.236   -1.302  1.00 20.22 ? 14  DG  B C4    1 
ATOM   765  P P     . DG  B 1 15 ? -13.542 1.785   -3.706  1.00 28.82 ? 15  DG  B P     1 
ATOM   766  O OP1   . DG  B 1 15 ? -14.283 2.458   -4.795  1.00 28.75 ? 15  DG  B OP1   1 
ATOM   767  O OP2   . DG  B 1 15 ? -14.236 1.453   -2.436  1.00 28.51 ? 15  DG  B OP2   1 
ATOM   768  O "O5'" . DG  B 1 15 ? -12.893 0.454   -4.284  1.00 27.59 ? 15  DG  B "O5'" 1 
ATOM   769  C "C5'" . DG  B 1 15 ? -12.099 0.522   -5.460  1.00 27.36 ? 15  DG  B "C5'" 1 
ATOM   770  C "C4'" . DG  B 1 15 ? -11.730 -0.861  -5.966  1.00 27.08 ? 15  DG  B "C4'" 1 
ATOM   771  O "O4'" . DG  B 1 15 ? -10.652 -1.411  -5.168  1.00 26.82 ? 15  DG  B "O4'" 1 
ATOM   772  C "C3'" . DG  B 1 15 ? -12.845 -1.905  -5.951  1.00 26.57 ? 15  DG  B "C3'" 1 
ATOM   773  O "O3'" . DG  B 1 15 ? -12.703 -2.708  -7.107  1.00 28.75 ? 15  DG  B "O3'" 1 
ATOM   774  C "C2'" . DG  B 1 15 ? -12.549 -2.696  -4.677  1.00 25.85 ? 15  DG  B "C2'" 1 
ATOM   775  C "C1'" . DG  B 1 15 ? -11.025 -2.676  -4.666  1.00 25.55 ? 15  DG  B "C1'" 1 
ATOM   776  N N9    . DG  B 1 15 ? -10.427 -2.812  -3.341  1.00 24.49 ? 15  DG  B N9    1 
ATOM   777  C C8    . DG  B 1 15 ? -10.721 -2.071  -2.222  1.00 23.16 ? 15  DG  B C8    1 
ATOM   778  N N7    . DG  B 1 15 ? -10.007 -2.395  -1.184  1.00 23.72 ? 15  DG  B N7    1 
ATOM   779  C C5    . DG  B 1 15 ? -9.171  -3.403  -1.648  1.00 22.67 ? 15  DG  B C5    1 
ATOM   780  C C6    . DG  B 1 15 ? -8.175  -4.145  -0.970  1.00 22.56 ? 15  DG  B C6    1 
ATOM   781  O O6    . DG  B 1 15 ? -7.818  -4.051  0.213   1.00 21.92 ? 15  DG  B O6    1 
ATOM   782  N N1    . DG  B 1 15 ? -7.562  -5.075  -1.805  1.00 22.13 ? 15  DG  B N1    1 
ATOM   783  C C2    . DG  B 1 15 ? -7.878  -5.269  -3.134  1.00 22.52 ? 15  DG  B C2    1 
ATOM   784  N N2    . DG  B 1 15 ? -7.179  -6.212  -3.780  1.00 22.75 ? 15  DG  B N2    1 
ATOM   785  N N3    . DG  B 1 15 ? -8.810  -4.582  -3.782  1.00 23.17 ? 15  DG  B N3    1 
ATOM   786  C C4    . DG  B 1 15 ? -9.417  -3.668  -2.977  1.00 23.45 ? 15  DG  B C4    1 
ATOM   787  P P     . DA  B 1 16 ? -13.845 -3.719  -7.593  1.00 29.98 ? 16  DA  B P     1 
ATOM   788  O OP1   . DA  B 1 16 ? -13.770 -3.773  -9.071  1.00 30.23 ? 16  DA  B OP1   1 
ATOM   789  O OP2   . DA  B 1 16 ? -15.119 -3.368  -6.924  1.00 29.33 ? 16  DA  B OP2   1 
ATOM   790  O "O5'" . DA  B 1 16 ? -13.344 -5.113  -7.001  1.00 28.66 ? 16  DA  B "O5'" 1 
ATOM   791  C "C5'" . DA  B 1 16 ? -12.167 -5.716  -7.520  1.00 27.54 ? 16  DA  B "C5'" 1 
ATOM   792  C "C4'" . DA  B 1 16 ? -11.723 -6.877  -6.648  1.00 27.56 ? 16  DA  B "C4'" 1 
ATOM   793  O "O4'" . DA  B 1 16 ? -11.483 -6.408  -5.296  1.00 26.43 ? 16  DA  B "O4'" 1 
ATOM   794  C "C3'" . DA  B 1 16 ? -12.722 -8.030  -6.530  1.00 28.12 ? 16  DA  B "C3'" 1 
ATOM   795  O "O3'" . DA  B 1 16 ? -12.013 -9.268  -6.575  1.00 29.55 ? 16  DA  B "O3'" 1 
ATOM   796  C "C2'" . DA  B 1 16 ? -13.376 -7.787  -5.162  1.00 27.26 ? 16  DA  B "C2'" 1 
ATOM   797  C "C1'" . DA  B 1 16 ? -12.206 -7.209  -4.378  1.00 25.98 ? 16  DA  B "C1'" 1 
ATOM   798  N N9    . DA  B 1 16 ? -12.584 -6.368  -3.240  1.00 24.13 ? 16  DA  B N9    1 
ATOM   799  C C8    . DA  B 1 16 ? -13.679 -5.556  -3.130  1.00 23.23 ? 16  DA  B C8    1 
ATOM   800  N N7    . DA  B 1 16 ? -13.738 -4.895  -1.993  1.00 22.91 ? 16  DA  B N7    1 
ATOM   801  C C5    . DA  B 1 16 ? -12.603 -5.299  -1.311  1.00 22.48 ? 16  DA  B C5    1 
ATOM   802  C C6    . DA  B 1 16 ? -12.075 -4.964  -0.034  1.00 21.42 ? 16  DA  B C6    1 
ATOM   803  N N6    . DA  B 1 16 ? -12.664 -4.111  0.808   1.00 20.77 ? 16  DA  B N6    1 
ATOM   804  N N1    . DA  B 1 16 ? -10.915 -5.549  0.339   1.00 21.44 ? 16  DA  B N1    1 
ATOM   805  C C2    . DA  B 1 16 ? -10.322 -6.407  -0.505  1.00 22.13 ? 16  DA  B C2    1 
ATOM   806  N N3    . DA  B 1 16 ? -10.715 -6.793  -1.724  1.00 22.31 ? 16  DA  B N3    1 
ATOM   807  C C4    . DA  B 1 16 ? -11.874 -6.203  -2.069  1.00 22.82 ? 16  DA  B C4    1 
ATOM   808  P P     . DG  B 1 17 ? -12.790 -10.668 -6.621  1.00 31.15 ? 17  DG  B P     1 
ATOM   809  O OP1   . DG  B 1 17 ? -11.895 -11.653 -7.265  1.00 31.18 ? 17  DG  B OP1   1 
ATOM   810  O OP2   . DG  B 1 17 ? -14.151 -10.434 -7.157  1.00 30.18 ? 17  DG  B OP2   1 
ATOM   811  O "O5'" . DG  B 1 17 ? -12.935 -11.037 -5.074  1.00 31.02 ? 17  DG  B "O5'" 1 
ATOM   812  C "C5'" . DG  B 1 17 ? -11.783 -11.230 -4.266  1.00 30.78 ? 17  DG  B "C5'" 1 
ATOM   813  C "C4'" . DG  B 1 17 ? -12.183 -11.365 -2.808  1.00 30.90 ? 17  DG  B "C4'" 1 
ATOM   814  O "O4'" . DG  B 1 17 ? -12.834 -10.144 -2.367  1.00 29.83 ? 17  DG  B "O4'" 1 
ATOM   815  C "C3'" . DG  B 1 17 ? -13.174 -12.500 -2.497  1.00 31.25 ? 17  DG  B "C3'" 1 
ATOM   816  O "O3'" . DG  B 1 17 ? -12.818 -13.117 -1.264  1.00 32.64 ? 17  DG  B "O3'" 1 
ATOM   817  C "C2'" . DG  B 1 17 ? -14.501 -11.762 -2.365  1.00 30.44 ? 17  DG  B "C2'" 1 
ATOM   818  C "C1'" . DG  B 1 17 ? -14.022 -10.483 -1.697  1.00 29.93 ? 17  DG  B "C1'" 1 
ATOM   819  N N9    . DG  B 1 17 ? -14.947 -9.353  -1.774  1.00 29.80 ? 17  DG  B N9    1 
ATOM   820  C C8    . DG  B 1 17 ? -15.866 -9.081  -2.762  1.00 29.62 ? 17  DG  B C8    1 
ATOM   821  N N7    . DG  B 1 17 ? -16.546 -7.984  -2.547  1.00 29.41 ? 17  DG  B N7    1 
ATOM   822  C C5    . DG  B 1 17 ? -16.045 -7.503  -1.342  1.00 29.32 ? 17  DG  B C5    1 
ATOM   823  C C6    . DG  B 1 17 ? -16.392 -6.345  -0.601  1.00 29.14 ? 17  DG  B C6    1 
ATOM   824  O O6    . DG  B 1 17 ? -17.244 -5.489  -0.869  1.00 29.67 ? 17  DG  B O6    1 
ATOM   825  N N1    . DG  B 1 17 ? -15.639 -6.233  0.567   1.00 29.02 ? 17  DG  B N1    1 
ATOM   826  C C2    . DG  B 1 17 ? -14.670 -7.120  0.967   1.00 29.25 ? 17  DG  B C2    1 
ATOM   827  N N2    . DG  B 1 17 ? -14.047 -6.842  2.124   1.00 28.89 ? 17  DG  B N2    1 
ATOM   828  N N3    . DG  B 1 17 ? -14.332 -8.206  0.283   1.00 29.38 ? 17  DG  B N3    1 
ATOM   829  C C4    . DG  B 1 17 ? -15.060 -8.335  -0.857  1.00 29.47 ? 17  DG  B C4    1 
ATOM   830  P P     . DG  B 1 18 ? -11.876 -14.405 -1.224  1.00 33.97 ? 18  DG  B P     1 
ATOM   831  O OP1   . DG  B 1 18 ? -10.904 -14.315 -2.345  1.00 34.67 ? 18  DG  B OP1   1 
ATOM   832  O OP2   . DG  B 1 18 ? -12.752 -15.589 -1.099  1.00 33.92 ? 18  DG  B OP2   1 
ATOM   833  O "O5'" . DG  B 1 18 ? -11.099 -14.232 0.163   1.00 32.74 ? 18  DG  B "O5'" 1 
ATOM   834  C "C5'" . DG  B 1 18 ? -9.802  -13.633 0.213   1.00 30.97 ? 18  DG  B "C5'" 1 
ATOM   835  C "C4'" . DG  B 1 18 ? -9.470  -13.165 1.626   1.00 28.86 ? 18  DG  B "C4'" 1 
ATOM   836  O "O4'" . DG  B 1 18 ? -10.398 -12.125 2.024   1.00 27.90 ? 18  DG  B "O4'" 1 
ATOM   837  C "C3'" . DG  B 1 18 ? -9.565  -14.226 2.721   1.00 28.69 ? 18  DG  B "C3'" 1 
ATOM   838  O "O3'" . DG  B 1 18 ? -8.648  -13.912 3.790   1.00 29.32 ? 18  DG  B "O3'" 1 
ATOM   839  C "C2'" . DG  B 1 18 ? -11.021 -14.070 3.182   1.00 27.64 ? 18  DG  B "C2'" 1 
ATOM   840  C "C1'" . DG  B 1 18 ? -11.148 -12.550 3.147   1.00 26.96 ? 18  DG  B "C1'" 1 
ATOM   841  N N9    . DG  B 1 18 ? -12.507 -12.022 3.003   1.00 25.69 ? 18  DG  B N9    1 
ATOM   842  C C8    . DG  B 1 18 ? -13.318 -12.107 1.897   1.00 25.10 ? 18  DG  B C8    1 
ATOM   843  N N7    . DG  B 1 18 ? -14.468 -11.502 2.047   1.00 25.02 ? 18  DG  B N7    1 
ATOM   844  C C5    . DG  B 1 18 ? -14.405 -10.956 3.324   1.00 25.14 ? 18  DG  B C5    1 
ATOM   845  C C6    . DG  B 1 18 ? -15.362 -10.185 4.042   1.00 24.13 ? 18  DG  B C6    1 
ATOM   846  O O6    . DG  B 1 18 ? -16.486 -9.820  3.673   1.00 24.32 ? 18  DG  B O6    1 
ATOM   847  N N1    . DG  B 1 18 ? -14.902 -9.838  5.314   1.00 23.66 ? 18  DG  B N1    1 
ATOM   848  C C2    . DG  B 1 18 ? -13.674 -10.190 5.831   1.00 24.46 ? 18  DG  B C2    1 
ATOM   849  N N2    . DG  B 1 18 ? -13.402 -9.757  7.072   1.00 23.33 ? 18  DG  B N2    1 
ATOM   850  N N3    . DG  B 1 18 ? -12.769 -10.917 5.172   1.00 24.87 ? 18  DG  B N3    1 
ATOM   851  C C4    . DG  B 1 18 ? -13.202 -11.262 3.926   1.00 24.95 ? 18  DG  B C4    1 
ATOM   852  P P     . DA  B 1 19 ? -7.049  -13.986 3.601   1.00 28.65 ? 19  DA  B P     1 
ATOM   853  O OP1   . DA  B 1 19 ? -6.754  -14.659 2.312   1.00 29.73 ? 19  DA  B OP1   1 
ATOM   854  O OP2   . DA  B 1 19 ? -6.482  -14.510 4.862   1.00 29.42 ? 19  DA  B OP2   1 
ATOM   855  O "O5'" . DA  B 1 19 ? -6.617  -12.450 3.483   1.00 28.71 ? 19  DA  B "O5'" 1 
ATOM   856  C "C5'" . DA  B 1 19 ? -5.284  -12.045 3.874   1.00 27.17 ? 19  DA  B "C5'" 1 
ATOM   857  C "C4'" . DA  B 1 19 ? -5.323  -10.874 4.855   1.00 25.86 ? 19  DA  B "C4'" 1 
ATOM   858  O "O4'" . DA  B 1 19 ? -5.788  -9.686  4.173   1.00 25.31 ? 19  DA  B "O4'" 1 
ATOM   859  C "C3'" . DA  B 1 19 ? -6.248  -11.052 6.054   1.00 25.18 ? 19  DA  B "C3'" 1 
ATOM   860  O "O3'" . DA  B 1 19 ? -5.729  -10.381 7.206   1.00 25.58 ? 19  DA  B "O3'" 1 
ATOM   861  C "C2'" . DA  B 1 19 ? -7.555  -10.417 5.593   1.00 24.95 ? 19  DA  B "C2'" 1 
ATOM   862  C "C1'" . DA  B 1 19 ? -7.107  -9.368  4.568   1.00 24.38 ? 19  DA  B "C1'" 1 
ATOM   863  N N9    . DA  B 1 19 ? -7.946  -9.363  3.378   1.00 23.84 ? 19  DA  B N9    1 
ATOM   864  C C8    . DA  B 1 19 ? -7.574  -9.690  2.105   1.00 22.90 ? 19  DA  B C8    1 
ATOM   865  N N7    . DA  B 1 19 ? -8.547  -9.611  1.232   1.00 23.26 ? 19  DA  B N7    1 
ATOM   866  C C5    . DA  B 1 19 ? -9.640  -9.214  1.987   1.00 23.19 ? 19  DA  B C5    1 
ATOM   867  C C6    . DA  B 1 19 ? -10.987 -8.955  1.652   1.00 23.55 ? 19  DA  B C6    1 
ATOM   868  N N6    . DA  B 1 19 ? -11.471 -9.061  0.412   1.00 22.94 ? 19  DA  B N6    1 
ATOM   869  N N1    . DA  B 1 19 ? -11.821 -8.574  2.650   1.00 24.02 ? 19  DA  B N1    1 
ATOM   870  C C2    . DA  B 1 19 ? -11.334 -8.463  3.898   1.00 23.82 ? 19  DA  B C2    1 
ATOM   871  N N3    . DA  B 1 19 ? -10.094 -8.684  4.335   1.00 23.92 ? 19  DA  B N3    1 
ATOM   872  C C4    . DA  B 1 19 ? -9.288  -9.064  3.316   1.00 23.69 ? 19  DA  B C4    1 
ATOM   873  P P     . DG  B 1 20 ? -6.169  -10.860 8.677   1.00 25.34 ? 20  DG  B P     1 
ATOM   874  O OP1   . DG  B 1 20 ? -5.135  -10.412 9.630   1.00 24.94 ? 20  DG  B OP1   1 
ATOM   875  O OP2   . DG  B 1 20 ? -6.524  -12.296 8.598   1.00 25.52 ? 20  DG  B OP2   1 
ATOM   876  O "O5'" . DG  B 1 20 ? -7.522  -10.032 8.937   1.00 24.21 ? 20  DG  B "O5'" 1 
ATOM   877  C "C5'" . DG  B 1 20 ? -7.523  -8.894  9.795   1.00 21.24 ? 20  DG  B "C5'" 1 
ATOM   878  C "C4'" . DG  B 1 20 ? -7.107  -7.648  9.030   1.00 19.92 ? 20  DG  B "C4'" 1 
ATOM   879  O "O4'" . DG  B 1 20 ? -8.065  -7.372  7.979   1.00 19.08 ? 20  DG  B "O4'" 1 
ATOM   880  C "C3'" . DG  B 1 20 ? -7.015  -6.356  9.867   1.00 18.82 ? 20  DG  B "C3'" 1 
ATOM   881  O "O3'" . DG  B 1 20 ? -5.693  -5.832  9.792   1.00 19.56 ? 20  DG  B "O3'" 1 
ATOM   882  C "C2'" . DG  B 1 20 ? -8.025  -5.412  9.200   1.00 19.26 ? 20  DG  B "C2'" 1 
ATOM   883  C "C1'" . DG  B 1 20 ? -8.090  -5.989  7.797   1.00 18.87 ? 20  DG  B "C1'" 1 
ATOM   884  N N9    . DG  B 1 20 ? -9.278  -5.630  7.034   1.00 18.71 ? 20  DG  B N9    1 
ATOM   885  C C8    . DG  B 1 20 ? -10.502 -5.227  7.520   1.00 18.87 ? 20  DG  B C8    1 
ATOM   886  N N7    . DG  B 1 20 ? -11.371 -4.974  6.580   1.00 19.64 ? 20  DG  B N7    1 
ATOM   887  C C5    . DG  B 1 20 ? -10.676 -5.222  5.395   1.00 18.84 ? 20  DG  B C5    1 
ATOM   888  C C6    . DG  B 1 20 ? -11.099 -5.120  4.045   1.00 19.24 ? 20  DG  B C6    1 
ATOM   889  O O6    . DG  B 1 20 ? -12.212 -4.776  3.612   1.00 20.21 ? 20  DG  B O6    1 
ATOM   890  N N1    . DG  B 1 20 ? -10.077 -5.471  3.152   1.00 18.78 ? 20  DG  B N1    1 
ATOM   891  C C2    . DG  B 1 20 ? -8.807  -5.868  3.524   1.00 18.85 ? 20  DG  B C2    1 
ATOM   892  N N2    . DG  B 1 20 ? -7.947  -6.169  2.529   1.00 16.99 ? 20  DG  B N2    1 
ATOM   893  N N3    . DG  B 1 20 ? -8.405  -5.962  4.787   1.00 17.76 ? 20  DG  B N3    1 
ATOM   894  C C4    . DG  B 1 20 ? -9.390  -5.628  5.663   1.00 18.75 ? 20  DG  B C4    1 
ATOM   895  P P     . DG  B 1 21 ? -5.068  -4.973  10.987  1.00 19.88 ? 21  DG  B P     1 
ATOM   896  O OP1   . DG  B 1 21 ? -3.637  -5.332  11.099  1.00 19.82 ? 21  DG  B OP1   1 
ATOM   897  O OP2   . DG  B 1 21 ? -5.946  -5.103  12.176  1.00 20.85 ? 21  DG  B OP2   1 
ATOM   898  O "O5'" . DG  B 1 21 ? -5.188  -3.476  10.458  1.00 18.51 ? 21  DG  B "O5'" 1 
ATOM   899  C "C5'" . DG  B 1 21 ? -4.916  -2.395  11.351  1.00 19.56 ? 21  DG  B "C5'" 1 
ATOM   900  C "C4'" . DG  B 1 21 ? -5.231  -1.052  10.717  1.00 19.04 ? 21  DG  B "C4'" 1 
ATOM   901  O "O4'" . DG  B 1 21 ? -4.214  -0.722  9.752   1.00 18.52 ? 21  DG  B "O4'" 1 
ATOM   902  C "C3'" . DG  B 1 21 ? -6.560  -0.973  9.987   1.00 19.09 ? 21  DG  B "C3'" 1 
ATOM   903  O "O3'" . DG  B 1 21 ? -7.538  -0.450  10.889  1.00 19.44 ? 21  DG  B "O3'" 1 
ATOM   904  C "C2'" . DG  B 1 21 ? -6.292  0.005   8.837   1.00 17.71 ? 21  DG  B "C2'" 1 
ATOM   905  C "C1'" . DG  B 1 21 ? -4.766  -0.031  8.654   1.00 17.96 ? 21  DG  B "C1'" 1 
ATOM   906  N N9    . DG  B 1 21 ? -4.305  -0.720  7.443   1.00 17.66 ? 21  DG  B N9    1 
ATOM   907  C C8    . DG  B 1 21 ? -3.267  -1.627  7.378   1.00 16.36 ? 21  DG  B C8    1 
ATOM   908  N N7    . DG  B 1 21 ? -3.048  -2.084  6.179   1.00 17.15 ? 21  DG  B N7    1 
ATOM   909  C C5    . DG  B 1 21 ? -3.987  -1.438  5.388   1.00 16.66 ? 21  DG  B C5    1 
ATOM   910  C C6    . DG  B 1 21 ? -4.219  -1.548  4.005   1.00 17.38 ? 21  DG  B C6    1 
ATOM   911  O O6    . DG  B 1 21 ? -3.613  -2.256  3.193   1.00 16.95 ? 21  DG  B O6    1 
ATOM   912  N N1    . DG  B 1 21 ? -5.264  -0.730  3.573   1.00 16.97 ? 21  DG  B N1    1 
ATOM   913  C C2    . DG  B 1 21 ? -6.006  0.089   4.393   1.00 16.42 ? 21  DG  B C2    1 
ATOM   914  N N2    . DG  B 1 21 ? -6.972  0.802   3.797   1.00 15.75 ? 21  DG  B N2    1 
ATOM   915  N N3    . DG  B 1 21 ? -5.793  0.216   5.709   1.00 16.05 ? 21  DG  B N3    1 
ATOM   916  C C4    . DG  B 1 21 ? -4.774  -0.586  6.140   1.00 16.25 ? 21  DG  B C4    1 
ATOM   917  P P     . DG  B 1 22 ? -9.022  -1.043  10.938  1.00 20.01 ? 22  DG  B P     1 
ATOM   918  O OP1   . DG  B 1 22 ? -9.696  -0.435  12.116  1.00 20.50 ? 22  DG  B OP1   1 
ATOM   919  O OP2   . DG  B 1 22 ? -8.962  -2.515  10.805  1.00 18.98 ? 22  DG  B OP2   1 
ATOM   920  O "O5'" . DG  B 1 22 ? -9.668  -0.462  9.610   1.00 20.22 ? 22  DG  B "O5'" 1 
ATOM   921  C "C5'" . DG  B 1 22 ? -9.984  0.923   9.506   1.00 19.96 ? 22  DG  B "C5'" 1 
ATOM   922  C "C4'" . DG  B 1 22 ? -10.933 1.160   8.344   1.00 20.50 ? 22  DG  B "C4'" 1 
ATOM   923  O "O4'" . DG  B 1 22 ? -10.270 0.816   7.100   1.00 20.74 ? 22  DG  B "O4'" 1 
ATOM   924  C "C3'" . DG  B 1 22 ? -12.200 0.320   8.361   1.00 21.14 ? 22  DG  B "C3'" 1 
ATOM   925  O "O3'" . DG  B 1 22 ? -13.237 1.007   7.670   1.00 22.37 ? 22  DG  B "O3'" 1 
ATOM   926  C "C2'" . DG  B 1 22 ? -11.767 -0.942  7.610   1.00 20.86 ? 22  DG  B "C2'" 1 
ATOM   927  C "C1'" . DG  B 1 22 ? -10.855 -0.348  6.543   1.00 19.60 ? 22  DG  B "C1'" 1 
ATOM   928  N N9    . DG  B 1 22 ? -9.770  -1.217  6.104   1.00 19.22 ? 22  DG  B N9    1 
ATOM   929  C C8    . DG  B 1 22 ? -8.793  -1.804  6.882   1.00 17.95 ? 22  DG  B C8    1 
ATOM   930  N N7    . DG  B 1 22 ? -7.931  -2.497  6.192   1.00 16.61 ? 22  DG  B N7    1 
ATOM   931  C C5    . DG  B 1 22 ? -8.351  -2.342  4.875   1.00 18.20 ? 22  DG  B C5    1 
ATOM   932  C C6    . DG  B 1 22 ? -7.807  -2.861  3.680   1.00 17.81 ? 22  DG  B C6    1 
ATOM   933  O O6    . DG  B 1 22 ? -6.803  -3.573  3.551   1.00 16.38 ? 22  DG  B O6    1 
ATOM   934  N N1    . DG  B 1 22 ? -8.545  -2.470  2.555   1.00 17.76 ? 22  DG  B N1    1 
ATOM   935  C C2    . DG  B 1 22 ? -9.670  -1.668  2.595   1.00 18.79 ? 22  DG  B C2    1 
ATOM   936  N N2    . DG  B 1 22 ? -10.265 -1.388  1.419   1.00 18.77 ? 22  DG  B N2    1 
ATOM   937  N N3    . DG  B 1 22 ? -10.180 -1.175  3.715   1.00 17.99 ? 22  DG  B N3    1 
ATOM   938  C C4    . DG  B 1 22 ? -9.474  -1.551  4.807   1.00 18.10 ? 22  DG  B C4    1 
HETATM 939  K K     . K   C 2 .  ? 2.161   2.066   -1.041  1.00 14.80 ? 101 K   A K     1 
HETATM 940  K K     . K   D 2 .  ? 4.638   4.178   -1.954  1.00 15.28 ? 102 K   A K     1 
HETATM 941  K K     . K   E 2 .  ? 4.601   12.150  -10.014 0.50 19.35 ? 103 K   A K     1 
HETATM 942  K K     . K   F 2 .  ? -0.352  0.065   -0.196  1.00 14.93 ? 104 K   A K     1 
HETATM 943  K K     . K   G 2 .  ? -5.251  -4.160  1.397   1.00 16.05 ? 101 K   B K     1 
HETATM 944  K K     . K   H 2 .  ? -2.710  -2.047  0.674   1.00 15.92 ? 102 K   B K     1 
HETATM 945  O O     . HOH I 3 .  ? 5.557   -5.062  -4.048  1.00 22.18 ? 201 HOH A O     1 
HETATM 946  O O     . HOH I 3 .  ? 10.000  15.675  -8.605  1.00 31.77 ? 202 HOH A O     1 
HETATM 947  O O     . HOH I 3 .  ? 7.121   11.020  0.442   1.00 34.40 ? 203 HOH A O     1 
HETATM 948  O O     . HOH I 3 .  ? 0.171   9.866   10.409  1.00 54.76 ? 204 HOH A O     1 
HETATM 949  O O     . HOH I 3 .  ? 12.692  -1.464  -11.842 1.00 27.48 ? 205 HOH A O     1 
HETATM 950  O O     . HOH I 3 .  ? 7.011   -1.797  4.225   1.00 32.38 ? 206 HOH A O     1 
HETATM 951  O O     . HOH I 3 .  ? 11.490  -5.557  -1.670  1.00 24.05 ? 207 HOH A O     1 
HETATM 952  O O     . HOH I 3 .  ? 7.238   -11.442 -3.068  1.00 27.46 ? 208 HOH A O     1 
HETATM 953  O O     . HOH I 3 .  ? 16.233  -1.088  -2.806  1.00 46.40 ? 209 HOH A O     1 
HETATM 954  O O     . HOH I 3 .  ? 2.807   8.879   -10.163 1.00 29.73 ? 210 HOH A O     1 
HETATM 955  O O     . HOH I 3 .  ? 6.608   2.265   -12.709 1.00 29.61 ? 211 HOH A O     1 
HETATM 956  O O     . HOH I 3 .  ? 6.348   -1.421  -15.034 1.00 39.32 ? 212 HOH A O     1 
HETATM 957  O O     . HOH I 3 .  ? 3.565   6.965   6.056   1.00 21.00 ? 213 HOH A O     1 
HETATM 958  O O     . HOH I 3 .  ? 2.257   -5.560  -5.670  1.00 24.94 ? 214 HOH A O     1 
HETATM 959  O O     . HOH I 3 .  ? -0.337  6.504   12.028  1.00 23.62 ? 215 HOH A O     1 
HETATM 960  O O     . HOH I 3 .  ? 10.346  -3.301  -0.811  1.00 23.06 ? 216 HOH A O     1 
HETATM 961  O O     . HOH I 3 .  ? 3.430   18.177  -5.722  1.00 41.88 ? 217 HOH A O     1 
HETATM 962  O O     . HOH I 3 .  ? 14.368  -1.231  -6.432  1.00 23.93 ? 218 HOH A O     1 
HETATM 963  O O     . HOH I 3 .  ? 9.033   -2.443  1.567   1.00 15.84 ? 219 HOH A O     1 
HETATM 964  O O     . HOH I 3 .  ? 3.742   7.081   15.667  1.00 52.49 ? 220 HOH A O     1 
HETATM 965  O O     . HOH I 3 .  ? 1.528   7.021   -13.547 1.00 44.06 ? 221 HOH A O     1 
HETATM 966  O O     . HOH I 3 .  ? 4.946   -0.656  6.596   1.00 22.27 ? 222 HOH A O     1 
HETATM 967  O O     . HOH I 3 .  ? -3.480  7.138   3.130   1.00 20.09 ? 223 HOH A O     1 
HETATM 968  O O     . HOH I 3 .  ? 5.023   -6.328  5.519   1.00 36.49 ? 224 HOH A O     1 
HETATM 969  O O     . HOH I 3 .  ? 14.595  -2.985  -0.934  1.00 29.16 ? 225 HOH A O     1 
HETATM 970  O O     . HOH I 3 .  ? 13.941  -5.535  -10.893 1.00 36.43 ? 226 HOH A O     1 
HETATM 971  O O     . HOH I 3 .  ? 2.631   -7.780  -8.339  1.00 38.62 ? 227 HOH A O     1 
HETATM 972  O O     . HOH I 3 .  ? 15.780  0.244   -0.539  1.00 35.74 ? 228 HOH A O     1 
HETATM 973  O O     . HOH I 3 .  ? 7.893   -10.770 0.526   1.00 25.67 ? 229 HOH A O     1 
HETATM 974  O O     . HOH I 3 .  ? 13.212  1.865   -8.241  1.00 29.46 ? 230 HOH A O     1 
HETATM 975  O O     . HOH I 3 .  ? -1.775  9.525   -14.480 1.00 40.71 ? 231 HOH A O     1 
HETATM 976  O O     . HOH I 3 .  ? 5.497   3.756   -10.755 1.00 43.32 ? 232 HOH A O     1 
HETATM 977  O O     . HOH I 3 .  ? 4.813   11.544  -1.276  1.00 25.52 ? 233 HOH A O     1 
HETATM 978  O O     . HOH I 3 .  ? 4.278   1.208   12.583  1.00 29.03 ? 234 HOH A O     1 
HETATM 979  O O     . HOH I 3 .  ? 12.781  6.358   -4.197  1.00 48.57 ? 235 HOH A O     1 
HETATM 980  O O     . HOH I 3 .  ? 10.769  -11.344 -1.797  1.00 39.44 ? 236 HOH A O     1 
HETATM 981  O O     . HOH I 3 .  ? 2.764   14.935  -8.590  1.00 43.16 ? 237 HOH A O     1 
HETATM 982  O O     . HOH I 3 .  ? 9.866   8.884   -8.720  0.50 21.82 ? 238 HOH A O     1 
HETATM 983  O O     . HOH I 3 .  ? 10.876  7.930   3.364   1.00 26.12 ? 239 HOH A O     1 
HETATM 984  O O     . HOH I 3 .  ? -6.970  11.153  -8.600  1.00 65.53 ? 240 HOH A O     1 
HETATM 985  O O     . HOH I 3 .  ? -3.056  2.880   -7.724  1.00 31.13 ? 241 HOH A O     1 
HETATM 986  O O     . HOH I 3 .  ? -8.548  11.659  -2.849  1.00 36.14 ? 242 HOH A O     1 
HETATM 987  O O     . HOH I 3 .  ? 11.166  -2.871  -14.666 1.00 36.06 ? 243 HOH A O     1 
HETATM 988  O O     . HOH I 3 .  ? 3.387   15.619  13.502  1.00 26.51 ? 244 HOH A O     1 
HETATM 989  O O     . HOH I 3 .  ? 0.159   7.092   5.195   1.00 20.06 ? 245 HOH A O     1 
HETATM 990  O O     . HOH I 3 .  ? -7.641  14.269  1.992   1.00 37.56 ? 246 HOH A O     1 
HETATM 991  O O     . HOH I 3 .  ? 4.721   0.541   -9.414  1.00 21.12 ? 247 HOH A O     1 
HETATM 992  O O     . HOH I 3 .  ? 9.856   16.451  -6.175  1.00 40.56 ? 248 HOH A O     1 
HETATM 993  O O     . HOH I 3 .  ? 2.772   14.717  7.229   1.00 36.19 ? 249 HOH A O     1 
HETATM 994  O O     . HOH I 3 .  ? 9.149   5.957   5.250   1.00 35.93 ? 250 HOH A O     1 
HETATM 995  O O     . HOH I 3 .  ? -11.015 7.162   -4.299  1.00 49.40 ? 251 HOH A O     1 
HETATM 996  O O     . HOH I 3 .  ? 1.748   10.790  -13.056 1.00 31.83 ? 252 HOH A O     1 
HETATM 997  O O     . HOH I 3 .  ? 7.365   13.004  2.283   1.00 33.88 ? 253 HOH A O     1 
HETATM 998  O O     . HOH I 3 .  ? 12.169  3.807   3.808   1.00 36.60 ? 254 HOH A O     1 
HETATM 999  O O     . HOH I 3 .  ? 9.736   -0.211  -14.380 1.00 46.01 ? 255 HOH A O     1 
HETATM 1000 O O     . HOH I 3 .  ? 5.892   18.649  -4.717  1.00 47.43 ? 256 HOH A O     1 
HETATM 1001 O O     . HOH I 3 .  ? 14.691  -8.804  3.005   1.00 44.56 ? 257 HOH A O     1 
HETATM 1002 O O     . HOH I 3 .  ? 13.990  6.727   -6.453  1.00 37.12 ? 258 HOH A O     1 
HETATM 1003 O O     . HOH I 3 .  ? 14.255  -2.782  6.681   1.00 41.01 ? 259 HOH A O     1 
HETATM 1004 O O     . HOH I 3 .  ? -2.563  12.155  -11.437 1.00 38.57 ? 260 HOH A O     1 
HETATM 1005 O O     . HOH I 3 .  ? 6.937   -12.071 -10.288 1.00 42.96 ? 261 HOH A O     1 
HETATM 1006 O O     . HOH I 3 .  ? 12.227  -8.305  1.063   1.00 39.52 ? 262 HOH A O     1 
HETATM 1007 O O     . HOH I 3 .  ? 15.141  9.916   -3.878  1.00 45.35 ? 263 HOH A O     1 
HETATM 1008 O O     . HOH I 3 .  ? -2.233  8.471   5.419   1.00 42.31 ? 264 HOH A O     1 
HETATM 1009 O O     . HOH I 3 .  ? 11.634  -2.461  7.791   1.00 37.53 ? 265 HOH A O     1 
HETATM 1010 O O     . HOH I 3 .  ? -1.106  10.405  -2.396  1.00 34.10 ? 266 HOH A O     1 
HETATM 1011 O O     . HOH I 3 .  ? 15.877  6.793   2.771   1.00 42.10 ? 267 HOH A O     1 
HETATM 1012 O O     . HOH I 3 .  ? 14.091  -3.605  -12.828 1.00 39.90 ? 268 HOH A O     1 
HETATM 1013 O O     . HOH I 3 .  ? 3.203   2.970   -10.379 1.00 31.60 ? 269 HOH A O     1 
HETATM 1014 O O     . HOH I 3 .  ? 2.226   12.461  -0.218  1.00 31.47 ? 270 HOH A O     1 
HETATM 1015 O O     . HOH I 3 .  ? 11.305  -7.831  -13.104 1.00 44.88 ? 271 HOH A O     1 
HETATM 1016 O O     . HOH I 3 .  ? 0.202   -1.210  -14.853 1.00 41.98 ? 272 HOH A O     1 
HETATM 1017 O O     . HOH I 3 .  ? 14.656  3.413   2.802   1.00 45.49 ? 273 HOH A O     1 
HETATM 1018 O O     . HOH I 3 .  ? 6.151   5.993   6.701   1.00 28.49 ? 274 HOH A O     1 
HETATM 1019 O O     . HOH I 3 .  ? 5.156   -0.340  -12.907 1.00 41.99 ? 275 HOH A O     1 
HETATM 1020 O O     . HOH I 3 .  ? 4.697   13.674  2.137   1.00 52.87 ? 276 HOH A O     1 
HETATM 1021 O O     . HOH I 3 .  ? 9.904   0.659   10.623  1.00 54.10 ? 277 HOH A O     1 
HETATM 1022 O O     . HOH I 3 .  ? -1.078  5.479   -14.552 1.00 37.79 ? 278 HOH A O     1 
HETATM 1023 O O     . HOH I 3 .  ? 6.818   -2.397  7.341   1.00 46.01 ? 279 HOH A O     1 
HETATM 1024 O O     . HOH I 3 .  ? -11.351 10.959  -5.263  1.00 33.18 ? 280 HOH A O     1 
HETATM 1025 O O     . HOH I 3 .  ? 9.670   19.024  -2.674  1.00 35.45 ? 281 HOH A O     1 
HETATM 1026 O O     . HOH I 3 .  ? 14.014  -5.176  -2.203  1.00 38.42 ? 282 HOH A O     1 
HETATM 1027 O O     . HOH I 3 .  ? 1.507   -4.269  -7.924  1.00 33.79 ? 283 HOH A O     1 
HETATM 1028 O O     . HOH I 3 .  ? 9.195   10.417  3.854   1.00 38.32 ? 284 HOH A O     1 
HETATM 1029 O O     . HOH I 3 .  ? 15.753  2.037   -6.477  1.00 41.76 ? 285 HOH A O     1 
HETATM 1030 O O     . HOH I 3 .  ? 11.399  20.852  -1.688  1.00 45.03 ? 286 HOH A O     1 
HETATM 1031 O O     . HOH I 3 .  ? 5.264   -1.662  -18.179 1.00 48.25 ? 287 HOH A O     1 
HETATM 1032 O O     . HOH J 3 .  ? -1.286  2.638   7.918   1.00 36.99 ? 201 HOH B O     1 
HETATM 1033 O O     . HOH J 3 .  ? -8.403  -4.109  12.704  1.00 25.55 ? 202 HOH B O     1 
HETATM 1034 O O     . HOH J 3 .  ? -11.743 1.951   15.389  1.00 34.72 ? 203 HOH B O     1 
HETATM 1035 O O     . HOH J 3 .  ? -8.186  -1.267  -5.972  1.00 31.17 ? 204 HOH B O     1 
HETATM 1036 O O     . HOH J 3 .  ? -1.279  -2.411  12.685  1.00 22.51 ? 205 HOH B O     1 
HETATM 1037 O O     . HOH J 3 .  ? -3.296  -6.972  13.092  1.00 32.28 ? 206 HOH B O     1 
HETATM 1038 O O     . HOH J 3 .  ? -13.239 4.816   8.094   1.00 55.65 ? 207 HOH B O     1 
HETATM 1039 O O     . HOH J 3 .  ? -4.450  -9.670  12.044  1.00 42.54 ? 208 HOH B O     1 
HETATM 1040 O O     . HOH J 3 .  ? -17.828 -3.231  0.329   1.00 26.13 ? 209 HOH B O     1 
HETATM 1041 O O     . HOH J 3 .  ? -11.815 -1.328  13.384  1.00 33.29 ? 210 HOH B O     1 
HETATM 1042 O O     . HOH J 3 .  ? -5.370  -14.737 7.253   1.00 45.97 ? 211 HOH B O     1 
HETATM 1043 O O     . HOH J 3 .  ? -2.633  7.228   8.458   1.00 40.50 ? 212 HOH B O     1 
HETATM 1044 O O     . HOH J 3 .  ? -0.397  -10.058 -2.338  1.00 25.39 ? 213 HOH B O     1 
HETATM 1045 O O     . HOH J 3 .  ? -0.044  -4.824  8.350   1.00 21.04 ? 214 HOH B O     1 
HETATM 1046 O O     . HOH J 3 .  ? -10.288 -8.891  6.974   1.00 22.06 ? 215 HOH B O     1 
HETATM 1047 O O     . HOH J 3 .  ? -0.177  -7.477  -5.035  1.00 23.77 ? 216 HOH B O     1 
HETATM 1048 O O     . HOH J 3 .  ? -5.910  -13.233 0.227   1.00 27.46 ? 217 HOH B O     1 
HETATM 1049 O O     . HOH J 3 .  ? -5.494  7.325   10.561  1.00 46.37 ? 218 HOH B O     1 
HETATM 1050 O O     . HOH J 3 .  ? -15.539 -0.360  7.795   1.00 28.96 ? 219 HOH B O     1 
HETATM 1051 O O     . HOH J 3 .  ? 2.156   1.891   15.324  1.00 28.69 ? 220 HOH B O     1 
HETATM 1052 O O     . HOH J 3 .  ? 5.383   -20.338 -8.050  1.00 43.64 ? 221 HOH B O     1 
HETATM 1053 O O     . HOH J 3 .  ? 2.337   -1.974  14.174  1.00 34.66 ? 222 HOH B O     1 
HETATM 1054 O O     . HOH J 3 .  ? -13.495 -0.642  -0.887  1.00 24.34 ? 223 HOH B O     1 
HETATM 1055 O O     . HOH J 3 .  ? -3.182  -12.244 9.206   1.00 35.32 ? 224 HOH B O     1 
HETATM 1056 O O     . HOH J 3 .  ? -13.021 4.851   -5.038  1.00 32.97 ? 225 HOH B O     1 
HETATM 1057 O O     . HOH J 3 .  ? -11.345 -3.757  10.395  1.00 28.04 ? 226 HOH B O     1 
HETATM 1058 O O     . HOH J 3 .  ? -9.234  2.203   5.002   1.00 27.39 ? 227 HOH B O     1 
HETATM 1059 O O     . HOH J 3 .  ? -17.919 -5.302  -3.505  1.00 54.05 ? 228 HOH B O     1 
HETATM 1060 O O     . HOH J 3 .  ? -3.641  8.484   16.518  1.00 35.88 ? 229 HOH B O     1 
HETATM 1061 O O     . HOH J 3 .  ? -1.628  -3.717  10.184  1.00 23.84 ? 230 HOH B O     1 
HETATM 1062 O O     . HOH J 3 .  ? 1.500   4.531   13.053  1.00 20.10 ? 231 HOH B O     1 
HETATM 1063 O O     . HOH J 3 .  ? -1.178  -4.144  -7.527  1.00 22.45 ? 232 HOH B O     1 
HETATM 1064 O O     . HOH J 3 .  ? 6.091   -6.328  8.031   1.00 43.89 ? 233 HOH B O     1 
HETATM 1065 O O     . HOH J 3 .  ? 2.288   -5.646  5.902   1.00 24.21 ? 234 HOH B O     1 
HETATM 1066 O O     . HOH J 3 .  ? 4.064   -6.093  3.180   1.00 25.29 ? 235 HOH B O     1 
HETATM 1067 O O     . HOH J 3 .  ? -19.280 -7.575  -2.912  0.50 46.53 ? 236 HOH B O     1 
HETATM 1068 O O     . HOH J 3 .  ? -14.930 -5.538  -10.895 1.00 39.30 ? 237 HOH B O     1 
HETATM 1069 O O     . HOH J 3 .  ? -5.351  -4.130  14.730  1.00 32.25 ? 238 HOH B O     1 
HETATM 1070 O O     . HOH J 3 .  ? -8.427  -0.430  14.627  1.00 32.11 ? 239 HOH B O     1 
HETATM 1071 O O     . HOH J 3 .  ? -9.175  -8.987  -2.588  1.00 39.16 ? 240 HOH B O     1 
HETATM 1072 O O     . HOH J 3 .  ? -6.812  -7.445  13.511  1.00 34.30 ? 241 HOH B O     1 
HETATM 1073 O O     . HOH J 3 .  ? 7.067   -13.519 2.914   1.00 44.28 ? 242 HOH B O     1 
HETATM 1074 O O     . HOH J 3 .  ? -2.050  -11.551 6.263   1.00 53.01 ? 243 HOH B O     1 
HETATM 1075 O O     . HOH J 3 .  ? -16.810 1.204   -5.516  1.00 44.89 ? 244 HOH B O     1 
HETATM 1076 O O     . HOH J 3 .  ? -15.182 -2.848  -0.494  1.00 28.39 ? 245 HOH B O     1 
HETATM 1077 O O     . HOH J 3 .  ? -1.494  -11.852 2.020   1.00 34.69 ? 246 HOH B O     1 
HETATM 1078 O O     . HOH J 3 .  ? -17.211 -3.877  -8.916  1.00 37.63 ? 247 HOH B O     1 
HETATM 1079 O O     . HOH J 3 .  ? -15.969 -5.649  -5.223  1.00 38.54 ? 248 HOH B O     1 
HETATM 1080 O O     . HOH J 3 .  ? -7.836  1.771   -4.780  1.00 37.69 ? 249 HOH B O     1 
HETATM 1081 O O     . HOH J 3 .  ? -8.785  -13.419 6.769   1.00 54.37 ? 250 HOH B O     1 
HETATM 1082 O O     . HOH J 3 .  ? -8.457  -7.788  -6.038  1.00 31.29 ? 251 HOH B O     1 
HETATM 1083 O O     . HOH J 3 .  ? 0.528   -11.472 -7.609  1.00 47.11 ? 252 HOH B O     1 
HETATM 1084 O O     . HOH J 3 .  ? 3.412   -9.824  11.450  1.00 32.78 ? 253 HOH B O     1 
HETATM 1085 O O     . HOH J 3 .  ? 0.300   -11.227 -0.052  1.00 38.40 ? 254 HOH B O     1 
HETATM 1086 O O     . HOH J 3 .  ? -16.886 3.891   -5.565  1.00 42.44 ? 255 HOH B O     1 
HETATM 1087 O O     . HOH J 3 .  ? -9.312  -12.526 9.927   1.00 36.68 ? 256 HOH B O     1 
HETATM 1088 O O     . HOH J 3 .  ? 6.133   -13.482 -1.463  1.00 27.39 ? 257 HOH B O     1 
HETATM 1089 O O     . HOH J 3 .  ? -10.892 -10.709 8.745   1.00 29.83 ? 258 HOH B O     1 
HETATM 1090 O O     . HOH J 3 .  ? -11.154 4.597   5.579   1.00 32.73 ? 259 HOH B O     1 
HETATM 1091 O O     . HOH J 3 .  ? -6.921  13.122  -10.814 1.00 53.02 ? 260 HOH B O     1 
HETATM 1092 O O     . HOH J 3 .  ? 6.979   -4.868  18.577  1.00 38.82 ? 261 HOH B O     1 
HETATM 1093 O O     . HOH J 3 .  ? -1.693  5.452   6.282   1.00 30.73 ? 262 HOH B O     1 
HETATM 1094 O O     . HOH J 3 .  ? -7.600  -4.297  -6.776  1.00 42.81 ? 263 HOH B O     1 
HETATM 1095 O O     . HOH J 3 .  ? -10.893 2.090   2.489   1.00 33.49 ? 264 HOH B O     1 
HETATM 1096 O O     . HOH J 3 .  ? -7.159  5.669   -15.561 1.00 44.68 ? 265 HOH B O     1 
HETATM 1097 O O     . HOH J 3 .  ? -15.720 -1.801  -10.876 1.00 42.06 ? 266 HOH B O     1 
HETATM 1098 O O     . HOH J 3 .  ? -7.560  -11.548 -1.289  1.00 34.20 ? 267 HOH B O     1 
HETATM 1099 O O     . HOH J 3 .  ? -3.218  -13.254 0.424   1.00 37.19 ? 268 HOH B O     1 
HETATM 1100 O O     . HOH J 3 .  ? -4.220  5.644   5.432   1.00 30.01 ? 269 HOH B O     1 
HETATM 1101 O O     . HOH J 3 .  ? 0.023   -7.310  -7.813  1.00 30.98 ? 270 HOH B O     1 
HETATM 1102 O O     . HOH J 3 .  ? 5.151   -12.987 5.451   1.00 41.88 ? 271 HOH B O     1 
HETATM 1103 O O     . HOH J 3 .  ? -13.029 -15.187 -5.092  1.00 50.48 ? 272 HOH B O     1 
HETATM 1104 O O     . HOH J 3 .  ? -1.517  -4.139  14.720  1.00 34.17 ? 273 HOH B O     1 
HETATM 1105 O O     . HOH J 3 .  ? -9.708  -6.421  13.186  0.50 27.77 ? 274 HOH B O     1 
HETATM 1106 O O     . HOH J 3 .  ? -3.621  9.685   9.018   1.00 36.02 ? 275 HOH B O     1 
HETATM 1107 O O     . HOH J 3 .  ? -8.068  -3.070  15.212  1.00 33.41 ? 276 HOH B O     1 
HETATM 1108 O O     . HOH J 3 .  ? -8.668  -6.396  15.251  0.50 30.64 ? 277 HOH B O     1 
# 
